data_4EJK
# 
_entry.id   4EJK 
# 
_audit_conform.dict_name       mmcif_pdbx.dic 
_audit_conform.dict_version    5.399 
_audit_conform.dict_location   http://mmcif.pdb.org/dictionaries/ascii/mmcif_pdbx.dic 
# 
loop_
_database_2.database_id 
_database_2.database_code 
_database_2.pdbx_database_accession 
_database_2.pdbx_DOI 
PDB   4EJK         pdb_00004ejk 10.2210/pdb4ejk/pdb 
RCSB  RCSB071698   ?            ?                   
WWPDB D_1000071698 ?            ?                   
# 
loop_
_pdbx_audit_revision_history.ordinal 
_pdbx_audit_revision_history.data_content_type 
_pdbx_audit_revision_history.major_revision 
_pdbx_audit_revision_history.minor_revision 
_pdbx_audit_revision_history.revision_date 
1 'Structure model' 1 0 2013-05-01 
2 'Structure model' 1 1 2014-02-19 
3 'Structure model' 1 2 2018-03-07 
4 'Structure model' 1 3 2024-11-27 
# 
_pdbx_audit_revision_details.ordinal             1 
_pdbx_audit_revision_details.revision_ordinal    1 
_pdbx_audit_revision_details.data_content_type   'Structure model' 
_pdbx_audit_revision_details.provider            repository 
_pdbx_audit_revision_details.type                'Initial release' 
_pdbx_audit_revision_details.description         ? 
_pdbx_audit_revision_details.details             ? 
# 
loop_
_pdbx_audit_revision_group.ordinal 
_pdbx_audit_revision_group.revision_ordinal 
_pdbx_audit_revision_group.data_content_type 
_pdbx_audit_revision_group.group 
1 2 'Structure model' 'Database references'  
2 3 'Structure model' Advisory               
3 3 'Structure model' 'Data collection'      
4 4 'Structure model' Advisory               
5 4 'Structure model' 'Data collection'      
6 4 'Structure model' 'Database references'  
7 4 'Structure model' 'Derived calculations' 
8 4 'Structure model' 'Structure summary'    
# 
loop_
_pdbx_audit_revision_category.ordinal 
_pdbx_audit_revision_category.revision_ordinal 
_pdbx_audit_revision_category.data_content_type 
_pdbx_audit_revision_category.category 
1  3 'Structure model' diffrn_source                
2  3 'Structure model' pdbx_unobs_or_zero_occ_atoms 
3  4 'Structure model' chem_comp_atom               
4  4 'Structure model' chem_comp_bond               
5  4 'Structure model' database_2                   
6  4 'Structure model' pdbx_entry_details           
7  4 'Structure model' pdbx_modification_feature    
8  4 'Structure model' pdbx_unobs_or_zero_occ_atoms 
9  4 'Structure model' struct_conn                  
10 4 'Structure model' struct_ref_seq_dif           
11 4 'Structure model' struct_site                  
# 
loop_
_pdbx_audit_revision_item.ordinal 
_pdbx_audit_revision_item.revision_ordinal 
_pdbx_audit_revision_item.data_content_type 
_pdbx_audit_revision_item.item 
1 3 'Structure model' '_diffrn_source.source'               
2 4 'Structure model' '_database_2.pdbx_DOI'                
3 4 'Structure model' '_database_2.pdbx_database_accession' 
4 4 'Structure model' '_struct_conn.pdbx_leaving_atom_flag' 
5 4 'Structure model' '_struct_ref_seq_dif.details'         
6 4 'Structure model' '_struct_site.pdbx_auth_asym_id'      
7 4 'Structure model' '_struct_site.pdbx_auth_comp_id'      
8 4 'Structure model' '_struct_site.pdbx_auth_seq_id'       
# 
loop_
_database_PDB_caveat.id 
_database_PDB_caveat.text 
1 'RESIDUES N IVA 1 AND N VAL 2 ARE NOT PROPERLY LINKED.' 
2 'RESIDUES N VAL 3 AND N STA 4 ARE NOT PROPERLY LINKED.' 
3 'RESIDUES N STA 4 AND N ALA 5 ARE NOT PROPERLY LINKED.' 
4 'RESIDUES N ALA 5 AND N STA 6 ARE NOT PROPERLY LINKED.' 
# 
_pdbx_database_status.entry_id                        4EJK 
_pdbx_database_status.status_code                     REL 
_pdbx_database_status.deposit_site                    RCSB 
_pdbx_database_status.process_site                    RCSB 
_pdbx_database_status.recvd_initial_deposition_date   2012-04-06 
_pdbx_database_status.status_code_sf                  REL 
_pdbx_database_status.status_code_mr                  ? 
_pdbx_database_status.SG_entry                        ? 
_pdbx_database_status.status_code_cs                  ? 
_pdbx_database_status.methods_development_category    ? 
_pdbx_database_status.pdb_format_compatible           Y 
_pdbx_database_status.status_code_nmr_data            ? 
# 
loop_
_pdbx_database_related.db_name 
_pdbx_database_related.db_id 
_pdbx_database_related.details 
_pdbx_database_related.content_type 
PDB 4EJ8 . unspecified 
PDB 4EJD . unspecified 
PDB 4EJL . unspecified 
# 
loop_
_audit_author.name 
_audit_author.pdbx_ordinal 
'Tiefenbrunn, T.' 1 
'Stout, C.D.'     2 
# 
_citation.id                        primary 
_citation.title                     'Small molecule regulation of protein conformation by binding in the Flap of HIV protease.' 
_citation.journal_abbrev            'Acs Chem.Biol.' 
_citation.journal_volume            8 
_citation.page_first                1223 
_citation.page_last                 1231 
_citation.year                      2013 
_citation.journal_id_ASTM           ? 
_citation.country                   US 
_citation.journal_id_ISSN           1554-8929 
_citation.journal_id_CSD            ? 
_citation.book_publisher            ? 
_citation.pdbx_database_id_PubMed   23540839 
_citation.pdbx_database_id_DOI      10.1021/cb300611p 
# 
loop_
_citation_author.citation_id 
_citation_author.name 
_citation_author.ordinal 
_citation_author.identifier_ORCID 
primary 'Tiefenbrunn, T.' 1  ? 
primary 'Forli, S.'       2  ? 
primary 'Baksh, M.M.'     3  ? 
primary 'Chang, M.W.'     4  ? 
primary 'Happer, M.'      5  ? 
primary 'Lin, Y.C.'       6  ? 
primary 'Perryman, A.L.'  7  ? 
primary 'Rhee, J.K.'      8  ? 
primary 'Torbett, B.E.'   9  ? 
primary 'Olson, A.J.'     10 ? 
primary 'Elder, J.H.'     11 ? 
primary 'Finn, M.G.'      12 ? 
primary 'Stout, C.D.'     13 ? 
# 
loop_
_entity.id 
_entity.type 
_entity.src_method 
_entity.pdbx_description 
_entity.formula_weight 
_entity.pdbx_number_of_molecules 
_entity.pdbx_ec 
_entity.pdbx_mutation 
_entity.pdbx_fragment 
_entity.details 
1 polymer     man Protease                10831.833 2   3.4.23.16 ? 'UNP residues 490-588' ? 
2 polymer     syn pepstatin               685.891   1   ?         ? ?                      ? 
3 non-polymer syn 'INDOLYLPROPIONIC ACID' 189.211   1   ?         ? ?                      ? 
4 water       nat water                   18.015    107 ?         ? ?                      ? 
# 
_entity_name_com.entity_id   1 
_entity_name_com.name        'PR, Retropepsin' 
# 
loop_
_entity_poly.entity_id 
_entity_poly.type 
_entity_poly.nstd_linkage 
_entity_poly.nstd_monomer 
_entity_poly.pdbx_seq_one_letter_code 
_entity_poly.pdbx_seq_one_letter_code_can 
_entity_poly.pdbx_strand_id 
_entity_poly.pdbx_target_identifier 
1 'polypeptide(L)' no no  
;PQITLWKRPLVTIKIGGQLKEALLDTGADDTVLEEMNLPGRWKPKMIGGIGGFIKVRQYDQILIEICGHKAIGTVLVGPT
PVNIIGRNLLTQIGCTLNF
;
;PQITLWKRPLVTIKIGGQLKEALLDTGADDTVLEEMNLPGRWKPKMIGGIGGFIKVRQYDQILIEICGHKAIGTVLVGPT
PVNIIGRNLLTQIGCTLNF
;
A,B ? 
2 'polypeptide(L)' no yes '(IVA)VV(STA)A(STA)'                                                                                   
XVVXAX                                                                                                 N   ? 
# 
loop_
_pdbx_entity_nonpoly.entity_id 
_pdbx_entity_nonpoly.name 
_pdbx_entity_nonpoly.comp_id 
3 'INDOLYLPROPIONIC ACID' IOP 
4 water                   HOH 
# 
loop_
_entity_poly_seq.entity_id 
_entity_poly_seq.num 
_entity_poly_seq.mon_id 
_entity_poly_seq.hetero 
1 1  PRO n 
1 2  GLN n 
1 3  ILE n 
1 4  THR n 
1 5  LEU n 
1 6  TRP n 
1 7  LYS n 
1 8  ARG n 
1 9  PRO n 
1 10 LEU n 
1 11 VAL n 
1 12 THR n 
1 13 ILE n 
1 14 LYS n 
1 15 ILE n 
1 16 GLY n 
1 17 GLY n 
1 18 GLN n 
1 19 LEU n 
1 20 LYS n 
1 21 GLU n 
1 22 ALA n 
1 23 LEU n 
1 24 LEU n 
1 25 ASP n 
1 26 THR n 
1 27 GLY n 
1 28 ALA n 
1 29 ASP n 
1 30 ASP n 
1 31 THR n 
1 32 VAL n 
1 33 LEU n 
1 34 GLU n 
1 35 GLU n 
1 36 MET n 
1 37 ASN n 
1 38 LEU n 
1 39 PRO n 
1 40 GLY n 
1 41 ARG n 
1 42 TRP n 
1 43 LYS n 
1 44 PRO n 
1 45 LYS n 
1 46 MET n 
1 47 ILE n 
1 48 GLY n 
1 49 GLY n 
1 50 ILE n 
1 51 GLY n 
1 52 GLY n 
1 53 PHE n 
1 54 ILE n 
1 55 LYS n 
1 56 VAL n 
1 57 ARG n 
1 58 GLN n 
1 59 TYR n 
1 60 ASP n 
1 61 GLN n 
1 62 ILE n 
1 63 LEU n 
1 64 ILE n 
1 65 GLU n 
1 66 ILE n 
1 67 CYS n 
1 68 GLY n 
1 69 HIS n 
1 70 LYS n 
1 71 ALA n 
1 72 ILE n 
1 73 GLY n 
1 74 THR n 
1 75 VAL n 
1 76 LEU n 
1 77 VAL n 
1 78 GLY n 
1 79 PRO n 
1 80 THR n 
1 81 PRO n 
1 82 VAL n 
1 83 ASN n 
1 84 ILE n 
1 85 ILE n 
1 86 GLY n 
1 87 ARG n 
1 88 ASN n 
1 89 LEU n 
1 90 LEU n 
1 91 THR n 
1 92 GLN n 
1 93 ILE n 
1 94 GLY n 
1 95 CYS n 
1 96 THR n 
1 97 LEU n 
1 98 ASN n 
1 99 PHE n 
2 1  IVA n 
2 2  VAL n 
2 3  VAL n 
2 4  STA n 
2 5  ALA n 
2 6  STA n 
# 
_entity_src_gen.entity_id                          1 
_entity_src_gen.pdbx_src_id                        1 
_entity_src_gen.pdbx_alt_source_flag               sample 
_entity_src_gen.pdbx_seq_type                      ? 
_entity_src_gen.pdbx_beg_seq_num                   ? 
_entity_src_gen.pdbx_end_seq_num                   ? 
_entity_src_gen.gene_src_common_name               ? 
_entity_src_gen.gene_src_genus                     ? 
_entity_src_gen.pdbx_gene_src_gene                 pol 
_entity_src_gen.gene_src_species                   ? 
_entity_src_gen.gene_src_strain                    R8 
_entity_src_gen.gene_src_tissue                    ? 
_entity_src_gen.gene_src_tissue_fraction           ? 
_entity_src_gen.gene_src_details                   ? 
_entity_src_gen.pdbx_gene_src_fragment             ? 
_entity_src_gen.pdbx_gene_src_scientific_name      'Human immunodeficiency virus 1' 
_entity_src_gen.pdbx_gene_src_ncbi_taxonomy_id     11676 
_entity_src_gen.pdbx_gene_src_variant              ? 
_entity_src_gen.pdbx_gene_src_cell_line            ? 
_entity_src_gen.pdbx_gene_src_atcc                 ? 
_entity_src_gen.pdbx_gene_src_organ                ? 
_entity_src_gen.pdbx_gene_src_organelle            ? 
_entity_src_gen.pdbx_gene_src_cell                 ? 
_entity_src_gen.pdbx_gene_src_cellular_location    ? 
_entity_src_gen.host_org_common_name               ? 
_entity_src_gen.pdbx_host_org_scientific_name      'Escherichia coli' 
_entity_src_gen.pdbx_host_org_ncbi_taxonomy_id     469008 
_entity_src_gen.host_org_genus                     ? 
_entity_src_gen.pdbx_host_org_gene                 ? 
_entity_src_gen.pdbx_host_org_organ                ? 
_entity_src_gen.host_org_species                   ? 
_entity_src_gen.pdbx_host_org_tissue               ? 
_entity_src_gen.pdbx_host_org_tissue_fraction      ? 
_entity_src_gen.pdbx_host_org_strain               'Rosetta2(DE3) pLysS' 
_entity_src_gen.pdbx_host_org_variant              ? 
_entity_src_gen.pdbx_host_org_cell_line            ? 
_entity_src_gen.pdbx_host_org_atcc                 ? 
_entity_src_gen.pdbx_host_org_culture_collection   ? 
_entity_src_gen.pdbx_host_org_cell                 ? 
_entity_src_gen.pdbx_host_org_organelle            ? 
_entity_src_gen.pdbx_host_org_cellular_location    ? 
_entity_src_gen.pdbx_host_org_vector_type          plasmid 
_entity_src_gen.pdbx_host_org_vector               ? 
_entity_src_gen.host_org_details                   ? 
_entity_src_gen.expression_system_id               ? 
_entity_src_gen.plasmid_name                       'pET-21a(+)' 
_entity_src_gen.plasmid_details                    ? 
_entity_src_gen.pdbx_description                   ? 
# 
loop_
_chem_comp.id 
_chem_comp.type 
_chem_comp.mon_nstd_flag 
_chem_comp.name 
_chem_comp.pdbx_synonyms 
_chem_comp.formula 
_chem_comp.formula_weight 
ALA 'L-peptide linking' y ALANINE                 ? 'C3 H7 N O2'     89.093  
ARG 'L-peptide linking' y ARGININE                ? 'C6 H15 N4 O2 1' 175.209 
ASN 'L-peptide linking' y ASPARAGINE              ? 'C4 H8 N2 O3'    132.118 
ASP 'L-peptide linking' y 'ASPARTIC ACID'         ? 'C4 H7 N O4'     133.103 
CYS 'L-peptide linking' y CYSTEINE                ? 'C3 H7 N O2 S'   121.158 
GLN 'L-peptide linking' y GLUTAMINE               ? 'C5 H10 N2 O3'   146.144 
GLU 'L-peptide linking' y 'GLUTAMIC ACID'         ? 'C5 H9 N O4'     147.129 
GLY 'peptide linking'   y GLYCINE                 ? 'C2 H5 N O2'     75.067  
HIS 'L-peptide linking' y HISTIDINE               ? 'C6 H10 N3 O2 1' 156.162 
HOH non-polymer         . WATER                   ? 'H2 O'           18.015  
ILE 'L-peptide linking' y ISOLEUCINE              ? 'C6 H13 N O2'    131.173 
IOP non-polymer         . 'INDOLYLPROPIONIC ACID' ? 'C11 H11 N O2'   189.211 
IVA non-polymer         . 'ISOVALERIC ACID'       ? 'C5 H10 O2'      102.132 
LEU 'L-peptide linking' y LEUCINE                 ? 'C6 H13 N O2'    131.173 
LYS 'L-peptide linking' y LYSINE                  ? 'C6 H15 N2 O2 1' 147.195 
MET 'L-peptide linking' y METHIONINE              ? 'C5 H11 N O2 S'  149.211 
PHE 'L-peptide linking' y PHENYLALANINE           ? 'C9 H11 N O2'    165.189 
PRO 'L-peptide linking' y PROLINE                 ? 'C5 H9 N O2'     115.130 
STA peptide-like        . STATINE                 ? 'C8 H17 N O3'    175.225 
THR 'L-peptide linking' y THREONINE               ? 'C4 H9 N O3'     119.119 
TRP 'L-peptide linking' y TRYPTOPHAN              ? 'C11 H12 N2 O2'  204.225 
TYR 'L-peptide linking' y TYROSINE                ? 'C9 H11 N O3'    181.189 
VAL 'L-peptide linking' y VALINE                  ? 'C5 H11 N O2'    117.146 
# 
loop_
_pdbx_poly_seq_scheme.asym_id 
_pdbx_poly_seq_scheme.entity_id 
_pdbx_poly_seq_scheme.seq_id 
_pdbx_poly_seq_scheme.mon_id 
_pdbx_poly_seq_scheme.ndb_seq_num 
_pdbx_poly_seq_scheme.pdb_seq_num 
_pdbx_poly_seq_scheme.auth_seq_num 
_pdbx_poly_seq_scheme.pdb_mon_id 
_pdbx_poly_seq_scheme.auth_mon_id 
_pdbx_poly_seq_scheme.pdb_strand_id 
_pdbx_poly_seq_scheme.pdb_ins_code 
_pdbx_poly_seq_scheme.hetero 
A 1 1  PRO 1  1  1  PRO PRO A . n 
A 1 2  GLN 2  2  2  GLN GLN A . n 
A 1 3  ILE 3  3  3  ILE ILE A . n 
A 1 4  THR 4  4  4  THR THR A . n 
A 1 5  LEU 5  5  5  LEU LEU A . n 
A 1 6  TRP 6  6  6  TRP TRP A . n 
A 1 7  LYS 7  7  7  LYS LYS A . n 
A 1 8  ARG 8  8  8  ARG ARG A . n 
A 1 9  PRO 9  9  9  PRO PRO A . n 
A 1 10 LEU 10 10 10 LEU LEU A . n 
A 1 11 VAL 11 11 11 VAL VAL A . n 
A 1 12 THR 12 12 12 THR THR A . n 
A 1 13 ILE 13 13 13 ILE ILE A . n 
A 1 14 LYS 14 14 14 LYS LYS A . n 
A 1 15 ILE 15 15 15 ILE ILE A . n 
A 1 16 GLY 16 16 16 GLY GLY A . n 
A 1 17 GLY 17 17 17 GLY GLY A . n 
A 1 18 GLN 18 18 18 GLN GLN A . n 
A 1 19 LEU 19 19 19 LEU LEU A . n 
A 1 20 LYS 20 20 20 LYS LYS A . n 
A 1 21 GLU 21 21 21 GLU GLU A . n 
A 1 22 ALA 22 22 22 ALA ALA A . n 
A 1 23 LEU 23 23 23 LEU LEU A . n 
A 1 24 LEU 24 24 24 LEU LEU A . n 
A 1 25 ASP 25 25 25 ASP ASP A . n 
A 1 26 THR 26 26 26 THR THR A . n 
A 1 27 GLY 27 27 27 GLY GLY A . n 
A 1 28 ALA 28 28 28 ALA ALA A . n 
A 1 29 ASP 29 29 29 ASP ASP A . n 
A 1 30 ASP 30 30 30 ASP ASP A . n 
A 1 31 THR 31 31 31 THR THR A . n 
A 1 32 VAL 32 32 32 VAL VAL A . n 
A 1 33 LEU 33 33 33 LEU LEU A . n 
A 1 34 GLU 34 34 34 GLU GLU A . n 
A 1 35 GLU 35 35 35 GLU GLU A . n 
A 1 36 MET 36 36 36 MET MET A . n 
A 1 37 ASN 37 37 37 ASN ASN A . n 
A 1 38 LEU 38 38 38 LEU LEU A . n 
A 1 39 PRO 39 39 39 PRO PRO A . n 
A 1 40 GLY 40 40 40 GLY GLY A . n 
A 1 41 ARG 41 41 41 ARG ARG A . n 
A 1 42 TRP 42 42 42 TRP TRP A . n 
A 1 43 LYS 43 43 43 LYS LYS A . n 
A 1 44 PRO 44 44 44 PRO PRO A . n 
A 1 45 LYS 45 45 45 LYS LYS A . n 
A 1 46 MET 46 46 46 MET MET A . n 
A 1 47 ILE 47 47 47 ILE ILE A . n 
A 1 48 GLY 48 48 48 GLY GLY A . n 
A 1 49 GLY 49 49 49 GLY GLY A . n 
A 1 50 ILE 50 50 50 ILE ILE A . n 
A 1 51 GLY 51 51 51 GLY GLY A . n 
A 1 52 GLY 52 52 52 GLY GLY A . n 
A 1 53 PHE 53 53 53 PHE PHE A . n 
A 1 54 ILE 54 54 54 ILE ILE A . n 
A 1 55 LYS 55 55 55 LYS LYS A . n 
A 1 56 VAL 56 56 56 VAL VAL A . n 
A 1 57 ARG 57 57 57 ARG ARG A . n 
A 1 58 GLN 58 58 58 GLN GLN A . n 
A 1 59 TYR 59 59 59 TYR TYR A . n 
A 1 60 ASP 60 60 60 ASP ASP A . n 
A 1 61 GLN 61 61 61 GLN GLN A . n 
A 1 62 ILE 62 62 62 ILE ILE A . n 
A 1 63 LEU 63 63 63 LEU LEU A . n 
A 1 64 ILE 64 64 64 ILE ILE A . n 
A 1 65 GLU 65 65 65 GLU GLU A . n 
A 1 66 ILE 66 66 66 ILE ILE A . n 
A 1 67 CYS 67 67 67 CYS CYS A . n 
A 1 68 GLY 68 68 68 GLY GLY A . n 
A 1 69 HIS 69 69 69 HIS HIS A . n 
A 1 70 LYS 70 70 70 LYS LYS A . n 
A 1 71 ALA 71 71 71 ALA ALA A . n 
A 1 72 ILE 72 72 72 ILE ILE A . n 
A 1 73 GLY 73 73 73 GLY GLY A . n 
A 1 74 THR 74 74 74 THR THR A . n 
A 1 75 VAL 75 75 75 VAL VAL A . n 
A 1 76 LEU 76 76 76 LEU LEU A . n 
A 1 77 VAL 77 77 77 VAL VAL A . n 
A 1 78 GLY 78 78 78 GLY GLY A . n 
A 1 79 PRO 79 79 79 PRO PRO A . n 
A 1 80 THR 80 80 80 THR THR A . n 
A 1 81 PRO 81 81 81 PRO PRO A . n 
A 1 82 VAL 82 82 82 VAL VAL A . n 
A 1 83 ASN 83 83 83 ASN ASN A . n 
A 1 84 ILE 84 84 84 ILE ILE A . n 
A 1 85 ILE 85 85 85 ILE ILE A . n 
A 1 86 GLY 86 86 86 GLY GLY A . n 
A 1 87 ARG 87 87 87 ARG ARG A . n 
A 1 88 ASN 88 88 88 ASN ASN A . n 
A 1 89 LEU 89 89 89 LEU LEU A . n 
A 1 90 LEU 90 90 90 LEU LEU A . n 
A 1 91 THR 91 91 91 THR THR A . n 
A 1 92 GLN 92 92 92 GLN GLN A . n 
A 1 93 ILE 93 93 93 ILE ILE A . n 
A 1 94 GLY 94 94 94 GLY GLY A . n 
A 1 95 CYS 95 95 95 CYS CYS A . n 
A 1 96 THR 96 96 96 THR THR A . n 
A 1 97 LEU 97 97 97 LEU LEU A . n 
A 1 98 ASN 98 98 98 ASN ASN A . n 
A 1 99 PHE 99 99 99 PHE PHE A . n 
B 1 1  PRO 1  1  1  PRO PRO B . n 
B 1 2  GLN 2  2  2  GLN GLN B . n 
B 1 3  ILE 3  3  3  ILE ILE B . n 
B 1 4  THR 4  4  4  THR THR B . n 
B 1 5  LEU 5  5  5  LEU LEU B . n 
B 1 6  TRP 6  6  6  TRP TRP B . n 
B 1 7  LYS 7  7  7  LYS LYS B . n 
B 1 8  ARG 8  8  8  ARG ARG B . n 
B 1 9  PRO 9  9  9  PRO PRO B . n 
B 1 10 LEU 10 10 10 LEU LEU B . n 
B 1 11 VAL 11 11 11 VAL VAL B . n 
B 1 12 THR 12 12 12 THR THR B . n 
B 1 13 ILE 13 13 13 ILE ILE B . n 
B 1 14 LYS 14 14 14 LYS LYS B . n 
B 1 15 ILE 15 15 15 ILE ILE B . n 
B 1 16 GLY 16 16 16 GLY GLY B . n 
B 1 17 GLY 17 17 17 GLY GLY B . n 
B 1 18 GLN 18 18 18 GLN GLN B . n 
B 1 19 LEU 19 19 19 LEU LEU B . n 
B 1 20 LYS 20 20 20 LYS LYS B . n 
B 1 21 GLU 21 21 21 GLU GLU B . n 
B 1 22 ALA 22 22 22 ALA ALA B . n 
B 1 23 LEU 23 23 23 LEU LEU B . n 
B 1 24 LEU 24 24 24 LEU LEU B . n 
B 1 25 ASP 25 25 25 ASP ASP B . n 
B 1 26 THR 26 26 26 THR THR B . n 
B 1 27 GLY 27 27 27 GLY GLY B . n 
B 1 28 ALA 28 28 28 ALA ALA B . n 
B 1 29 ASP 29 29 29 ASP ASP B . n 
B 1 30 ASP 30 30 30 ASP ASP B . n 
B 1 31 THR 31 31 31 THR THR B . n 
B 1 32 VAL 32 32 32 VAL VAL B . n 
B 1 33 LEU 33 33 33 LEU LEU B . n 
B 1 34 GLU 34 34 34 GLU GLU B . n 
B 1 35 GLU 35 35 35 GLU GLU B . n 
B 1 36 MET 36 36 36 MET MET B . n 
B 1 37 ASN 37 37 37 ASN ASN B . n 
B 1 38 LEU 38 38 38 LEU LEU B . n 
B 1 39 PRO 39 39 39 PRO PRO B . n 
B 1 40 GLY 40 40 40 GLY GLY B . n 
B 1 41 ARG 41 41 41 ARG ARG B . n 
B 1 42 TRP 42 42 42 TRP TRP B . n 
B 1 43 LYS 43 43 43 LYS LYS B . n 
B 1 44 PRO 44 44 44 PRO PRO B . n 
B 1 45 LYS 45 45 45 LYS LYS B . n 
B 1 46 MET 46 46 46 MET MET B . n 
B 1 47 ILE 47 47 47 ILE ILE B . n 
B 1 48 GLY 48 48 48 GLY GLY B . n 
B 1 49 GLY 49 49 49 GLY GLY B . n 
B 1 50 ILE 50 50 50 ILE ILE B . n 
B 1 51 GLY 51 51 51 GLY GLY B . n 
B 1 52 GLY 52 52 52 GLY GLY B . n 
B 1 53 PHE 53 53 53 PHE PHE B . n 
B 1 54 ILE 54 54 54 ILE ILE B . n 
B 1 55 LYS 55 55 55 LYS LYS B . n 
B 1 56 VAL 56 56 56 VAL VAL B . n 
B 1 57 ARG 57 57 57 ARG ARG B . n 
B 1 58 GLN 58 58 58 GLN GLN B . n 
B 1 59 TYR 59 59 59 TYR TYR B . n 
B 1 60 ASP 60 60 60 ASP ASP B . n 
B 1 61 GLN 61 61 61 GLN GLN B . n 
B 1 62 ILE 62 62 62 ILE ILE B . n 
B 1 63 LEU 63 63 63 LEU LEU B . n 
B 1 64 ILE 64 64 64 ILE ILE B . n 
B 1 65 GLU 65 65 65 GLU GLU B . n 
B 1 66 ILE 66 66 66 ILE ILE B . n 
B 1 67 CYS 67 67 67 CYS CYS B . n 
B 1 68 GLY 68 68 68 GLY GLY B . n 
B 1 69 HIS 69 69 69 HIS HIS B . n 
B 1 70 LYS 70 70 70 LYS LYS B . n 
B 1 71 ALA 71 71 71 ALA ALA B . n 
B 1 72 ILE 72 72 72 ILE ILE B . n 
B 1 73 GLY 73 73 73 GLY GLY B . n 
B 1 74 THR 74 74 74 THR THR B . n 
B 1 75 VAL 75 75 75 VAL VAL B . n 
B 1 76 LEU 76 76 76 LEU LEU B . n 
B 1 77 VAL 77 77 77 VAL VAL B . n 
B 1 78 GLY 78 78 78 GLY GLY B . n 
B 1 79 PRO 79 79 79 PRO PRO B . n 
B 1 80 THR 80 80 80 THR THR B . n 
B 1 81 PRO 81 81 81 PRO PRO B . n 
B 1 82 VAL 82 82 82 VAL VAL B . n 
B 1 83 ASN 83 83 83 ASN ASN B . n 
B 1 84 ILE 84 84 84 ILE ILE B . n 
B 1 85 ILE 85 85 85 ILE ILE B . n 
B 1 86 GLY 86 86 86 GLY GLY B . n 
B 1 87 ARG 87 87 87 ARG ARG B . n 
B 1 88 ASN 88 88 88 ASN ASN B . n 
B 1 89 LEU 89 89 89 LEU LEU B . n 
B 1 90 LEU 90 90 90 LEU LEU B . n 
B 1 91 THR 91 91 91 THR THR B . n 
B 1 92 GLN 92 92 92 GLN GLN B . n 
B 1 93 ILE 93 93 93 ILE ILE B . n 
B 1 94 GLY 94 94 94 GLY GLY B . n 
B 1 95 CYS 95 95 95 CYS CYS B . n 
B 1 96 THR 96 96 96 THR THR B . n 
B 1 97 LEU 97 97 97 LEU LEU B . n 
B 1 98 ASN 98 98 98 ASN ASN B . n 
B 1 99 PHE 99 99 99 PHE PHE B . n 
C 2 1  IVA 1  1  1  IVA IVA N . n 
C 2 2  VAL 2  2  2  VAL VAL N . n 
C 2 3  VAL 3  3  3  VAL VAL N . n 
C 2 4  STA 4  4  4  STA STA N . n 
C 2 5  ALA 5  5  5  ALA ALA N . n 
C 2 6  STA 6  6  6  STA STA N . n 
# 
loop_
_pdbx_nonpoly_scheme.asym_id 
_pdbx_nonpoly_scheme.entity_id 
_pdbx_nonpoly_scheme.mon_id 
_pdbx_nonpoly_scheme.ndb_seq_num 
_pdbx_nonpoly_scheme.pdb_seq_num 
_pdbx_nonpoly_scheme.auth_seq_num 
_pdbx_nonpoly_scheme.pdb_mon_id 
_pdbx_nonpoly_scheme.auth_mon_id 
_pdbx_nonpoly_scheme.pdb_strand_id 
_pdbx_nonpoly_scheme.pdb_ins_code 
D 3 IOP 1  101 202 IOP FN1 A . 
E 4 HOH 1  201 2   HOH HOH A . 
E 4 HOH 2  202 3   HOH HOH A . 
E 4 HOH 3  203 5   HOH HOH A . 
E 4 HOH 4  204 9   HOH HOH A . 
E 4 HOH 5  205 203 HOH HOH A . 
E 4 HOH 6  206 206 HOH HOH A . 
E 4 HOH 7  207 207 HOH HOH A . 
E 4 HOH 8  208 210 HOH HOH A . 
E 4 HOH 9  209 214 HOH HOH A . 
E 4 HOH 10 210 215 HOH HOH A . 
E 4 HOH 11 211 220 HOH HOH A . 
E 4 HOH 12 212 222 HOH HOH A . 
E 4 HOH 13 213 224 HOH HOH A . 
E 4 HOH 14 214 228 HOH HOH A . 
E 4 HOH 15 215 229 HOH HOH A . 
E 4 HOH 16 216 230 HOH HOH A . 
E 4 HOH 17 217 231 HOH HOH A . 
E 4 HOH 18 218 233 HOH HOH A . 
E 4 HOH 19 219 238 HOH HOH A . 
E 4 HOH 20 220 242 HOH HOH A . 
E 4 HOH 21 221 243 HOH HOH A . 
E 4 HOH 22 222 244 HOH HOH A . 
E 4 HOH 23 223 247 HOH HOH A . 
E 4 HOH 24 224 249 HOH HOH A . 
E 4 HOH 25 225 252 HOH HOH A . 
E 4 HOH 26 226 253 HOH HOH A . 
E 4 HOH 27 227 255 HOH HOH A . 
E 4 HOH 28 228 260 HOH HOH A . 
E 4 HOH 29 229 264 HOH HOH A . 
E 4 HOH 30 230 265 HOH HOH A . 
E 4 HOH 31 231 266 HOH HOH A . 
E 4 HOH 32 232 268 HOH HOH A . 
E 4 HOH 33 233 269 HOH HOH A . 
E 4 HOH 34 234 271 HOH HOH A . 
E 4 HOH 35 235 273 HOH HOH A . 
E 4 HOH 36 236 274 HOH HOH A . 
E 4 HOH 37 237 275 HOH HOH A . 
E 4 HOH 38 238 276 HOH HOH A . 
E 4 HOH 39 239 277 HOH HOH A . 
E 4 HOH 40 240 280 HOH HOH A . 
E 4 HOH 41 241 281 HOH HOH A . 
E 4 HOH 42 242 286 HOH HOH A . 
E 4 HOH 43 243 287 HOH HOH A . 
E 4 HOH 44 244 288 HOH HOH A . 
E 4 HOH 45 245 294 HOH HOH A . 
E 4 HOH 46 246 297 HOH HOH A . 
E 4 HOH 47 247 298 HOH HOH A . 
E 4 HOH 48 248 301 HOH HOH A . 
E 4 HOH 49 249 306 HOH HOH A . 
E 4 HOH 50 250 308 HOH HOH A . 
E 4 HOH 51 251 310 HOH HOH A . 
F 4 HOH 1  201 4   HOH HOH B . 
F 4 HOH 2  202 6   HOH HOH B . 
F 4 HOH 3  203 7   HOH HOH B . 
F 4 HOH 4  204 8   HOH HOH B . 
F 4 HOH 5  205 204 HOH HOH B . 
F 4 HOH 6  206 205 HOH HOH B . 
F 4 HOH 7  207 209 HOH HOH B . 
F 4 HOH 8  208 211 HOH HOH B . 
F 4 HOH 9  209 212 HOH HOH B . 
F 4 HOH 10 210 213 HOH HOH B . 
F 4 HOH 11 211 216 HOH HOH B . 
F 4 HOH 12 212 217 HOH HOH B . 
F 4 HOH 13 213 218 HOH HOH B . 
F 4 HOH 14 214 219 HOH HOH B . 
F 4 HOH 15 215 221 HOH HOH B . 
F 4 HOH 16 216 223 HOH HOH B . 
F 4 HOH 17 217 225 HOH HOH B . 
F 4 HOH 18 218 226 HOH HOH B . 
F 4 HOH 19 219 227 HOH HOH B . 
F 4 HOH 20 220 232 HOH HOH B . 
F 4 HOH 21 221 234 HOH HOH B . 
F 4 HOH 22 222 235 HOH HOH B . 
F 4 HOH 23 223 236 HOH HOH B . 
F 4 HOH 24 224 237 HOH HOH B . 
F 4 HOH 25 225 239 HOH HOH B . 
F 4 HOH 26 226 240 HOH HOH B . 
F 4 HOH 27 227 241 HOH HOH B . 
F 4 HOH 28 228 245 HOH HOH B . 
F 4 HOH 29 229 246 HOH HOH B . 
F 4 HOH 30 230 248 HOH HOH B . 
F 4 HOH 31 231 250 HOH HOH B . 
F 4 HOH 32 232 251 HOH HOH B . 
F 4 HOH 33 233 254 HOH HOH B . 
F 4 HOH 34 234 256 HOH HOH B . 
F 4 HOH 35 235 257 HOH HOH B . 
F 4 HOH 36 236 258 HOH HOH B . 
F 4 HOH 37 237 259 HOH HOH B . 
F 4 HOH 38 238 261 HOH HOH B . 
F 4 HOH 39 239 262 HOH HOH B . 
F 4 HOH 40 240 267 HOH HOH B . 
F 4 HOH 41 241 270 HOH HOH B . 
F 4 HOH 42 242 272 HOH HOH B . 
F 4 HOH 43 243 282 HOH HOH B . 
F 4 HOH 44 244 285 HOH HOH B . 
F 4 HOH 45 245 289 HOH HOH B . 
F 4 HOH 46 246 290 HOH HOH B . 
F 4 HOH 47 247 293 HOH HOH B . 
F 4 HOH 48 248 295 HOH HOH B . 
F 4 HOH 49 249 296 HOH HOH B . 
F 4 HOH 50 250 299 HOH HOH B . 
F 4 HOH 51 251 302 HOH HOH B . 
F 4 HOH 52 252 305 HOH HOH B . 
F 4 HOH 53 253 312 HOH HOH B . 
F 4 HOH 54 254 313 HOH HOH B . 
F 4 HOH 55 255 314 HOH HOH B . 
G 4 HOH 1  101 208 HOH HOH N . 
# 
loop_
_pdbx_unobs_or_zero_occ_atoms.id 
_pdbx_unobs_or_zero_occ_atoms.PDB_model_num 
_pdbx_unobs_or_zero_occ_atoms.polymer_flag 
_pdbx_unobs_or_zero_occ_atoms.occupancy_flag 
_pdbx_unobs_or_zero_occ_atoms.auth_asym_id 
_pdbx_unobs_or_zero_occ_atoms.auth_comp_id 
_pdbx_unobs_or_zero_occ_atoms.auth_seq_id 
_pdbx_unobs_or_zero_occ_atoms.PDB_ins_code 
_pdbx_unobs_or_zero_occ_atoms.auth_atom_id 
_pdbx_unobs_or_zero_occ_atoms.label_alt_id 
_pdbx_unobs_or_zero_occ_atoms.label_asym_id 
_pdbx_unobs_or_zero_occ_atoms.label_comp_id 
_pdbx_unobs_or_zero_occ_atoms.label_seq_id 
_pdbx_unobs_or_zero_occ_atoms.label_atom_id 
1 1 Y 0 B LEU 23 ? CG  A B LEU 23 CG  
2 1 Y 0 B LEU 23 ? CD1 A B LEU 23 CD1 
3 1 Y 0 B LEU 23 ? CD2 A B LEU 23 CD2 
# 
loop_
_software.pdbx_ordinal 
_software.name 
_software.version 
_software.date 
_software.type 
_software.contact_author 
_software.contact_author_email 
_software.classification 
_software.location 
_software.language 
_software.citation_id 
1 SAINT          V7.68A ?                package ?                    ?                        'data scaling'    
http://www.bruker-axs.de/                    ?          ? 
2 SCALA          .      ?                other   'Phil R. Evans'      pre@mrc-lmb.cam.ac.uk    'data scaling'    
http://www.ccp4.ac.uk/dist/html/scala.html   Fortran_77 ? 
3 MOLREP         .      ?                program 'Alexei Vaguine'     alexei@ysbl.york.ac.uk   phasing           
http://www.ccp4.ac.uk/dist/html/molrep.html  Fortran_77 ? 
4 REFMAC         .      ?                program 'Garib N. Murshudov' garib@ysbl.york.ac.uk    refinement        
http://www.ccp4.ac.uk/dist/html/refmac5.html Fortran_77 ? 
5 PDB_EXTRACT    3.11   'April 22, 2011' package PDB                  deposit@deposit.rcsb.org 'data extraction' 
http://sw-tools.pdb.org/apps/PDB_EXTRACT/    C++        ? 
6 'PROTEUM PLUS' PLUS   ?                ?       ?                    ?                        'data collection' ? ?          ? 
7 SAINT          .      ?                ?       ?                    ?                        'data reduction'  ? ?          ? 
# 
_cell.length_a           28.652 
_cell.length_b           65.796 
_cell.length_c           92.052 
_cell.angle_alpha        90.000 
_cell.angle_beta         90.000 
_cell.angle_gamma        90.000 
_cell.entry_id           4EJK 
_cell.pdbx_unique_axis   ? 
_cell.Z_PDB              8 
_cell.length_a_esd       ? 
_cell.length_b_esd       ? 
_cell.length_c_esd       ? 
_cell.angle_alpha_esd    ? 
_cell.angle_beta_esd     ? 
_cell.angle_gamma_esd    ? 
# 
_symmetry.space_group_name_H-M             'P 21 21 21' 
_symmetry.entry_id                         4EJK 
_symmetry.Int_Tables_number                19 
_symmetry.pdbx_full_space_group_name_H-M   ? 
_symmetry.cell_setting                     ? 
_symmetry.space_group_name_Hall            ? 
# 
_exptl.crystals_number   1 
_exptl.entry_id          4EJK 
_exptl.method            'X-RAY DIFFRACTION' 
# 
_exptl_crystal.id                    1 
_exptl_crystal.density_Matthews      1.94 
_exptl_crystal.density_meas          ? 
_exptl_crystal.density_percent_sol   36.63 
_exptl_crystal.description           ? 
_exptl_crystal.F_000                 ? 
_exptl_crystal.preparation           ? 
# 
_exptl_crystal_grow.crystal_id      1 
_exptl_crystal_grow.method          'VAPOR DIFFUSION' 
_exptl_crystal_grow.pH              4.6 
_exptl_crystal_grow.temp            298 
_exptl_crystal_grow.pdbx_details    
'1.0 M sodium formate, 10% DMSO, 0.1 M sodium acetate, pH 4.6, VAPOR DIFFUSION, temperature 298K' 
_exptl_crystal_grow.temp_details    ? 
_exptl_crystal_grow.pdbx_pH_range   ? 
# 
_diffrn.id                     1 
_diffrn.ambient_temp           100 
_diffrn.ambient_temp_details   ? 
_diffrn.crystal_id             1 
# 
_diffrn_detector.diffrn_id              1 
_diffrn_detector.detector               CCD 
_diffrn_detector.type                   'APEX II CCD' 
_diffrn_detector.pdbx_collection_date   2010-10-25 
_diffrn_detector.details                ? 
# 
_diffrn_radiation.diffrn_id                        1 
_diffrn_radiation.pdbx_diffrn_protocol             'SINGLE WAVELENGTH' 
_diffrn_radiation.monochromator                    'multilayer mirrors' 
_diffrn_radiation.wavelength_id                    1 
_diffrn_radiation.pdbx_monochromatic_or_laue_m_l   M 
_diffrn_radiation.pdbx_scattering_type             x-ray 
# 
_diffrn_radiation_wavelength.id           1 
_diffrn_radiation_wavelength.wavelength   1.5418 
_diffrn_radiation_wavelength.wt           1.0 
# 
_diffrn_source.diffrn_id                   1 
_diffrn_source.source                      'ROTATING ANODE' 
_diffrn_source.type                        'BRUKER AXS MICROSTAR' 
_diffrn_source.pdbx_wavelength_list        1.5418 
_diffrn_source.pdbx_wavelength             ? 
_diffrn_source.pdbx_synchrotron_site       ? 
_diffrn_source.pdbx_synchrotron_beamline   ? 
# 
_reflns.entry_id                     4EJK 
_reflns.d_resolution_high            1.794 
_reflns.d_resolution_low             53.528 
_reflns.observed_criterion_sigma_F   ? 
_reflns.observed_criterion_sigma_I   ? 
_reflns.number_all                   16935 
_reflns.number_obs                   16781 
_reflns.percent_possible_obs         94.2 
_reflns.pdbx_Rmerge_I_obs            ? 
_reflns.pdbx_Rsym_value              ? 
_reflns.pdbx_netI_over_sigmaI        ? 
_reflns.B_iso_Wilson_estimate        ? 
_reflns.pdbx_redundancy              ? 
_reflns.R_free_details               ? 
_reflns.limit_h_max                  ? 
_reflns.limit_h_min                  ? 
_reflns.limit_k_max                  ? 
_reflns.limit_k_min                  ? 
_reflns.limit_l_max                  ? 
_reflns.limit_l_min                  ? 
_reflns.observed_criterion_F_max     ? 
_reflns.observed_criterion_F_min     ? 
_reflns.pdbx_chi_squared             ? 
_reflns.pdbx_scaling_rejects         ? 
_reflns.pdbx_ordinal                 1 
_reflns.pdbx_diffrn_id               1 
# 
_reflns_shell.d_res_high             1.794 
_reflns_shell.d_res_low              1.84 
_reflns_shell.percent_possible_obs   ? 
_reflns_shell.percent_possible_all   83 
_reflns_shell.Rmerge_I_obs           ? 
_reflns_shell.meanI_over_sigI_obs    3.35 
_reflns_shell.pdbx_Rsym_value        ? 
_reflns_shell.pdbx_redundancy        ? 
_reflns_shell.number_unique_all      ? 
_reflns_shell.number_measured_all    ? 
_reflns_shell.number_measured_obs    ? 
_reflns_shell.number_unique_obs      ? 
_reflns_shell.pdbx_chi_squared       ? 
_reflns_shell.pdbx_ordinal           1 
_reflns_shell.pdbx_diffrn_id         1 
# 
_refine.entry_id                                 4EJK 
_refine.ls_d_res_high                            1.794 
_refine.ls_d_res_low                             15.75 
_refine.pdbx_ls_sigma_F                          0.0 
_refine.pdbx_data_cutoff_high_absF               ? 
_refine.pdbx_data_cutoff_low_absF                ? 
_refine.ls_percent_reflns_obs                    98.89 
_refine.ls_number_reflns_obs                     16781 
_refine.ls_number_reflns_all                     16935 
_refine.pdbx_ls_cross_valid_method               THROUGHOUT 
_refine.pdbx_R_Free_selection_details            RANDOM 
_refine.details                                  
;HYDROGENS HAVE BEEN USED IF PRESENT IN THE INPUT 
U VALUES      : REFINED INDIVIDUALLY
;
_refine.ls_R_factor_all                          ? 
_refine.ls_R_factor_obs                          0.2179 
_refine.ls_R_factor_R_work                       0.2161 
_refine.ls_wR_factor_R_work                      0.2030 
_refine.ls_R_factor_R_free                       0.2524 
_refine.ls_wR_factor_R_free                      0.2300 
_refine.ls_percent_reflns_R_free                 5.1 
_refine.ls_number_reflns_R_free                  853 
_refine.ls_R_factor_R_free_error                 ? 
_refine.B_iso_mean                               9.5020 
_refine.solvent_model_param_bsol                 ? 
_refine.solvent_model_param_ksol                 ? 
_refine.pdbx_isotropic_thermal_model             ? 
_refine.aniso_B[1][1]                            0.0000 
_refine.aniso_B[2][2]                            -0.0000 
_refine.aniso_B[3][3]                            0.0000 
_refine.aniso_B[1][2]                            0.0000 
_refine.aniso_B[1][3]                            0.0000 
_refine.aniso_B[2][3]                            -0.0000 
_refine.correlation_coeff_Fo_to_Fc               0.9120 
_refine.correlation_coeff_Fo_to_Fc_free          0.8870 
_refine.overall_SU_R_Cruickshank_DPI             0.1716 
_refine.overall_SU_R_free                        0.1515 
_refine.pdbx_overall_ESU_R                       0.1720 
_refine.pdbx_overall_ESU_R_Free                  0.1510 
_refine.overall_SU_ML                            0.0910 
_refine.overall_SU_B                             2.8460 
_refine.solvent_model_details                    MASK 
_refine.pdbx_solvent_vdw_probe_radii             1.2000 
_refine.pdbx_solvent_ion_probe_radii             0.8000 
_refine.pdbx_solvent_shrinkage_radii             0.8000 
_refine.ls_number_parameters                     ? 
_refine.ls_number_restraints                     ? 
_refine.pdbx_starting_model                      ? 
_refine.pdbx_method_to_determine_struct          'MOLECULAR REPLACEMENT' 
_refine.pdbx_stereochemistry_target_values       'MAXIMUM LIKELIHOOD' 
_refine.pdbx_stereochem_target_val_spec_case     ? 
_refine.overall_FOM_work_R_set                   0.8468 
_refine.B_iso_max                                34.020 
_refine.B_iso_min                                2.000 
_refine.pdbx_overall_phase_error                 ? 
_refine.occupancy_max                            1.000 
_refine.occupancy_min                            0.000 
_refine.pdbx_ls_sigma_I                          ? 
_refine.ls_redundancy_reflns_obs                 ? 
_refine.ls_R_factor_R_free_error_details         ? 
_refine.pdbx_data_cutoff_high_rms_absF           ? 
_refine.overall_FOM_free_R_set                   ? 
_refine.pdbx_diffrn_id                           1 
_refine.pdbx_refine_id                           'X-RAY DIFFRACTION' 
_refine.pdbx_TLS_residual_ADP_flag               ? 
_refine.pdbx_overall_SU_R_free_Cruickshank_DPI   ? 
_refine.pdbx_overall_SU_R_Blow_DPI               ? 
_refine.pdbx_overall_SU_R_free_Blow_DPI          ? 
# 
_refine_hist.pdbx_refine_id                   'X-RAY DIFFRACTION' 
_refine_hist.cycle_id                         LAST 
_refine_hist.pdbx_number_atoms_protein        1566 
_refine_hist.pdbx_number_atoms_nucleic_acid   0 
_refine_hist.pdbx_number_atoms_ligand         14 
_refine_hist.number_atoms_solvent             107 
_refine_hist.number_atoms_total               1687 
_refine_hist.d_res_high                       1.794 
_refine_hist.d_res_low                        15.75 
# 
loop_
_refine_ls_restr.type 
_refine_ls_restr.number 
_refine_ls_restr.dev_ideal 
_refine_ls_restr.dev_ideal_target 
_refine_ls_restr.weight 
_refine_ls_restr.pdbx_restraint_function 
_refine_ls_restr.pdbx_refine_id 
r_bond_refined_d       1627 0.005  0.020  ? ? 'X-RAY DIFFRACTION' 
r_angle_refined_deg    2203 1.029  2.013  ? ? 'X-RAY DIFFRACTION' 
r_dihedral_angle_1_deg 205  5.554  5.000  ? ? 'X-RAY DIFFRACTION' 
r_dihedral_angle_2_deg 56   39.562 25.000 ? ? 'X-RAY DIFFRACTION' 
r_dihedral_angle_3_deg 297  11.116 15.000 ? ? 'X-RAY DIFFRACTION' 
r_dihedral_angle_4_deg 8    8.306  15.000 ? ? 'X-RAY DIFFRACTION' 
r_chiral_restr         268  0.062  0.200  ? ? 'X-RAY DIFFRACTION' 
r_gen_planes_refined   1142 0.004  0.021  ? ? 'X-RAY DIFFRACTION' 
# 
_refine_ls_shell.d_res_high                       1.794 
_refine_ls_shell.d_res_low                        1.840 
_refine_ls_shell.pdbx_total_number_of_bins_used   20 
_refine_ls_shell.percent_reflns_obs               92.61 
_refine_ls_shell.number_reflns_R_work             954 
_refine_ls_shell.R_factor_all                     ? 
_refine_ls_shell.R_factor_R_work                  0.2530 
_refine_ls_shell.R_factor_R_free                  0.3530 
_refine_ls_shell.percent_reflns_R_free            ? 
_refine_ls_shell.number_reflns_R_free             48 
_refine_ls_shell.R_factor_R_free_error            ? 
_refine_ls_shell.number_reflns_all                1002 
_refine_ls_shell.number_reflns_obs                ? 
_refine_ls_shell.redundancy_reflns_obs            ? 
_refine_ls_shell.pdbx_refine_id                   'X-RAY DIFFRACTION' 
# 
_struct.entry_id                  4EJK 
_struct.title                     
'HIV Protease (PR) dimer in closed form with pepstatin in active site and fragment 1F1-N in the outside/top of flap' 
_struct.pdbx_model_details        ? 
_struct.pdbx_CASP_flag            ? 
_struct.pdbx_model_type_details   ? 
# 
_struct_keywords.entry_id        4EJK 
_struct_keywords.text            'apo protease, allostery, fragment binding, HYDROLASE-HYDROLASE INHIBITOR complex' 
_struct_keywords.pdbx_keywords   'HYDROLASE/HYDROLASE INHIBITOR' 
# 
loop_
_struct_asym.id 
_struct_asym.pdbx_blank_PDB_chainid_flag 
_struct_asym.pdbx_modified 
_struct_asym.entity_id 
_struct_asym.details 
A N N 1 ? 
B N N 1 ? 
C N N 2 ? 
D N N 3 ? 
E N N 4 ? 
F N N 4 ? 
G N N 4 ? 
# 
loop_
_struct_ref.id 
_struct_ref.db_name 
_struct_ref.db_code 
_struct_ref.pdbx_db_accession 
_struct_ref.entity_id 
_struct_ref.pdbx_seq_one_letter_code 
_struct_ref.pdbx_align_begin 
_struct_ref.pdbx_db_isoform 
1 UNP POL_HV1Z2 P12499 1 
;PQITLWQRPLVTIKIGGQLKEALLDTGADDTVLEEMNLPGKWKPKMIGGIGGFIKVRQYDQILIEICGHKAIGTVLVGPT
PVNIIGRNLLTQIGCTLNF
;
490 ? 
2 PDB 4EJK      4EJK   2 '(IVA)VV(STA)A(STA)'                                                                                   1 
? 
# 
loop_
_struct_ref_seq.align_id 
_struct_ref_seq.ref_id 
_struct_ref_seq.pdbx_PDB_id_code 
_struct_ref_seq.pdbx_strand_id 
_struct_ref_seq.seq_align_beg 
_struct_ref_seq.pdbx_seq_align_beg_ins_code 
_struct_ref_seq.seq_align_end 
_struct_ref_seq.pdbx_seq_align_end_ins_code 
_struct_ref_seq.pdbx_db_accession 
_struct_ref_seq.db_align_beg 
_struct_ref_seq.pdbx_db_align_beg_ins_code 
_struct_ref_seq.db_align_end 
_struct_ref_seq.pdbx_db_align_end_ins_code 
_struct_ref_seq.pdbx_auth_seq_align_beg 
_struct_ref_seq.pdbx_auth_seq_align_end 
1 1 4EJK A 1 ? 99 ? P12499 490 ? 588 ? 1 99 
2 1 4EJK B 1 ? 99 ? P12499 490 ? 588 ? 1 99 
3 2 4EJK N 1 ? 6  ? 4EJK   1   ? 6   ? 1 6  
# 
loop_
_struct_ref_seq_dif.align_id 
_struct_ref_seq_dif.pdbx_pdb_id_code 
_struct_ref_seq_dif.mon_id 
_struct_ref_seq_dif.pdbx_pdb_strand_id 
_struct_ref_seq_dif.seq_num 
_struct_ref_seq_dif.pdbx_pdb_ins_code 
_struct_ref_seq_dif.pdbx_seq_db_name 
_struct_ref_seq_dif.pdbx_seq_db_accession_code 
_struct_ref_seq_dif.db_mon_id 
_struct_ref_seq_dif.pdbx_seq_db_seq_num 
_struct_ref_seq_dif.details 
_struct_ref_seq_dif.pdbx_auth_seq_num 
_struct_ref_seq_dif.pdbx_ordinal 
1 4EJK LYS A 7  ? UNP P12499 GLN 496 conflict 7  1 
1 4EJK ARG A 41 ? UNP P12499 LYS 530 conflict 41 2 
2 4EJK LYS B 7  ? UNP P12499 GLN 496 conflict 7  3 
2 4EJK ARG B 41 ? UNP P12499 LYS 530 conflict 41 4 
# 
_pdbx_struct_assembly.id                   1 
_pdbx_struct_assembly.details              author_and_software_defined_assembly 
_pdbx_struct_assembly.method_details       PISA 
_pdbx_struct_assembly.oligomeric_details   trimeric 
_pdbx_struct_assembly.oligomeric_count     3 
# 
loop_
_pdbx_struct_assembly_prop.biol_id 
_pdbx_struct_assembly_prop.type 
_pdbx_struct_assembly_prop.value 
_pdbx_struct_assembly_prop.details 
1 'ABSA (A^2)' 5200 ? 
1 MORE         -31  ? 
1 'SSA (A^2)'  9780 ? 
# 
_pdbx_struct_assembly_gen.assembly_id       1 
_pdbx_struct_assembly_gen.oper_expression   1 
_pdbx_struct_assembly_gen.asym_id_list      A,B,C,D,E,F,G 
# 
_pdbx_struct_oper_list.id                   1 
_pdbx_struct_oper_list.type                 'identity operation' 
_pdbx_struct_oper_list.name                 1_555 
_pdbx_struct_oper_list.symmetry_operation   x,y,z 
_pdbx_struct_oper_list.matrix[1][1]         1.0000000000 
_pdbx_struct_oper_list.matrix[1][2]         0.0000000000 
_pdbx_struct_oper_list.matrix[1][3]         0.0000000000 
_pdbx_struct_oper_list.vector[1]            0.0000000000 
_pdbx_struct_oper_list.matrix[2][1]         0.0000000000 
_pdbx_struct_oper_list.matrix[2][2]         1.0000000000 
_pdbx_struct_oper_list.matrix[2][3]         0.0000000000 
_pdbx_struct_oper_list.vector[2]            0.0000000000 
_pdbx_struct_oper_list.matrix[3][1]         0.0000000000 
_pdbx_struct_oper_list.matrix[3][2]         0.0000000000 
_pdbx_struct_oper_list.matrix[3][3]         1.0000000000 
_pdbx_struct_oper_list.vector[3]            0.0000000000 
# 
_struct_biol.id        1 
_struct_biol.details   ? 
# 
loop_
_struct_conf.conf_type_id 
_struct_conf.id 
_struct_conf.pdbx_PDB_helix_id 
_struct_conf.beg_label_comp_id 
_struct_conf.beg_label_asym_id 
_struct_conf.beg_label_seq_id 
_struct_conf.pdbx_beg_PDB_ins_code 
_struct_conf.end_label_comp_id 
_struct_conf.end_label_asym_id 
_struct_conf.end_label_seq_id 
_struct_conf.pdbx_end_PDB_ins_code 
_struct_conf.beg_auth_comp_id 
_struct_conf.beg_auth_asym_id 
_struct_conf.beg_auth_seq_id 
_struct_conf.end_auth_comp_id 
_struct_conf.end_auth_asym_id 
_struct_conf.end_auth_seq_id 
_struct_conf.pdbx_PDB_helix_class 
_struct_conf.details 
_struct_conf.pdbx_PDB_helix_length 
HELX_P HELX_P1 1 GLY A 86 ? THR A 91 ? GLY A 86 THR A 91 1 ? 6 
HELX_P HELX_P2 2 GLN A 92 ? GLY A 94 ? GLN A 92 GLY A 94 5 ? 3 
HELX_P HELX_P3 3 GLY B 86 ? THR B 91 ? GLY B 86 THR B 91 1 ? 6 
HELX_P HELX_P4 4 GLN B 92 ? GLY B 94 ? GLN B 92 GLY B 94 5 ? 3 
# 
_struct_conf_type.id          HELX_P 
_struct_conf_type.criteria    ? 
_struct_conf_type.reference   ? 
# 
loop_
_struct_conn.id 
_struct_conn.conn_type_id 
_struct_conn.pdbx_leaving_atom_flag 
_struct_conn.pdbx_PDB_id 
_struct_conn.ptnr1_label_asym_id 
_struct_conn.ptnr1_label_comp_id 
_struct_conn.ptnr1_label_seq_id 
_struct_conn.ptnr1_label_atom_id 
_struct_conn.pdbx_ptnr1_label_alt_id 
_struct_conn.pdbx_ptnr1_PDB_ins_code 
_struct_conn.pdbx_ptnr1_standard_comp_id 
_struct_conn.ptnr1_symmetry 
_struct_conn.ptnr2_label_asym_id 
_struct_conn.ptnr2_label_comp_id 
_struct_conn.ptnr2_label_seq_id 
_struct_conn.ptnr2_label_atom_id 
_struct_conn.pdbx_ptnr2_label_alt_id 
_struct_conn.pdbx_ptnr2_PDB_ins_code 
_struct_conn.ptnr1_auth_asym_id 
_struct_conn.ptnr1_auth_comp_id 
_struct_conn.ptnr1_auth_seq_id 
_struct_conn.ptnr2_auth_asym_id 
_struct_conn.ptnr2_auth_comp_id 
_struct_conn.ptnr2_auth_seq_id 
_struct_conn.ptnr2_symmetry 
_struct_conn.pdbx_ptnr3_label_atom_id 
_struct_conn.pdbx_ptnr3_label_seq_id 
_struct_conn.pdbx_ptnr3_label_comp_id 
_struct_conn.pdbx_ptnr3_label_asym_id 
_struct_conn.pdbx_ptnr3_label_alt_id 
_struct_conn.pdbx_ptnr3_PDB_ins_code 
_struct_conn.details 
_struct_conn.pdbx_dist_value 
_struct_conn.pdbx_value_order 
_struct_conn.pdbx_role 
covale1 covale both ? C IVA 1 C ? ? ? 1_555 C VAL 2 N ? ? N IVA 1 N VAL 2 1_555 ? ? ? ? ? ? ? 2.295 ? ? 
covale2 covale both ? C VAL 3 C ? ? ? 1_555 C STA 4 N ? ? N VAL 3 N STA 4 1_555 ? ? ? ? ? ? ? 2.236 ? ? 
covale3 covale both ? C STA 4 C ? ? ? 1_555 C ALA 5 N ? ? N STA 4 N ALA 5 1_555 ? ? ? ? ? ? ? 2.021 ? ? 
covale4 covale both ? C ALA 5 C ? ? ? 1_555 C STA 6 N ? ? N ALA 5 N STA 6 1_555 ? ? ? ? ? ? ? 2.182 ? ? 
# 
_struct_conn_type.id          covale 
_struct_conn_type.criteria    ? 
_struct_conn_type.reference   ? 
# 
loop_
_pdbx_modification_feature.ordinal 
_pdbx_modification_feature.label_comp_id 
_pdbx_modification_feature.label_asym_id 
_pdbx_modification_feature.label_seq_id 
_pdbx_modification_feature.label_alt_id 
_pdbx_modification_feature.modified_residue_label_comp_id 
_pdbx_modification_feature.modified_residue_label_asym_id 
_pdbx_modification_feature.modified_residue_label_seq_id 
_pdbx_modification_feature.modified_residue_label_alt_id 
_pdbx_modification_feature.auth_comp_id 
_pdbx_modification_feature.auth_asym_id 
_pdbx_modification_feature.auth_seq_id 
_pdbx_modification_feature.PDB_ins_code 
_pdbx_modification_feature.symmetry 
_pdbx_modification_feature.modified_residue_auth_comp_id 
_pdbx_modification_feature.modified_residue_auth_asym_id 
_pdbx_modification_feature.modified_residue_auth_seq_id 
_pdbx_modification_feature.modified_residue_PDB_ins_code 
_pdbx_modification_feature.modified_residue_symmetry 
_pdbx_modification_feature.comp_id_linking_atom 
_pdbx_modification_feature.modified_residue_id_linking_atom 
_pdbx_modification_feature.modified_residue_id 
_pdbx_modification_feature.ref_pcm_id 
_pdbx_modification_feature.ref_comp_id 
_pdbx_modification_feature.type 
_pdbx_modification_feature.category 
1 IVA C 1 ? . . . . IVA N 1 ? 1_555 . . . . . . . ? 1 IVA None 'Non-standard residue' 
2 STA C 4 ? . . . . STA N 4 ? 1_555 . . . . . . . ? 1 STA None 'Non-standard residue' 
3 STA C 6 ? . . . . STA N 6 ? 1_555 . . . . . . . ? 1 STA None 'Non-standard residue' 
# 
loop_
_struct_sheet.id 
_struct_sheet.type 
_struct_sheet.number_strands 
_struct_sheet.details 
A ? 4 ? 
B ? 9 ? 
C ? 8 ? 
# 
loop_
_struct_sheet_order.sheet_id 
_struct_sheet_order.range_id_1 
_struct_sheet_order.range_id_2 
_struct_sheet_order.offset 
_struct_sheet_order.sense 
A 1 2 ? anti-parallel 
A 2 3 ? anti-parallel 
A 3 4 ? anti-parallel 
B 1 2 ? parallel      
B 2 3 ? anti-parallel 
B 3 4 ? anti-parallel 
B 4 5 ? parallel      
B 5 6 ? anti-parallel 
B 6 7 ? parallel      
B 7 8 ? anti-parallel 
B 8 9 ? anti-parallel 
C 1 2 ? anti-parallel 
C 2 3 ? anti-parallel 
C 3 4 ? parallel      
C 4 5 ? anti-parallel 
C 5 6 ? parallel      
C 6 7 ? anti-parallel 
C 7 8 ? anti-parallel 
# 
loop_
_struct_sheet_range.sheet_id 
_struct_sheet_range.id 
_struct_sheet_range.beg_label_comp_id 
_struct_sheet_range.beg_label_asym_id 
_struct_sheet_range.beg_label_seq_id 
_struct_sheet_range.pdbx_beg_PDB_ins_code 
_struct_sheet_range.end_label_comp_id 
_struct_sheet_range.end_label_asym_id 
_struct_sheet_range.end_label_seq_id 
_struct_sheet_range.pdbx_end_PDB_ins_code 
_struct_sheet_range.beg_auth_comp_id 
_struct_sheet_range.beg_auth_asym_id 
_struct_sheet_range.beg_auth_seq_id 
_struct_sheet_range.end_auth_comp_id 
_struct_sheet_range.end_auth_asym_id 
_struct_sheet_range.end_auth_seq_id 
A 1 GLN A 2  ? ILE A 3  ? GLN A 2  ILE A 3  
A 2 THR B 96 ? ASN B 98 ? THR B 96 ASN B 98 
A 3 THR A 96 ? ASN A 98 ? THR A 96 ASN A 98 
A 4 GLN B 2  ? ILE B 3  ? GLN B 2  ILE B 3  
B 1 VAL C 2  ? VAL C 3  ? VAL N 2  VAL N 3  
B 2 LYS A 43 ? GLY A 49 ? LYS A 43 GLY A 49 
B 3 ILE A 54 ? ILE A 66 ? ILE A 54 ILE A 66 
B 4 HIS A 69 ? VAL A 77 ? HIS A 69 VAL A 77 
B 5 VAL A 32 ? LEU A 33 ? VAL A 32 LEU A 33 
B 6 ILE A 84 ? ILE A 85 ? ILE A 84 ILE A 85 
B 7 GLN A 18 ? LEU A 24 ? GLN A 18 LEU A 24 
B 8 LEU A 10 ? ILE A 15 ? LEU A 10 ILE A 15 
B 9 ILE A 54 ? ILE A 66 ? ILE A 54 ILE A 66 
C 1 LYS B 43 ? GLY B 48 ? LYS B 43 GLY B 48 
C 2 PHE B 53 ? ILE B 66 ? PHE B 53 ILE B 66 
C 3 HIS B 69 ? VAL B 77 ? HIS B 69 VAL B 77 
C 4 VAL B 32 ? LEU B 33 ? VAL B 32 LEU B 33 
C 5 ILE B 84 ? ILE B 85 ? ILE B 84 ILE B 85 
C 6 GLN B 18 ? LEU B 24 ? GLN B 18 LEU B 24 
C 7 LEU B 10 ? ILE B 15 ? LEU B 10 ILE B 15 
C 8 PHE B 53 ? ILE B 66 ? PHE B 53 ILE B 66 
# 
loop_
_pdbx_struct_sheet_hbond.sheet_id 
_pdbx_struct_sheet_hbond.range_id_1 
_pdbx_struct_sheet_hbond.range_id_2 
_pdbx_struct_sheet_hbond.range_1_label_atom_id 
_pdbx_struct_sheet_hbond.range_1_label_comp_id 
_pdbx_struct_sheet_hbond.range_1_label_asym_id 
_pdbx_struct_sheet_hbond.range_1_label_seq_id 
_pdbx_struct_sheet_hbond.range_1_PDB_ins_code 
_pdbx_struct_sheet_hbond.range_1_auth_atom_id 
_pdbx_struct_sheet_hbond.range_1_auth_comp_id 
_pdbx_struct_sheet_hbond.range_1_auth_asym_id 
_pdbx_struct_sheet_hbond.range_1_auth_seq_id 
_pdbx_struct_sheet_hbond.range_2_label_atom_id 
_pdbx_struct_sheet_hbond.range_2_label_comp_id 
_pdbx_struct_sheet_hbond.range_2_label_asym_id 
_pdbx_struct_sheet_hbond.range_2_label_seq_id 
_pdbx_struct_sheet_hbond.range_2_PDB_ins_code 
_pdbx_struct_sheet_hbond.range_2_auth_atom_id 
_pdbx_struct_sheet_hbond.range_2_auth_comp_id 
_pdbx_struct_sheet_hbond.range_2_auth_asym_id 
_pdbx_struct_sheet_hbond.range_2_auth_seq_id 
A 1 2 N ILE A 3  ? N ILE A 3  O LEU B 97 ? O LEU B 97 
A 2 3 O ASN B 98 ? O ASN B 98 N THR A 96 ? N THR A 96 
A 3 4 N LEU A 97 ? N LEU A 97 O ILE B 3  ? O ILE B 3  
B 1 2 O VAL C 3  ? O VAL N 3  N GLY A 48 ? N GLY A 48 
B 2 3 N LYS A 45 ? N LYS A 45 O VAL A 56 ? O VAL A 56 
B 3 4 N ILE A 64 ? N ILE A 64 O ALA A 71 ? O ALA A 71 
B 4 5 O LEU A 76 ? O LEU A 76 N LEU A 33 ? N LEU A 33 
B 5 6 N VAL A 32 ? N VAL A 32 O ILE A 84 ? O ILE A 84 
B 6 7 O ILE A 85 ? O ILE A 85 N LEU A 23 ? N LEU A 23 
B 7 8 O LYS A 20 ? O LYS A 20 N ILE A 13 ? N ILE A 13 
B 8 9 N LYS A 14 ? N LYS A 14 O GLU A 65 ? O GLU A 65 
C 1 2 N LYS B 43 ? N LYS B 43 O GLN B 58 ? O GLN B 58 
C 2 3 N ILE B 66 ? N ILE B 66 O HIS B 69 ? O HIS B 69 
C 3 4 O LEU B 76 ? O LEU B 76 N LEU B 33 ? N LEU B 33 
C 4 5 N VAL B 32 ? N VAL B 32 O ILE B 84 ? O ILE B 84 
C 5 6 O ILE B 85 ? O ILE B 85 N LEU B 23 ? N LEU B 23 
C 6 7 O LYS B 20 ? O LYS B 20 N ILE B 13 ? N ILE B 13 
C 7 8 N LYS B 14 ? N LYS B 14 O GLU B 65 ? O GLU B 65 
# 
loop_
_struct_site.id 
_struct_site.pdbx_evidence_code 
_struct_site.pdbx_auth_asym_id 
_struct_site.pdbx_auth_comp_id 
_struct_site.pdbx_auth_seq_id 
_struct_site.pdbx_auth_ins_code 
_struct_site.pdbx_num_residues 
_struct_site.details 
AC1 Software A IOP 101 ? 10 'BINDING SITE FOR RESIDUE IOP A 101'    
AC2 Software ? ?   ?   ? 22 'BINDING SITE FOR CHAIN N OF PEPSTATIN' 
# 
loop_
_struct_site_gen.id 
_struct_site_gen.site_id 
_struct_site_gen.pdbx_num_res 
_struct_site_gen.label_comp_id 
_struct_site_gen.label_asym_id 
_struct_site_gen.label_seq_id 
_struct_site_gen.pdbx_auth_ins_code 
_struct_site_gen.auth_comp_id 
_struct_site_gen.auth_asym_id 
_struct_site_gen.auth_seq_id 
_struct_site_gen.label_atom_id 
_struct_site_gen.label_alt_id 
_struct_site_gen.symmetry 
_struct_site_gen.details 
1  AC1 10 TRP A 42 ? TRP A 42  . ? 1_555 ? 
2  AC1 10 PRO A 44 ? PRO A 44  . ? 1_555 ? 
3  AC1 10 LYS A 45 ? LYS A 45  . ? 1_555 ? 
4  AC1 10 LYS A 55 ? LYS A 55  . ? 1_555 ? 
5  AC1 10 VAL A 56 ? VAL A 56  . ? 1_555 ? 
6  AC1 10 GLN A 92 ? GLN A 92  . ? 3_655 ? 
7  AC1 10 ILE A 93 ? ILE A 93  . ? 3_655 ? 
8  AC1 10 GLY A 94 ? GLY A 94  . ? 3_655 ? 
9  AC1 10 HOH E .  ? HOH A 207 . ? 3_655 ? 
10 AC1 10 TRP B 6  ? TRP B 6   . ? 3_655 ? 
11 AC2 22 ARG A 8  ? ARG A 8   . ? 1_555 ? 
12 AC2 22 ASP A 25 ? ASP A 25  . ? 1_555 ? 
13 AC2 22 GLY A 27 ? GLY A 27  . ? 1_555 ? 
14 AC2 22 ALA A 28 ? ALA A 28  . ? 1_555 ? 
15 AC2 22 ASP A 29 ? ASP A 29  . ? 1_555 ? 
16 AC2 22 ASP A 30 ? ASP A 30  . ? 1_555 ? 
17 AC2 22 ILE A 47 ? ILE A 47  . ? 1_555 ? 
18 AC2 22 GLY A 48 ? GLY A 48  . ? 1_555 ? 
19 AC2 22 GLY A 49 ? GLY A 49  . ? 1_555 ? 
20 AC2 22 ILE A 50 ? ILE A 50  . ? 1_555 ? 
21 AC2 22 ILE A 84 ? ILE A 84  . ? 1_555 ? 
22 AC2 22 ARG B 8  ? ARG B 8   . ? 1_555 ? 
23 AC2 22 ASP B 25 ? ASP B 25  . ? 1_555 ? 
24 AC2 22 GLY B 27 ? GLY B 27  . ? 1_555 ? 
25 AC2 22 ALA B 28 ? ALA B 28  . ? 1_555 ? 
26 AC2 22 ASP B 29 ? ASP B 29  . ? 1_555 ? 
27 AC2 22 ASP B 30 ? ASP B 30  . ? 1_555 ? 
28 AC2 22 ILE B 47 ? ILE B 47  . ? 1_555 ? 
29 AC2 22 GLY B 48 ? GLY B 48  . ? 1_555 ? 
30 AC2 22 HOH F .  ? HOH B 208 . ? 1_555 ? 
31 AC2 22 HOH F .  ? HOH B 242 . ? 1_555 ? 
32 AC2 22 HOH G .  ? HOH N 101 . ? 1_555 ? 
# 
_pdbx_entry_details.entry_id                   4EJK 
_pdbx_entry_details.compound_details           ? 
_pdbx_entry_details.source_details             ? 
_pdbx_entry_details.nonpolymer_details         ? 
_pdbx_entry_details.sequence_details           ? 
_pdbx_entry_details.has_ligand_of_interest     ? 
_pdbx_entry_details.has_protein_modification   Y 
# 
_pdbx_validate_rmsd_angle.id                         1 
_pdbx_validate_rmsd_angle.PDB_model_num              1 
_pdbx_validate_rmsd_angle.auth_atom_id_1             CA 
_pdbx_validate_rmsd_angle.auth_asym_id_1             B 
_pdbx_validate_rmsd_angle.auth_comp_id_1             LEU 
_pdbx_validate_rmsd_angle.auth_seq_id_1              23 
_pdbx_validate_rmsd_angle.PDB_ins_code_1             ? 
_pdbx_validate_rmsd_angle.label_alt_id_1             A 
_pdbx_validate_rmsd_angle.auth_atom_id_2             CB 
_pdbx_validate_rmsd_angle.auth_asym_id_2             B 
_pdbx_validate_rmsd_angle.auth_comp_id_2             LEU 
_pdbx_validate_rmsd_angle.auth_seq_id_2              23 
_pdbx_validate_rmsd_angle.PDB_ins_code_2             ? 
_pdbx_validate_rmsd_angle.label_alt_id_2             A 
_pdbx_validate_rmsd_angle.auth_atom_id_3             CG 
_pdbx_validate_rmsd_angle.auth_asym_id_3             B 
_pdbx_validate_rmsd_angle.auth_comp_id_3             LEU 
_pdbx_validate_rmsd_angle.auth_seq_id_3              23 
_pdbx_validate_rmsd_angle.PDB_ins_code_3             ? 
_pdbx_validate_rmsd_angle.label_alt_id_3             A 
_pdbx_validate_rmsd_angle.angle_value                133.04 
_pdbx_validate_rmsd_angle.angle_target_value         115.30 
_pdbx_validate_rmsd_angle.angle_deviation            17.74 
_pdbx_validate_rmsd_angle.angle_standard_deviation   2.30 
_pdbx_validate_rmsd_angle.linker_flag                N 
# 
loop_
_pdbx_validate_polymer_linkage.id 
_pdbx_validate_polymer_linkage.PDB_model_num 
_pdbx_validate_polymer_linkage.auth_atom_id_1 
_pdbx_validate_polymer_linkage.auth_asym_id_1 
_pdbx_validate_polymer_linkage.auth_comp_id_1 
_pdbx_validate_polymer_linkage.auth_seq_id_1 
_pdbx_validate_polymer_linkage.PDB_ins_code_1 
_pdbx_validate_polymer_linkage.label_alt_id_1 
_pdbx_validate_polymer_linkage.auth_atom_id_2 
_pdbx_validate_polymer_linkage.auth_asym_id_2 
_pdbx_validate_polymer_linkage.auth_comp_id_2 
_pdbx_validate_polymer_linkage.auth_seq_id_2 
_pdbx_validate_polymer_linkage.PDB_ins_code_2 
_pdbx_validate_polymer_linkage.label_alt_id_2 
_pdbx_validate_polymer_linkage.dist 
1 1 C N IVA 1 ? ? N N VAL 2 ? ? 2.30 
2 1 C N VAL 3 ? ? N N STA 4 ? ? 2.24 
3 1 C N STA 4 ? ? N N ALA 5 ? ? 2.02 
4 1 C N ALA 5 ? ? N N STA 6 ? ? 2.18 
# 
_pdbx_molecule_features.prd_id    PRD_000557 
_pdbx_molecule_features.name      Pepstatin 
_pdbx_molecule_features.type      Oligopeptide 
_pdbx_molecule_features.class     'Enzyme inhibitor' 
_pdbx_molecule_features.details   ? 
# 
_pdbx_molecule.instance_id   1 
_pdbx_molecule.prd_id        PRD_000557 
_pdbx_molecule.asym_id       C 
# 
_pdbx_phasing_MR.entry_id                     4EJK 
_pdbx_phasing_MR.method_rotation              ? 
_pdbx_phasing_MR.method_translation           ? 
_pdbx_phasing_MR.model_details                ? 
_pdbx_phasing_MR.R_factor                     ? 
_pdbx_phasing_MR.R_rigid_body                 ? 
_pdbx_phasing_MR.correlation_coeff_Fo_to_Fc   ? 
_pdbx_phasing_MR.correlation_coeff_Io_to_Ic   ? 
_pdbx_phasing_MR.d_res_high_rotation          1.870 
_pdbx_phasing_MR.d_res_low_rotation           15.750 
_pdbx_phasing_MR.d_res_high_translation       1.870 
_pdbx_phasing_MR.d_res_low_translation        15.750 
_pdbx_phasing_MR.packing                      ? 
_pdbx_phasing_MR.reflns_percent_rotation      ? 
_pdbx_phasing_MR.reflns_percent_translation   ? 
_pdbx_phasing_MR.sigma_F_rotation             ? 
_pdbx_phasing_MR.sigma_F_translation          ? 
_pdbx_phasing_MR.sigma_I_rotation             ? 
_pdbx_phasing_MR.sigma_I_translation          ? 
# 
_phasing.method   MR 
# 
loop_
_chem_comp_atom.comp_id 
_chem_comp_atom.atom_id 
_chem_comp_atom.type_symbol 
_chem_comp_atom.pdbx_aromatic_flag 
_chem_comp_atom.pdbx_stereo_config 
_chem_comp_atom.pdbx_ordinal 
ALA N      N N N 1   
ALA CA     C N S 2   
ALA C      C N N 3   
ALA O      O N N 4   
ALA CB     C N N 5   
ALA OXT    O N N 6   
ALA H      H N N 7   
ALA H2     H N N 8   
ALA HA     H N N 9   
ALA HB1    H N N 10  
ALA HB2    H N N 11  
ALA HB3    H N N 12  
ALA HXT    H N N 13  
ARG N      N N N 14  
ARG CA     C N S 15  
ARG C      C N N 16  
ARG O      O N N 17  
ARG CB     C N N 18  
ARG CG     C N N 19  
ARG CD     C N N 20  
ARG NE     N N N 21  
ARG CZ     C N N 22  
ARG NH1    N N N 23  
ARG NH2    N N N 24  
ARG OXT    O N N 25  
ARG H      H N N 26  
ARG H2     H N N 27  
ARG HA     H N N 28  
ARG HB2    H N N 29  
ARG HB3    H N N 30  
ARG HG2    H N N 31  
ARG HG3    H N N 32  
ARG HD2    H N N 33  
ARG HD3    H N N 34  
ARG HE     H N N 35  
ARG HH11   H N N 36  
ARG HH12   H N N 37  
ARG HH21   H N N 38  
ARG HH22   H N N 39  
ARG HXT    H N N 40  
ASN N      N N N 41  
ASN CA     C N S 42  
ASN C      C N N 43  
ASN O      O N N 44  
ASN CB     C N N 45  
ASN CG     C N N 46  
ASN OD1    O N N 47  
ASN ND2    N N N 48  
ASN OXT    O N N 49  
ASN H      H N N 50  
ASN H2     H N N 51  
ASN HA     H N N 52  
ASN HB2    H N N 53  
ASN HB3    H N N 54  
ASN HD21   H N N 55  
ASN HD22   H N N 56  
ASN HXT    H N N 57  
ASP N      N N N 58  
ASP CA     C N S 59  
ASP C      C N N 60  
ASP O      O N N 61  
ASP CB     C N N 62  
ASP CG     C N N 63  
ASP OD1    O N N 64  
ASP OD2    O N N 65  
ASP OXT    O N N 66  
ASP H      H N N 67  
ASP H2     H N N 68  
ASP HA     H N N 69  
ASP HB2    H N N 70  
ASP HB3    H N N 71  
ASP HD2    H N N 72  
ASP HXT    H N N 73  
CYS N      N N N 74  
CYS CA     C N R 75  
CYS C      C N N 76  
CYS O      O N N 77  
CYS CB     C N N 78  
CYS SG     S N N 79  
CYS OXT    O N N 80  
CYS H      H N N 81  
CYS H2     H N N 82  
CYS HA     H N N 83  
CYS HB2    H N N 84  
CYS HB3    H N N 85  
CYS HG     H N N 86  
CYS HXT    H N N 87  
GLN N      N N N 88  
GLN CA     C N S 89  
GLN C      C N N 90  
GLN O      O N N 91  
GLN CB     C N N 92  
GLN CG     C N N 93  
GLN CD     C N N 94  
GLN OE1    O N N 95  
GLN NE2    N N N 96  
GLN OXT    O N N 97  
GLN H      H N N 98  
GLN H2     H N N 99  
GLN HA     H N N 100 
GLN HB2    H N N 101 
GLN HB3    H N N 102 
GLN HG2    H N N 103 
GLN HG3    H N N 104 
GLN HE21   H N N 105 
GLN HE22   H N N 106 
GLN HXT    H N N 107 
GLU N      N N N 108 
GLU CA     C N S 109 
GLU C      C N N 110 
GLU O      O N N 111 
GLU CB     C N N 112 
GLU CG     C N N 113 
GLU CD     C N N 114 
GLU OE1    O N N 115 
GLU OE2    O N N 116 
GLU OXT    O N N 117 
GLU H      H N N 118 
GLU H2     H N N 119 
GLU HA     H N N 120 
GLU HB2    H N N 121 
GLU HB3    H N N 122 
GLU HG2    H N N 123 
GLU HG3    H N N 124 
GLU HE2    H N N 125 
GLU HXT    H N N 126 
GLY N      N N N 127 
GLY CA     C N N 128 
GLY C      C N N 129 
GLY O      O N N 130 
GLY OXT    O N N 131 
GLY H      H N N 132 
GLY H2     H N N 133 
GLY HA2    H N N 134 
GLY HA3    H N N 135 
GLY HXT    H N N 136 
HIS N      N N N 137 
HIS CA     C N S 138 
HIS C      C N N 139 
HIS O      O N N 140 
HIS CB     C N N 141 
HIS CG     C Y N 142 
HIS ND1    N Y N 143 
HIS CD2    C Y N 144 
HIS CE1    C Y N 145 
HIS NE2    N Y N 146 
HIS OXT    O N N 147 
HIS H      H N N 148 
HIS H2     H N N 149 
HIS HA     H N N 150 
HIS HB2    H N N 151 
HIS HB3    H N N 152 
HIS HD1    H N N 153 
HIS HD2    H N N 154 
HIS HE1    H N N 155 
HIS HE2    H N N 156 
HIS HXT    H N N 157 
HOH O      O N N 158 
HOH H1     H N N 159 
HOH H2     H N N 160 
ILE N      N N N 161 
ILE CA     C N S 162 
ILE C      C N N 163 
ILE O      O N N 164 
ILE CB     C N S 165 
ILE CG1    C N N 166 
ILE CG2    C N N 167 
ILE CD1    C N N 168 
ILE OXT    O N N 169 
ILE H      H N N 170 
ILE H2     H N N 171 
ILE HA     H N N 172 
ILE HB     H N N 173 
ILE HG12   H N N 174 
ILE HG13   H N N 175 
ILE HG21   H N N 176 
ILE HG22   H N N 177 
ILE HG23   H N N 178 
ILE HD11   H N N 179 
ILE HD12   H N N 180 
ILE HD13   H N N 181 
ILE HXT    H N N 182 
IOP "C1'"  C N N 183 
IOP O1     O N N 184 
IOP O2     O N N 185 
IOP "C2'"  C N N 186 
IOP "C3'"  C N N 187 
IOP N1     N Y N 188 
IOP C2     C Y N 189 
IOP C3     C Y N 190 
IOP C3A    C Y N 191 
IOP C4     C Y N 192 
IOP C5     C Y N 193 
IOP C6     C Y N 194 
IOP C7     C Y N 195 
IOP C7A    C Y N 196 
IOP HO2    H N N 197 
IOP "H2'1" H N N 198 
IOP "H2'2" H N N 199 
IOP "H3'1" H N N 200 
IOP "H3'2" H N N 201 
IOP HN1    H N N 202 
IOP H2     H N N 203 
IOP H4     H N N 204 
IOP H5     H N N 205 
IOP H6     H N N 206 
IOP H7     H N N 207 
IVA CA     C N N 208 
IVA CB     C N N 209 
IVA CG1    C N N 210 
IVA CG2    C N N 211 
IVA C      C N N 212 
IVA O      O N N 213 
IVA OXT    O N N 214 
IVA HA1    H N N 215 
IVA HA2    H N N 216 
IVA HB     H N N 217 
IVA HG11   H N N 218 
IVA HG12   H N N 219 
IVA HG13   H N N 220 
IVA HG21   H N N 221 
IVA HG22   H N N 222 
IVA HG23   H N N 223 
IVA HXT    H N N 224 
LEU N      N N N 225 
LEU CA     C N S 226 
LEU C      C N N 227 
LEU O      O N N 228 
LEU CB     C N N 229 
LEU CG     C N N 230 
LEU CD1    C N N 231 
LEU CD2    C N N 232 
LEU OXT    O N N 233 
LEU H      H N N 234 
LEU H2     H N N 235 
LEU HA     H N N 236 
LEU HB2    H N N 237 
LEU HB3    H N N 238 
LEU HG     H N N 239 
LEU HD11   H N N 240 
LEU HD12   H N N 241 
LEU HD13   H N N 242 
LEU HD21   H N N 243 
LEU HD22   H N N 244 
LEU HD23   H N N 245 
LEU HXT    H N N 246 
LYS N      N N N 247 
LYS CA     C N S 248 
LYS C      C N N 249 
LYS O      O N N 250 
LYS CB     C N N 251 
LYS CG     C N N 252 
LYS CD     C N N 253 
LYS CE     C N N 254 
LYS NZ     N N N 255 
LYS OXT    O N N 256 
LYS H      H N N 257 
LYS H2     H N N 258 
LYS HA     H N N 259 
LYS HB2    H N N 260 
LYS HB3    H N N 261 
LYS HG2    H N N 262 
LYS HG3    H N N 263 
LYS HD2    H N N 264 
LYS HD3    H N N 265 
LYS HE2    H N N 266 
LYS HE3    H N N 267 
LYS HZ1    H N N 268 
LYS HZ2    H N N 269 
LYS HZ3    H N N 270 
LYS HXT    H N N 271 
MET N      N N N 272 
MET CA     C N S 273 
MET C      C N N 274 
MET O      O N N 275 
MET CB     C N N 276 
MET CG     C N N 277 
MET SD     S N N 278 
MET CE     C N N 279 
MET OXT    O N N 280 
MET H      H N N 281 
MET H2     H N N 282 
MET HA     H N N 283 
MET HB2    H N N 284 
MET HB3    H N N 285 
MET HG2    H N N 286 
MET HG3    H N N 287 
MET HE1    H N N 288 
MET HE2    H N N 289 
MET HE3    H N N 290 
MET HXT    H N N 291 
PHE N      N N N 292 
PHE CA     C N S 293 
PHE C      C N N 294 
PHE O      O N N 295 
PHE CB     C N N 296 
PHE CG     C Y N 297 
PHE CD1    C Y N 298 
PHE CD2    C Y N 299 
PHE CE1    C Y N 300 
PHE CE2    C Y N 301 
PHE CZ     C Y N 302 
PHE OXT    O N N 303 
PHE H      H N N 304 
PHE H2     H N N 305 
PHE HA     H N N 306 
PHE HB2    H N N 307 
PHE HB3    H N N 308 
PHE HD1    H N N 309 
PHE HD2    H N N 310 
PHE HE1    H N N 311 
PHE HE2    H N N 312 
PHE HZ     H N N 313 
PHE HXT    H N N 314 
PRO N      N N N 315 
PRO CA     C N S 316 
PRO C      C N N 317 
PRO O      O N N 318 
PRO CB     C N N 319 
PRO CG     C N N 320 
PRO CD     C N N 321 
PRO OXT    O N N 322 
PRO H      H N N 323 
PRO HA     H N N 324 
PRO HB2    H N N 325 
PRO HB3    H N N 326 
PRO HG2    H N N 327 
PRO HG3    H N N 328 
PRO HD2    H N N 329 
PRO HD3    H N N 330 
PRO HXT    H N N 331 
STA N      N N N 332 
STA CA     C N S 333 
STA CB     C N N 334 
STA CG     C N N 335 
STA CD1    C N N 336 
STA CD2    C N N 337 
STA CH     C N S 338 
STA OH     O N N 339 
STA CM     C N N 340 
STA C      C N N 341 
STA O      O N N 342 
STA OXT    O N N 343 
STA H      H N N 344 
STA H2     H N N 345 
STA HA     H N N 346 
STA HB1    H N N 347 
STA HB2    H N N 348 
STA HG     H N N 349 
STA HD11   H N N 350 
STA HD12   H N N 351 
STA HD13   H N N 352 
STA HD21   H N N 353 
STA HD22   H N N 354 
STA HD23   H N N 355 
STA HC     H N N 356 
STA HH     H N N 357 
STA HM1    H N N 358 
STA HM2    H N N 359 
STA HXT    H N N 360 
THR N      N N N 361 
THR CA     C N S 362 
THR C      C N N 363 
THR O      O N N 364 
THR CB     C N R 365 
THR OG1    O N N 366 
THR CG2    C N N 367 
THR OXT    O N N 368 
THR H      H N N 369 
THR H2     H N N 370 
THR HA     H N N 371 
THR HB     H N N 372 
THR HG1    H N N 373 
THR HG21   H N N 374 
THR HG22   H N N 375 
THR HG23   H N N 376 
THR HXT    H N N 377 
TRP N      N N N 378 
TRP CA     C N S 379 
TRP C      C N N 380 
TRP O      O N N 381 
TRP CB     C N N 382 
TRP CG     C Y N 383 
TRP CD1    C Y N 384 
TRP CD2    C Y N 385 
TRP NE1    N Y N 386 
TRP CE2    C Y N 387 
TRP CE3    C Y N 388 
TRP CZ2    C Y N 389 
TRP CZ3    C Y N 390 
TRP CH2    C Y N 391 
TRP OXT    O N N 392 
TRP H      H N N 393 
TRP H2     H N N 394 
TRP HA     H N N 395 
TRP HB2    H N N 396 
TRP HB3    H N N 397 
TRP HD1    H N N 398 
TRP HE1    H N N 399 
TRP HE3    H N N 400 
TRP HZ2    H N N 401 
TRP HZ3    H N N 402 
TRP HH2    H N N 403 
TRP HXT    H N N 404 
TYR N      N N N 405 
TYR CA     C N S 406 
TYR C      C N N 407 
TYR O      O N N 408 
TYR CB     C N N 409 
TYR CG     C Y N 410 
TYR CD1    C Y N 411 
TYR CD2    C Y N 412 
TYR CE1    C Y N 413 
TYR CE2    C Y N 414 
TYR CZ     C Y N 415 
TYR OH     O N N 416 
TYR OXT    O N N 417 
TYR H      H N N 418 
TYR H2     H N N 419 
TYR HA     H N N 420 
TYR HB2    H N N 421 
TYR HB3    H N N 422 
TYR HD1    H N N 423 
TYR HD2    H N N 424 
TYR HE1    H N N 425 
TYR HE2    H N N 426 
TYR HH     H N N 427 
TYR HXT    H N N 428 
VAL N      N N N 429 
VAL CA     C N S 430 
VAL C      C N N 431 
VAL O      O N N 432 
VAL CB     C N N 433 
VAL CG1    C N N 434 
VAL CG2    C N N 435 
VAL OXT    O N N 436 
VAL H      H N N 437 
VAL H2     H N N 438 
VAL HA     H N N 439 
VAL HB     H N N 440 
VAL HG11   H N N 441 
VAL HG12   H N N 442 
VAL HG13   H N N 443 
VAL HG21   H N N 444 
VAL HG22   H N N 445 
VAL HG23   H N N 446 
VAL HXT    H N N 447 
# 
loop_
_chem_comp_bond.comp_id 
_chem_comp_bond.atom_id_1 
_chem_comp_bond.atom_id_2 
_chem_comp_bond.value_order 
_chem_comp_bond.pdbx_aromatic_flag 
_chem_comp_bond.pdbx_stereo_config 
_chem_comp_bond.pdbx_ordinal 
ALA N     CA     sing N N 1   
ALA N     H      sing N N 2   
ALA N     H2     sing N N 3   
ALA CA    C      sing N N 4   
ALA CA    CB     sing N N 5   
ALA CA    HA     sing N N 6   
ALA C     O      doub N N 7   
ALA C     OXT    sing N N 8   
ALA CB    HB1    sing N N 9   
ALA CB    HB2    sing N N 10  
ALA CB    HB3    sing N N 11  
ALA OXT   HXT    sing N N 12  
ARG N     CA     sing N N 13  
ARG N     H      sing N N 14  
ARG N     H2     sing N N 15  
ARG CA    C      sing N N 16  
ARG CA    CB     sing N N 17  
ARG CA    HA     sing N N 18  
ARG C     O      doub N N 19  
ARG C     OXT    sing N N 20  
ARG CB    CG     sing N N 21  
ARG CB    HB2    sing N N 22  
ARG CB    HB3    sing N N 23  
ARG CG    CD     sing N N 24  
ARG CG    HG2    sing N N 25  
ARG CG    HG3    sing N N 26  
ARG CD    NE     sing N N 27  
ARG CD    HD2    sing N N 28  
ARG CD    HD3    sing N N 29  
ARG NE    CZ     sing N N 30  
ARG NE    HE     sing N N 31  
ARG CZ    NH1    sing N N 32  
ARG CZ    NH2    doub N N 33  
ARG NH1   HH11   sing N N 34  
ARG NH1   HH12   sing N N 35  
ARG NH2   HH21   sing N N 36  
ARG NH2   HH22   sing N N 37  
ARG OXT   HXT    sing N N 38  
ASN N     CA     sing N N 39  
ASN N     H      sing N N 40  
ASN N     H2     sing N N 41  
ASN CA    C      sing N N 42  
ASN CA    CB     sing N N 43  
ASN CA    HA     sing N N 44  
ASN C     O      doub N N 45  
ASN C     OXT    sing N N 46  
ASN CB    CG     sing N N 47  
ASN CB    HB2    sing N N 48  
ASN CB    HB3    sing N N 49  
ASN CG    OD1    doub N N 50  
ASN CG    ND2    sing N N 51  
ASN ND2   HD21   sing N N 52  
ASN ND2   HD22   sing N N 53  
ASN OXT   HXT    sing N N 54  
ASP N     CA     sing N N 55  
ASP N     H      sing N N 56  
ASP N     H2     sing N N 57  
ASP CA    C      sing N N 58  
ASP CA    CB     sing N N 59  
ASP CA    HA     sing N N 60  
ASP C     O      doub N N 61  
ASP C     OXT    sing N N 62  
ASP CB    CG     sing N N 63  
ASP CB    HB2    sing N N 64  
ASP CB    HB3    sing N N 65  
ASP CG    OD1    doub N N 66  
ASP CG    OD2    sing N N 67  
ASP OD2   HD2    sing N N 68  
ASP OXT   HXT    sing N N 69  
CYS N     CA     sing N N 70  
CYS N     H      sing N N 71  
CYS N     H2     sing N N 72  
CYS CA    C      sing N N 73  
CYS CA    CB     sing N N 74  
CYS CA    HA     sing N N 75  
CYS C     O      doub N N 76  
CYS C     OXT    sing N N 77  
CYS CB    SG     sing N N 78  
CYS CB    HB2    sing N N 79  
CYS CB    HB3    sing N N 80  
CYS SG    HG     sing N N 81  
CYS OXT   HXT    sing N N 82  
GLN N     CA     sing N N 83  
GLN N     H      sing N N 84  
GLN N     H2     sing N N 85  
GLN CA    C      sing N N 86  
GLN CA    CB     sing N N 87  
GLN CA    HA     sing N N 88  
GLN C     O      doub N N 89  
GLN C     OXT    sing N N 90  
GLN CB    CG     sing N N 91  
GLN CB    HB2    sing N N 92  
GLN CB    HB3    sing N N 93  
GLN CG    CD     sing N N 94  
GLN CG    HG2    sing N N 95  
GLN CG    HG3    sing N N 96  
GLN CD    OE1    doub N N 97  
GLN CD    NE2    sing N N 98  
GLN NE2   HE21   sing N N 99  
GLN NE2   HE22   sing N N 100 
GLN OXT   HXT    sing N N 101 
GLU N     CA     sing N N 102 
GLU N     H      sing N N 103 
GLU N     H2     sing N N 104 
GLU CA    C      sing N N 105 
GLU CA    CB     sing N N 106 
GLU CA    HA     sing N N 107 
GLU C     O      doub N N 108 
GLU C     OXT    sing N N 109 
GLU CB    CG     sing N N 110 
GLU CB    HB2    sing N N 111 
GLU CB    HB3    sing N N 112 
GLU CG    CD     sing N N 113 
GLU CG    HG2    sing N N 114 
GLU CG    HG3    sing N N 115 
GLU CD    OE1    doub N N 116 
GLU CD    OE2    sing N N 117 
GLU OE2   HE2    sing N N 118 
GLU OXT   HXT    sing N N 119 
GLY N     CA     sing N N 120 
GLY N     H      sing N N 121 
GLY N     H2     sing N N 122 
GLY CA    C      sing N N 123 
GLY CA    HA2    sing N N 124 
GLY CA    HA3    sing N N 125 
GLY C     O      doub N N 126 
GLY C     OXT    sing N N 127 
GLY OXT   HXT    sing N N 128 
HIS N     CA     sing N N 129 
HIS N     H      sing N N 130 
HIS N     H2     sing N N 131 
HIS CA    C      sing N N 132 
HIS CA    CB     sing N N 133 
HIS CA    HA     sing N N 134 
HIS C     O      doub N N 135 
HIS C     OXT    sing N N 136 
HIS CB    CG     sing N N 137 
HIS CB    HB2    sing N N 138 
HIS CB    HB3    sing N N 139 
HIS CG    ND1    sing Y N 140 
HIS CG    CD2    doub Y N 141 
HIS ND1   CE1    doub Y N 142 
HIS ND1   HD1    sing N N 143 
HIS CD2   NE2    sing Y N 144 
HIS CD2   HD2    sing N N 145 
HIS CE1   NE2    sing Y N 146 
HIS CE1   HE1    sing N N 147 
HIS NE2   HE2    sing N N 148 
HIS OXT   HXT    sing N N 149 
HOH O     H1     sing N N 150 
HOH O     H2     sing N N 151 
ILE N     CA     sing N N 152 
ILE N     H      sing N N 153 
ILE N     H2     sing N N 154 
ILE CA    C      sing N N 155 
ILE CA    CB     sing N N 156 
ILE CA    HA     sing N N 157 
ILE C     O      doub N N 158 
ILE C     OXT    sing N N 159 
ILE CB    CG1    sing N N 160 
ILE CB    CG2    sing N N 161 
ILE CB    HB     sing N N 162 
ILE CG1   CD1    sing N N 163 
ILE CG1   HG12   sing N N 164 
ILE CG1   HG13   sing N N 165 
ILE CG2   HG21   sing N N 166 
ILE CG2   HG22   sing N N 167 
ILE CG2   HG23   sing N N 168 
ILE CD1   HD11   sing N N 169 
ILE CD1   HD12   sing N N 170 
ILE CD1   HD13   sing N N 171 
ILE OXT   HXT    sing N N 172 
IOP "C1'" O1     doub N N 173 
IOP "C1'" O2     sing N N 174 
IOP "C1'" "C2'"  sing N N 175 
IOP O2    HO2    sing N N 176 
IOP "C2'" "C3'"  sing N N 177 
IOP "C2'" "H2'1" sing N N 178 
IOP "C2'" "H2'2" sing N N 179 
IOP "C3'" C3     sing N N 180 
IOP "C3'" "H3'1" sing N N 181 
IOP "C3'" "H3'2" sing N N 182 
IOP N1    C2     sing Y N 183 
IOP N1    C7A    sing Y N 184 
IOP N1    HN1    sing N N 185 
IOP C2    C3     doub Y N 186 
IOP C2    H2     sing N N 187 
IOP C3    C3A    sing Y N 188 
IOP C3A   C4     doub Y N 189 
IOP C3A   C7A    sing Y N 190 
IOP C4    C5     sing Y N 191 
IOP C4    H4     sing N N 192 
IOP C5    C6     doub Y N 193 
IOP C5    H5     sing N N 194 
IOP C6    C7     sing Y N 195 
IOP C6    H6     sing N N 196 
IOP C7    C7A    doub Y N 197 
IOP C7    H7     sing N N 198 
IVA CA    CB     sing N N 199 
IVA CA    C      sing N N 200 
IVA CA    HA1    sing N N 201 
IVA CA    HA2    sing N N 202 
IVA CB    CG1    sing N N 203 
IVA CB    CG2    sing N N 204 
IVA CB    HB     sing N N 205 
IVA CG1   HG11   sing N N 206 
IVA CG1   HG12   sing N N 207 
IVA CG1   HG13   sing N N 208 
IVA CG2   HG21   sing N N 209 
IVA CG2   HG22   sing N N 210 
IVA CG2   HG23   sing N N 211 
IVA C     O      doub N N 212 
IVA C     OXT    sing N N 213 
IVA OXT   HXT    sing N N 214 
LEU N     CA     sing N N 215 
LEU N     H      sing N N 216 
LEU N     H2     sing N N 217 
LEU CA    C      sing N N 218 
LEU CA    CB     sing N N 219 
LEU CA    HA     sing N N 220 
LEU C     O      doub N N 221 
LEU C     OXT    sing N N 222 
LEU CB    CG     sing N N 223 
LEU CB    HB2    sing N N 224 
LEU CB    HB3    sing N N 225 
LEU CG    CD1    sing N N 226 
LEU CG    CD2    sing N N 227 
LEU CG    HG     sing N N 228 
LEU CD1   HD11   sing N N 229 
LEU CD1   HD12   sing N N 230 
LEU CD1   HD13   sing N N 231 
LEU CD2   HD21   sing N N 232 
LEU CD2   HD22   sing N N 233 
LEU CD2   HD23   sing N N 234 
LEU OXT   HXT    sing N N 235 
LYS N     CA     sing N N 236 
LYS N     H      sing N N 237 
LYS N     H2     sing N N 238 
LYS CA    C      sing N N 239 
LYS CA    CB     sing N N 240 
LYS CA    HA     sing N N 241 
LYS C     O      doub N N 242 
LYS C     OXT    sing N N 243 
LYS CB    CG     sing N N 244 
LYS CB    HB2    sing N N 245 
LYS CB    HB3    sing N N 246 
LYS CG    CD     sing N N 247 
LYS CG    HG2    sing N N 248 
LYS CG    HG3    sing N N 249 
LYS CD    CE     sing N N 250 
LYS CD    HD2    sing N N 251 
LYS CD    HD3    sing N N 252 
LYS CE    NZ     sing N N 253 
LYS CE    HE2    sing N N 254 
LYS CE    HE3    sing N N 255 
LYS NZ    HZ1    sing N N 256 
LYS NZ    HZ2    sing N N 257 
LYS NZ    HZ3    sing N N 258 
LYS OXT   HXT    sing N N 259 
MET N     CA     sing N N 260 
MET N     H      sing N N 261 
MET N     H2     sing N N 262 
MET CA    C      sing N N 263 
MET CA    CB     sing N N 264 
MET CA    HA     sing N N 265 
MET C     O      doub N N 266 
MET C     OXT    sing N N 267 
MET CB    CG     sing N N 268 
MET CB    HB2    sing N N 269 
MET CB    HB3    sing N N 270 
MET CG    SD     sing N N 271 
MET CG    HG2    sing N N 272 
MET CG    HG3    sing N N 273 
MET SD    CE     sing N N 274 
MET CE    HE1    sing N N 275 
MET CE    HE2    sing N N 276 
MET CE    HE3    sing N N 277 
MET OXT   HXT    sing N N 278 
PHE N     CA     sing N N 279 
PHE N     H      sing N N 280 
PHE N     H2     sing N N 281 
PHE CA    C      sing N N 282 
PHE CA    CB     sing N N 283 
PHE CA    HA     sing N N 284 
PHE C     O      doub N N 285 
PHE C     OXT    sing N N 286 
PHE CB    CG     sing N N 287 
PHE CB    HB2    sing N N 288 
PHE CB    HB3    sing N N 289 
PHE CG    CD1    doub Y N 290 
PHE CG    CD2    sing Y N 291 
PHE CD1   CE1    sing Y N 292 
PHE CD1   HD1    sing N N 293 
PHE CD2   CE2    doub Y N 294 
PHE CD2   HD2    sing N N 295 
PHE CE1   CZ     doub Y N 296 
PHE CE1   HE1    sing N N 297 
PHE CE2   CZ     sing Y N 298 
PHE CE2   HE2    sing N N 299 
PHE CZ    HZ     sing N N 300 
PHE OXT   HXT    sing N N 301 
PRO N     CA     sing N N 302 
PRO N     CD     sing N N 303 
PRO N     H      sing N N 304 
PRO CA    C      sing N N 305 
PRO CA    CB     sing N N 306 
PRO CA    HA     sing N N 307 
PRO C     O      doub N N 308 
PRO C     OXT    sing N N 309 
PRO CB    CG     sing N N 310 
PRO CB    HB2    sing N N 311 
PRO CB    HB3    sing N N 312 
PRO CG    CD     sing N N 313 
PRO CG    HG2    sing N N 314 
PRO CG    HG3    sing N N 315 
PRO CD    HD2    sing N N 316 
PRO CD    HD3    sing N N 317 
PRO OXT   HXT    sing N N 318 
STA N     CA     sing N N 319 
STA N     H      sing N N 320 
STA N     H2     sing N N 321 
STA CA    CB     sing N N 322 
STA CA    CH     sing N N 323 
STA CA    HA     sing N N 324 
STA CB    CG     sing N N 325 
STA CB    HB1    sing N N 326 
STA CB    HB2    sing N N 327 
STA CG    CD1    sing N N 328 
STA CG    CD2    sing N N 329 
STA CG    HG     sing N N 330 
STA CD1   HD11   sing N N 331 
STA CD1   HD12   sing N N 332 
STA CD1   HD13   sing N N 333 
STA CD2   HD21   sing N N 334 
STA CD2   HD22   sing N N 335 
STA CD2   HD23   sing N N 336 
STA CH    OH     sing N N 337 
STA CH    CM     sing N N 338 
STA CH    HC     sing N N 339 
STA OH    HH     sing N N 340 
STA CM    C      sing N N 341 
STA CM    HM1    sing N N 342 
STA CM    HM2    sing N N 343 
STA C     O      doub N N 344 
STA C     OXT    sing N N 345 
STA OXT   HXT    sing N N 346 
THR N     CA     sing N N 347 
THR N     H      sing N N 348 
THR N     H2     sing N N 349 
THR CA    C      sing N N 350 
THR CA    CB     sing N N 351 
THR CA    HA     sing N N 352 
THR C     O      doub N N 353 
THR C     OXT    sing N N 354 
THR CB    OG1    sing N N 355 
THR CB    CG2    sing N N 356 
THR CB    HB     sing N N 357 
THR OG1   HG1    sing N N 358 
THR CG2   HG21   sing N N 359 
THR CG2   HG22   sing N N 360 
THR CG2   HG23   sing N N 361 
THR OXT   HXT    sing N N 362 
TRP N     CA     sing N N 363 
TRP N     H      sing N N 364 
TRP N     H2     sing N N 365 
TRP CA    C      sing N N 366 
TRP CA    CB     sing N N 367 
TRP CA    HA     sing N N 368 
TRP C     O      doub N N 369 
TRP C     OXT    sing N N 370 
TRP CB    CG     sing N N 371 
TRP CB    HB2    sing N N 372 
TRP CB    HB3    sing N N 373 
TRP CG    CD1    doub Y N 374 
TRP CG    CD2    sing Y N 375 
TRP CD1   NE1    sing Y N 376 
TRP CD1   HD1    sing N N 377 
TRP CD2   CE2    doub Y N 378 
TRP CD2   CE3    sing Y N 379 
TRP NE1   CE2    sing Y N 380 
TRP NE1   HE1    sing N N 381 
TRP CE2   CZ2    sing Y N 382 
TRP CE3   CZ3    doub Y N 383 
TRP CE3   HE3    sing N N 384 
TRP CZ2   CH2    doub Y N 385 
TRP CZ2   HZ2    sing N N 386 
TRP CZ3   CH2    sing Y N 387 
TRP CZ3   HZ3    sing N N 388 
TRP CH2   HH2    sing N N 389 
TRP OXT   HXT    sing N N 390 
TYR N     CA     sing N N 391 
TYR N     H      sing N N 392 
TYR N     H2     sing N N 393 
TYR CA    C      sing N N 394 
TYR CA    CB     sing N N 395 
TYR CA    HA     sing N N 396 
TYR C     O      doub N N 397 
TYR C     OXT    sing N N 398 
TYR CB    CG     sing N N 399 
TYR CB    HB2    sing N N 400 
TYR CB    HB3    sing N N 401 
TYR CG    CD1    doub Y N 402 
TYR CG    CD2    sing Y N 403 
TYR CD1   CE1    sing Y N 404 
TYR CD1   HD1    sing N N 405 
TYR CD2   CE2    doub Y N 406 
TYR CD2   HD2    sing N N 407 
TYR CE1   CZ     doub Y N 408 
TYR CE1   HE1    sing N N 409 
TYR CE2   CZ     sing Y N 410 
TYR CE2   HE2    sing N N 411 
TYR CZ    OH     sing N N 412 
TYR OH    HH     sing N N 413 
TYR OXT   HXT    sing N N 414 
VAL N     CA     sing N N 415 
VAL N     H      sing N N 416 
VAL N     H2     sing N N 417 
VAL CA    C      sing N N 418 
VAL CA    CB     sing N N 419 
VAL CA    HA     sing N N 420 
VAL C     O      doub N N 421 
VAL C     OXT    sing N N 422 
VAL CB    CG1    sing N N 423 
VAL CB    CG2    sing N N 424 
VAL CB    HB     sing N N 425 
VAL CG1   HG11   sing N N 426 
VAL CG1   HG12   sing N N 427 
VAL CG1   HG13   sing N N 428 
VAL CG2   HG21   sing N N 429 
VAL CG2   HG22   sing N N 430 
VAL CG2   HG23   sing N N 431 
VAL OXT   HXT    sing N N 432 
# 
_atom_sites.entry_id                    4EJK 
_atom_sites.fract_transf_matrix[1][1]   -0.01038893 
_atom_sites.fract_transf_matrix[1][2]   0.02200110 
_atom_sites.fract_transf_matrix[1][3]   -0.02502342 
_atom_sites.fract_transf_matrix[2][1]   0.01081069 
_atom_sites.fract_transf_matrix[2][2]   0.00983813 
_atom_sites.fract_transf_matrix[2][3]   0.00416163 
_atom_sites.fract_transf_matrix[3][1]   0.00691673 
_atom_sites.fract_transf_matrix[3][2]   -0.00465463 
_atom_sites.fract_transf_matrix[3][3]   -0.00696405 
_atom_sites.fract_transf_vector[1]      0.462952 
_atom_sites.fract_transf_vector[2]      0.052278 
_atom_sites.fract_transf_vector[3]      0.097356 
# 
loop_
_atom_type.symbol 
C 
N 
O 
S 
# 
loop_
_atom_site.group_PDB 
_atom_site.id 
_atom_site.type_symbol 
_atom_site.label_atom_id 
_atom_site.label_alt_id 
_atom_site.label_comp_id 
_atom_site.label_asym_id 
_atom_site.label_entity_id 
_atom_site.label_seq_id 
_atom_site.pdbx_PDB_ins_code 
_atom_site.Cartn_x 
_atom_site.Cartn_y 
_atom_site.Cartn_z 
_atom_site.occupancy 
_atom_site.B_iso_or_equiv 
_atom_site.pdbx_formal_charge 
_atom_site.auth_seq_id 
_atom_site.auth_comp_id 
_atom_site.auth_asym_id 
_atom_site.auth_atom_id 
_atom_site.pdbx_PDB_model_num 
ATOM   1    N N     . PRO A 1 1  ? -4.954  -17.903 -3.199  1.00 10.46 ? 1   PRO A N     1 
ATOM   2    C CA    . PRO A 1 1  ? -5.787  -17.802 -2.008  1.00 10.37 ? 1   PRO A CA    1 
ATOM   3    C C     . PRO A 1 1  ? -6.615  -16.521 -2.011  1.00 10.24 ? 1   PRO A C     1 
ATOM   4    O O     . PRO A 1 1  ? -6.415  -15.648 -2.869  1.00 10.07 ? 1   PRO A O     1 
ATOM   5    C CB    . PRO A 1 1  ? -4.758  -17.762 -0.876  1.00 10.56 ? 1   PRO A CB    1 
ATOM   6    C CG    . PRO A 1 1  ? -3.562  -17.120 -1.497  1.00 10.61 ? 1   PRO A CG    1 
ATOM   7    C CD    . PRO A 1 1  ? -3.537  -17.619 -2.913  1.00 10.52 ? 1   PRO A CD    1 
ATOM   8    N N     . GLN A 1 2  ? -7.555  -16.431 -1.072  1.00 10.00 ? 2   GLN A N     1 
ATOM   9    C CA    . GLN A 1 2  ? -8.242  -15.182 -0.778  1.00 9.71  ? 2   GLN A CA    1 
ATOM   10   C C     . GLN A 1 2  ? -7.741  -14.677 0.568   1.00 9.32  ? 2   GLN A C     1 
ATOM   11   O O     . GLN A 1 2  ? -7.756  -15.411 1.560   1.00 9.44  ? 2   GLN A O     1 
ATOM   12   C CB    . GLN A 1 2  ? -9.761  -15.377 -0.761  1.00 9.93  ? 2   GLN A CB    1 
ATOM   13   C CG    . GLN A 1 2  ? -10.546 -14.148 -0.327  1.00 10.16 ? 2   GLN A CG    1 
ATOM   14   C CD    . GLN A 1 2  ? -12.018 -14.243 -0.668  1.00 10.49 ? 2   GLN A CD    1 
ATOM   15   O OE1   . GLN A 1 2  ? -12.416 -14.059 -1.819  1.00 10.93 ? 2   GLN A OE1   1 
ATOM   16   N NE2   . GLN A 1 2  ? -12.840 -14.522 0.336   1.00 10.73 ? 2   GLN A NE2   1 
ATOM   17   N N     . ILE A 1 3  ? -7.278  -13.429 0.587   1.00 8.66  ? 3   ILE A N     1 
ATOM   18   C CA    . ILE A 1 3  ? -6.698  -12.843 1.787   1.00 8.24  ? 3   ILE A CA    1 
ATOM   19   C C     . ILE A 1 3  ? -7.572  -11.690 2.270   1.00 7.89  ? 3   ILE A C     1 
ATOM   20   O O     . ILE A 1 3  ? -7.747  -10.694 1.565   1.00 7.71  ? 3   ILE A O     1 
ATOM   21   C CB    . ILE A 1 3  ? -5.245  -12.362 1.550   1.00 8.26  ? 3   ILE A CB    1 
ATOM   22   C CG1   . ILE A 1 3  ? -4.356  -13.532 1.103   1.00 8.37  ? 3   ILE A CG1   1 
ATOM   23   C CG2   . ILE A 1 3  ? -4.677  -11.710 2.807   1.00 8.22  ? 3   ILE A CG2   1 
ATOM   24   C CD1   . ILE A 1 3  ? -2.961  -13.126 0.674   1.00 8.36  ? 3   ILE A CD1   1 
ATOM   25   N N     . THR A 1 4  ? -8.131  -11.847 3.466   1.00 7.63  ? 4   THR A N     1 
ATOM   26   C CA    . THR A 1 4  ? -8.887  -10.776 4.112   1.00 7.42  ? 4   THR A CA    1 
ATOM   27   C C     . THR A 1 4  ? -7.902  -9.782  4.713   1.00 7.26  ? 4   THR A C     1 
ATOM   28   O O     . THR A 1 4  ? -6.710  -10.069 4.803   1.00 7.34  ? 4   THR A O     1 
ATOM   29   C CB    . THR A 1 4  ? -9.825  -11.319 5.205   1.00 7.47  ? 4   THR A CB    1 
ATOM   30   O OG1   . THR A 1 4  ? -9.079  -12.155 6.101   1.00 7.38  ? 4   THR A OG1   1 
ATOM   31   C CG2   . THR A 1 4  ? -10.957 -12.123 4.579   1.00 7.52  ? 4   THR A CG2   1 
ATOM   32   N N     . LEU A 1 5  ? -8.392  -8.620  5.133   1.00 7.07  ? 5   LEU A N     1 
ATOM   33   C CA    . LEU A 1 5  ? -7.491  -7.534  5.516   1.00 6.81  ? 5   LEU A CA    1 
ATOM   34   C C     . LEU A 1 5  ? -7.636  -7.092  6.972   1.00 6.74  ? 5   LEU A C     1 
ATOM   35   O O     . LEU A 1 5  ? -7.322  -5.951  7.321   1.00 6.56  ? 5   LEU A O     1 
ATOM   36   C CB    . LEU A 1 5  ? -7.646  -6.355  4.547   1.00 6.77  ? 5   LEU A CB    1 
ATOM   37   C CG    . LEU A 1 5  ? -7.284  -6.670  3.089   1.00 6.75  ? 5   LEU A CG    1 
ATOM   38   C CD1   . LEU A 1 5  ? -7.811  -5.599  2.147   1.00 6.68  ? 5   LEU A CD1   1 
ATOM   39   C CD2   . LEU A 1 5  ? -5.783  -6.878  2.907   1.00 6.75  ? 5   LEU A CD2   1 
ATOM   40   N N     . TRP A 1 6  ? -8.094  -8.013  7.818   1.00 6.72  ? 6   TRP A N     1 
ATOM   41   C CA    . TRP A 1 6  ? -8.212  -7.759  9.255   1.00 6.78  ? 6   TRP A CA    1 
ATOM   42   C C     . TRP A 1 6  ? -6.863  -7.608  9.910   1.00 6.70  ? 6   TRP A C     1 
ATOM   43   O O     . TRP A 1 6  ? -6.744  -6.973  10.953  1.00 6.83  ? 6   TRP A O     1 
ATOM   44   C CB    . TRP A 1 6  ? -9.030  -8.857  9.926   1.00 6.90  ? 6   TRP A CB    1 
ATOM   45   C CG    . TRP A 1 6  ? -10.434 -8.935  9.385   1.00 7.00  ? 6   TRP A CG    1 
ATOM   46   C CD1   . TRP A 1 6  ? -10.969 -9.903  8.540   1.00 7.05  ? 6   TRP A CD1   1 
ATOM   47   C CD2   . TRP A 1 6  ? -11.522 -7.982  9.613   1.00 7.03  ? 6   TRP A CD2   1 
ATOM   48   N NE1   . TRP A 1 6  ? -12.279 -9.629  8.252   1.00 7.09  ? 6   TRP A NE1   1 
ATOM   49   C CE2   . TRP A 1 6  ? -12.677 -8.493  8.865   1.00 7.04  ? 6   TRP A CE2   1 
ATOM   50   C CE3   . TRP A 1 6  ? -11.659 -6.806  10.350  1.00 7.01  ? 6   TRP A CE3   1 
ATOM   51   C CZ2   . TRP A 1 6  ? -13.898 -7.839  8.862   1.00 7.06  ? 6   TRP A CZ2   1 
ATOM   52   C CZ3   . TRP A 1 6  ? -12.900 -6.157  10.341  1.00 7.05  ? 6   TRP A CZ3   1 
ATOM   53   C CH2   . TRP A 1 6  ? -13.989 -6.660  9.612   1.00 7.08  ? 6   TRP A CH2   1 
ATOM   54   N N     . LYS A 1 7  ? -5.837  -8.197  9.297   1.00 6.53  ? 7   LYS A N     1 
ATOM   55   C CA    . LYS A 1 7  ? -4.447  -7.974  9.690   1.00 6.35  ? 7   LYS A CA    1 
ATOM   56   C C     . LYS A 1 7  ? -3.630  -7.651  8.436   1.00 6.19  ? 7   LYS A C     1 
ATOM   57   O O     . LYS A 1 7  ? -4.163  -7.683  7.330   1.00 6.13  ? 7   LYS A O     1 
ATOM   58   C CB    . LYS A 1 7  ? -3.878  -9.194  10.433  1.00 6.45  ? 7   LYS A CB    1 
ATOM   59   C CG    . LYS A 1 7  ? -3.849  -10.489 9.632   1.00 6.59  ? 7   LYS A CG    1 
ATOM   60   C CD    . LYS A 1 7  ? -3.481  -11.667 10.525  1.00 6.71  ? 7   LYS A CD    1 
ATOM   61   C CE    . LYS A 1 7  ? -3.400  -12.966 9.736   1.00 6.81  ? 7   LYS A CE    1 
ATOM   62   N NZ    . LYS A 1 7  ? -2.182  -12.996 8.884   1.00 6.99  ? 7   LYS A NZ    1 
ATOM   63   N N     . ARG A 1 8  ? -2.351  -7.320  8.610   1.00 6.03  ? 8   ARG A N     1 
ATOM   64   C CA    . ARG A 1 8  ? -1.466  -7.025  7.476   1.00 5.91  ? 8   ARG A CA    1 
ATOM   65   C C     . ARG A 1 8  ? -1.313  -8.240  6.556   1.00 5.74  ? 8   ARG A C     1 
ATOM   66   O O     . ARG A 1 8  ? -1.083  -9.350  7.042   1.00 5.71  ? 8   ARG A O     1 
ATOM   67   C CB    . ARG A 1 8  ? -0.096  -6.548  7.976   1.00 6.03  ? 8   ARG A CB    1 
ATOM   68   C CG    . ARG A 1 8  ? -0.145  -5.188  8.654   1.00 6.15  ? 8   ARG A CG    1 
ATOM   69   C CD    . ARG A 1 8  ? 1.201   -4.765  9.215   1.00 6.32  ? 8   ARG A CD    1 
ATOM   70   N NE    . ARG A 1 8  ? 1.067   -3.545  10.013  1.00 6.46  ? 8   ARG A NE    1 
ATOM   71   C CZ    . ARG A 1 8  ? 2.000   -3.059  10.830  1.00 6.70  ? 8   ARG A CZ    1 
ATOM   72   N NH1   . ARG A 1 8  ? 3.167   -3.681  10.981  1.00 6.84  ? 8   ARG A NH1   1 
ATOM   73   N NH2   . ARG A 1 8  ? 1.766   -1.940  11.502  1.00 6.67  ? 8   ARG A NH2   1 
ATOM   74   N N     . PRO A 1 9  ? -1.470  -8.044  5.228   1.00 5.56  ? 9   PRO A N     1 
ATOM   75   C CA    . PRO A 1 9  ? -1.333  -9.155  4.281   1.00 5.52  ? 9   PRO A CA    1 
ATOM   76   C C     . PRO A 1 9  ? 0.128   -9.548  4.049   1.00 5.49  ? 9   PRO A C     1 
ATOM   77   O O     . PRO A 1 9  ? 0.693   -9.300  2.980   1.00 5.42  ? 9   PRO A O     1 
ATOM   78   C CB    . PRO A 1 9  ? -1.990  -8.613  3.000   1.00 5.49  ? 9   PRO A CB    1 
ATOM   79   C CG    . PRO A 1 9  ? -1.817  -7.138  3.096   1.00 5.49  ? 9   PRO A CG    1 
ATOM   80   C CD    . PRO A 1 9  ? -1.918  -6.805  4.560   1.00 5.53  ? 9   PRO A CD    1 
ATOM   81   N N     . LEU A 1 10 ? 0.724   -10.156 5.071   1.00 5.51  ? 10  LEU A N     1 
ATOM   82   C CA    . LEU A 1 10 ? 2.084   -10.667 4.993   1.00 5.52  ? 10  LEU A CA    1 
ATOM   83   C C     . LEU A 1 10 ? 2.070   -12.098 4.472   1.00 5.56  ? 10  LEU A C     1 
ATOM   84   O O     . LEU A 1 10 ? 1.287   -12.931 4.935   1.00 5.51  ? 10  LEU A O     1 
ATOM   85   C CB    . LEU A 1 10 ? 2.753   -10.603 6.367   1.00 5.51  ? 10  LEU A CB    1 
ATOM   86   C CG    . LEU A 1 10 ? 3.100   -9.201  6.875   1.00 5.53  ? 10  LEU A CG    1 
ATOM   87   C CD1   . LEU A 1 10 ? 3.115   -9.178  8.397   1.00 5.57  ? 10  LEU A CD1   1 
ATOM   88   C CD2   . LEU A 1 10 ? 4.424   -8.713  6.299   1.00 5.54  ? 10  LEU A CD2   1 
ATOM   89   N N     . VAL A 1 11 ? 2.928   -12.374 3.495   1.00 5.63  ? 11  VAL A N     1 
ATOM   90   C CA    . VAL A 1 11 ? 2.997   -13.699 2.892   1.00 5.72  ? 11  VAL A CA    1 
ATOM   91   C C     . VAL A 1 11 ? 4.442   -14.162 2.754   1.00 5.82  ? 11  VAL A C     1 
ATOM   92   O O     . VAL A 1 11 ? 5.375   -13.358 2.828   1.00 5.79  ? 11  VAL A O     1 
ATOM   93   C CB    . VAL A 1 11 ? 2.324   -13.739 1.498   1.00 5.77  ? 11  VAL A CB    1 
ATOM   94   C CG1   . VAL A 1 11 ? 0.839   -13.411 1.591   1.00 5.79  ? 11  VAL A CG1   1 
ATOM   95   C CG2   . VAL A 1 11 ? 3.035   -12.809 0.524   1.00 5.68  ? 11  VAL A CG2   1 
ATOM   96   N N     . THR A 1 12 ? 4.612   -15.464 2.550   1.00 5.88  ? 12  THR A N     1 
ATOM   97   C CA    . THR A 1 12 ? 5.926   -16.044 2.314   1.00 6.00  ? 12  THR A CA    1 
ATOM   98   C C     . THR A 1 12 ? 6.368   -15.771 0.880   1.00 6.10  ? 12  THR A C     1 
ATOM   99   O O     . THR A 1 12 ? 5.596   -15.940 -0.072  1.00 6.02  ? 12  THR A O     1 
ATOM   100  C CB    . THR A 1 12 ? 5.930   -17.557 2.614   1.00 6.02  ? 12  THR A CB    1 
ATOM   101  O OG1   . THR A 1 12 ? 5.518   -17.766 3.971   1.00 6.00  ? 12  THR A OG1   1 
ATOM   102  C CG2   . THR A 1 12 ? 7.321   -18.154 2.426   1.00 6.04  ? 12  THR A CG2   1 
ATOM   103  N N     . ILE A 1 13 ? 7.605   -15.307 0.747   1.00 6.23  ? 13  ILE A N     1 
ATOM   104  C CA    . ILE A 1 13 ? 8.229   -15.130 -0.554  1.00 6.40  ? 13  ILE A CA    1 
ATOM   105  C C     . ILE A 1 13 ? 9.550   -15.892 -0.587  1.00 6.58  ? 13  ILE A C     1 
ATOM   106  O O     . ILE A 1 13 ? 10.102  -16.235 0.462   1.00 6.60  ? 13  ILE A O     1 
ATOM   107  C CB    . ILE A 1 13 ? 8.462   -13.642 -0.899  1.00 6.34  ? 13  ILE A CB    1 
ATOM   108  C CG1   . ILE A 1 13 ? 9.466   -13.003 0.077   1.00 6.33  ? 13  ILE A CG1   1 
ATOM   109  C CG2   . ILE A 1 13 ? 7.139   -12.882 -0.915  1.00 6.30  ? 13  ILE A CG2   1 
ATOM   110  C CD1   . ILE A 1 13 ? 10.069  -11.703 -0.415  1.00 6.32  ? 13  ILE A CD1   1 
ATOM   111  N N     . LYS A 1 14 ? 10.044  -16.155 -1.792  1.00 6.91  ? 14  LYS A N     1 
ATOM   112  C CA    . LYS A 1 14 ? 11.370  -16.733 -1.969  1.00 7.24  ? 14  LYS A CA    1 
ATOM   113  C C     . LYS A 1 14 ? 12.119  -15.902 -2.997  1.00 7.32  ? 14  LYS A C     1 
ATOM   114  O O     . LYS A 1 14 ? 11.647  -15.709 -4.121  1.00 7.26  ? 14  LYS A O     1 
ATOM   115  C CB    . LYS A 1 14 ? 11.291  -18.200 -2.401  1.00 7.47  ? 14  LYS A CB    1 
ATOM   116  C CG    . LYS A 1 14 ? 12.635  -18.915 -2.414  1.00 7.68  ? 14  LYS A CG    1 
ATOM   117  C CD    . LYS A 1 14 ? 12.480  -20.393 -2.743  1.00 7.98  ? 14  LYS A CD    1 
ATOM   118  C CE    . LYS A 1 14 ? 13.697  -21.170 -2.267  1.00 8.18  ? 14  LYS A CE    1 
ATOM   119  N NZ    . LYS A 1 14 ? 13.522  -22.647 -2.355  1.00 8.47  ? 14  LYS A NZ    1 
ATOM   120  N N     . ILE A 1 15 ? 13.270  -15.383 -2.582  1.00 7.53  ? 15  ILE A N     1 
ATOM   121  C CA    . ILE A 1 15 ? 14.122  -14.554 -3.435  1.00 7.82  ? 15  ILE A CA    1 
ATOM   122  C C     . ILE A 1 15 ? 15.591  -14.825 -3.096  1.00 7.96  ? 15  ILE A C     1 
ATOM   123  O O     . ILE A 1 15 ? 15.962  -14.922 -1.923  1.00 7.87  ? 15  ILE A O     1 
ATOM   124  C CB    . ILE A 1 15 ? 13.777  -13.043 -3.326  1.00 7.94  ? 15  ILE A CB    1 
ATOM   125  C CG1   . ILE A 1 15 ? 14.611  -12.229 -4.331  1.00 8.06  ? 15  ILE A CG1   1 
ATOM   126  C CG2   . ILE A 1 15 ? 13.913  -12.540 -1.885  1.00 7.94  ? 15  ILE A CG2   1 
ATOM   127  C CD1   . ILE A 1 15 ? 14.346  -10.737 -4.338  1.00 8.36  ? 15  ILE A CD1   1 
ATOM   128  N N     . GLY A 1 16 ? 16.412  -14.966 -4.134  1.00 8.24  ? 16  GLY A N     1 
ATOM   129  C CA    . GLY A 1 16 ? 17.820  -15.321 -3.976  1.00 8.50  ? 16  GLY A CA    1 
ATOM   130  C C     . GLY A 1 16 ? 17.994  -16.631 -3.233  1.00 8.64  ? 16  GLY A C     1 
ATOM   131  O O     . GLY A 1 16 ? 18.950  -16.797 -2.474  1.00 8.72  ? 16  GLY A O     1 
ATOM   132  N N     . GLY A 1 17 ? 17.056  -17.556 -3.442  1.00 8.77  ? 17  GLY A N     1 
ATOM   133  C CA    . GLY A 1 17 ? 17.052  -18.851 -2.762  1.00 9.09  ? 17  GLY A CA    1 
ATOM   134  C C     . GLY A 1 17 ? 16.692  -18.813 -1.286  1.00 9.34  ? 17  GLY A C     1 
ATOM   135  O O     . GLY A 1 17 ? 16.771  -19.833 -0.601  1.00 9.55  ? 17  GLY A O     1 
ATOM   136  N N     . GLN A 1 18 ? 16.286  -17.645 -0.795  1.00 9.51  ? 18  GLN A N     1 
ATOM   137  C CA    . GLN A 1 18 ? 15.970  -17.476 0.625   1.00 9.65  ? 18  GLN A CA    1 
ATOM   138  C C     . GLN A 1 18 ? 14.484  -17.239 0.850   1.00 9.27  ? 18  GLN A C     1 
ATOM   139  O O     . GLN A 1 18 ? 13.864  -16.437 0.151   1.00 9.07  ? 18  GLN A O     1 
ATOM   140  C CB    . GLN A 1 18 ? 16.748  -16.300 1.217   1.00 10.39 ? 18  GLN A CB    1 
ATOM   141  C CG    . GLN A 1 18 ? 18.226  -16.241 0.857   1.00 11.24 ? 18  GLN A CG    1 
ATOM   142  C CD    . GLN A 1 18 ? 18.899  -14.987 1.384   1.00 11.95 ? 18  GLN A CD    1 
ATOM   143  O OE1   . GLN A 1 18 ? 18.641  -14.551 2.511   1.00 12.77 ? 18  GLN A OE1   1 
ATOM   144  N NE2   . GLN A 1 18 ? 19.765  -14.395 0.571   1.00 12.32 ? 18  GLN A NE2   1 
ATOM   145  N N     . LEU A 1 19 ? 13.925  -17.925 1.844   1.00 8.83  ? 19  LEU A N     1 
ATOM   146  C CA    . LEU A 1 19 ? 12.545  -17.688 2.257   1.00 8.52  ? 19  LEU A CA    1 
ATOM   147  C C     . LEU A 1 19 ? 12.464  -16.455 3.148   1.00 8.26  ? 19  LEU A C     1 
ATOM   148  O O     . LEU A 1 19 ? 13.207  -16.327 4.128   1.00 8.15  ? 19  LEU A O     1 
ATOM   149  C CB    . LEU A 1 19 ? 11.966  -18.911 2.980   1.00 8.52  ? 19  LEU A CB    1 
ATOM   150  C CG    . LEU A 1 19 ? 11.706  -20.180 2.160   1.00 8.52  ? 19  LEU A CG    1 
ATOM   151  C CD1   . LEU A 1 19 ? 11.429  -21.364 3.077   1.00 8.57  ? 19  LEU A CD1   1 
ATOM   152  C CD2   . LEU A 1 19 ? 10.563  -19.997 1.170   1.00 8.55  ? 19  LEU A CD2   1 
ATOM   153  N N     . LYS A 1 20 ? 11.571  -15.542 2.781   1.00 8.02  ? 20  LYS A N     1 
ATOM   154  C CA    . LYS A 1 20 ? 11.332  -14.319 3.537   1.00 7.85  ? 20  LYS A CA    1 
ATOM   155  C C     . LYS A 1 20 ? 9.827   -14.118 3.673   1.00 7.48  ? 20  LYS A C     1 
ATOM   156  O O     . LYS A 1 20 ? 9.039   -14.905 3.155   1.00 7.41  ? 20  LYS A O     1 
ATOM   157  C CB    . LYS A 1 20 ? 11.949  -13.114 2.816   1.00 8.15  ? 20  LYS A CB    1 
ATOM   158  C CG    . LYS A 1 20 ? 13.469  -13.118 2.739   1.00 8.44  ? 20  LYS A CG    1 
ATOM   159  C CD    . LYS A 1 20 ? 13.971  -11.950 1.905   1.00 8.65  ? 20  LYS A CD    1 
ATOM   160  C CE    . LYS A 1 20 ? 15.480  -11.997 1.734   1.00 8.99  ? 20  LYS A CE    1 
ATOM   161  N NZ    . LYS A 1 20 ? 16.178  -11.679 3.010   1.00 9.14  ? 20  LYS A NZ    1 
ATOM   162  N N     . GLU A 1 21 ? 9.423   -13.071 4.379   1.00 7.14  ? 21  GLU A N     1 
ATOM   163  C CA    . GLU A 1 21 ? 8.023   -12.672 4.329   1.00 6.82  ? 21  GLU A CA    1 
ATOM   164  C C     . GLU A 1 21 ? 7.904   -11.210 3.945   1.00 6.50  ? 21  GLU A C     1 
ATOM   165  O O     . GLU A 1 21 ? 8.800   -10.410 4.223   1.00 6.37  ? 21  GLU A O     1 
ATOM   166  C CB    . GLU A 1 21 ? 7.267   -13.021 5.616   1.00 6.94  ? 21  GLU A CB    1 
ATOM   167  C CG    . GLU A 1 21 ? 7.546   -12.147 6.821   1.00 7.07  ? 21  GLU A CG    1 
ATOM   168  C CD    . GLU A 1 21 ? 6.837   -12.665 8.056   1.00 7.13  ? 21  GLU A CD    1 
ATOM   169  O OE1   . GLU A 1 21 ? 7.243   -13.722 8.576   1.00 7.11  ? 21  GLU A OE1   1 
ATOM   170  O OE2   . GLU A 1 21 ? 5.868   -12.023 8.498   1.00 7.30  ? 21  GLU A OE2   1 
ATOM   171  N N     . ALA A 1 22 ? 6.808   -10.882 3.271   1.00 6.13  ? 22  ALA A N     1 
ATOM   172  C CA    . ALA A 1 22 ? 6.640   -9.566  2.681   1.00 5.91  ? 22  ALA A CA    1 
ATOM   173  C C     . ALA A 1 22 ? 5.182   -9.150  2.652   1.00 5.67  ? 22  ALA A C     1 
ATOM   174  O O     . ALA A 1 22 ? 4.280   -9.984  2.565   1.00 5.60  ? 22  ALA A O     1 
ATOM   175  C CB    . ALA A 1 22 ? 7.226   -9.535  1.276   1.00 5.88  ? 22  ALA A CB    1 
ATOM   176  N N     . LEU A 1 23 ? 4.980   -7.841  2.706   1.00 5.46  ? 23  LEU A N     1 
ATOM   177  C CA    . LEU A 1 23 ? 3.669   -7.235  2.749   1.00 5.32  ? 23  LEU A CA    1 
ATOM   178  C C     . LEU A 1 23 ? 3.165   -7.010  1.328   1.00 5.18  ? 23  LEU A C     1 
ATOM   179  O O     . LEU A 1 23 ? 3.834   -6.352  0.519   1.00 5.11  ? 23  LEU A O     1 
ATOM   180  C CB    . LEU A 1 23 ? 3.766   -5.901  3.502   1.00 5.35  ? 23  LEU A CB    1 
ATOM   181  C CG    . LEU A 1 23 ? 2.519   -5.064  3.779   1.00 5.35  ? 23  LEU A CG    1 
ATOM   182  C CD1   . LEU A 1 23 ? 1.570   -5.789  4.718   1.00 5.37  ? 23  LEU A CD1   1 
ATOM   183  C CD2   . LEU A 1 23 ? 2.931   -3.724  4.371   1.00 5.36  ? 23  LEU A CD2   1 
ATOM   184  N N     . LEU A 1 24 ? 2.005   -7.582  1.021   1.00 5.00  ? 24  LEU A N     1 
ATOM   185  C CA    . LEU A 1 24 ? 1.367   -7.366  -0.275  1.00 4.95  ? 24  LEU A CA    1 
ATOM   186  C C     . LEU A 1 24 ? 0.702   -5.998  -0.254  1.00 4.86  ? 24  LEU A C     1 
ATOM   187  O O     . LEU A 1 24 ? -0.289  -5.790  0.446   1.00 4.81  ? 24  LEU A O     1 
ATOM   188  C CB    . LEU A 1 24 ? 0.360   -8.479  -0.589  1.00 4.95  ? 24  LEU A CB    1 
ATOM   189  C CG    . LEU A 1 24 ? 0.919   -9.905  -0.682  1.00 4.98  ? 24  LEU A CG    1 
ATOM   190  C CD1   . LEU A 1 24 ? -0.169  -10.871 -1.128  1.00 5.03  ? 24  LEU A CD1   1 
ATOM   191  C CD2   . LEU A 1 24 ? 2.121   -9.986  -1.613  1.00 4.97  ? 24  LEU A CD2   1 
ATOM   192  N N     . ASP A 1 25 ? 1.278   -5.060  -1.000  1.00 4.82  ? 25  ASP A N     1 
ATOM   193  C CA    . ASP A 1 25 ? 0.881   -3.659  -0.899  1.00 4.80  ? 25  ASP A CA    1 
ATOM   194  C C     . ASP A 1 25 ? 0.390   -3.112  -2.231  1.00 4.82  ? 25  ASP A C     1 
ATOM   195  O O     . ASP A 1 25 ? 1.187   -2.818  -3.120  1.00 4.79  ? 25  ASP A O     1 
ATOM   196  C CB    . ASP A 1 25 ? 2.041   -2.803  -0.364  1.00 4.78  ? 25  ASP A CB    1 
ATOM   197  C CG    . ASP A 1 25 ? 1.632   -1.357  -0.091  1.00 4.77  ? 25  ASP A CG    1 
ATOM   198  O OD1   . ASP A 1 25 ? 0.444   -1.024  -0.273  1.00 4.74  ? 25  ASP A OD1   1 
ATOM   199  O OD2   . ASP A 1 25 ? 2.495   -0.553  0.321   1.00 4.77  ? 25  ASP A OD2   1 
ATOM   200  N N     . THR A 1 26 ? -0.927  -2.975  -2.353  1.00 4.85  ? 26  THR A N     1 
ATOM   201  C CA    . THR A 1 26 ? -1.538  -2.404  -3.556  1.00 4.91  ? 26  THR A CA    1 
ATOM   202  C C     . THR A 1 26 ? -1.262  -0.903  -3.674  1.00 4.97  ? 26  THR A C     1 
ATOM   203  O O     . THR A 1 26 ? -1.426  -0.322  -4.747  1.00 4.90  ? 26  THR A O     1 
ATOM   204  C CB    . THR A 1 26 ? -3.053  -2.653  -3.597  1.00 4.92  ? 26  THR A CB    1 
ATOM   205  O OG1   . THR A 1 26 ? -3.654  -2.128  -2.409  1.00 4.88  ? 26  THR A OG1   1 
ATOM   206  C CG2   . THR A 1 26 ? -3.345  -4.145  -3.692  1.00 4.96  ? 26  THR A CG2   1 
ATOM   207  N N     . GLY A 1 27 ? -0.841  -0.293  -2.568  1.00 5.05  ? 27  GLY A N     1 
ATOM   208  C CA    . GLY A 1 27 ? -0.454  1.122   -2.541  1.00 5.21  ? 27  GLY A CA    1 
ATOM   209  C C     . GLY A 1 27 ? 1.036   1.353   -2.728  1.00 5.32  ? 27  GLY A C     1 
ATOM   210  O O     . GLY A 1 27 ? 1.543   2.437   -2.438  1.00 5.35  ? 27  GLY A O     1 
ATOM   211  N N     . ALA A 1 28 ? 1.739   0.321   -3.191  1.00 5.43  ? 28  ALA A N     1 
ATOM   212  C CA    . ALA A 1 28 ? 3.140   0.433   -3.571  1.00 5.61  ? 28  ALA A CA    1 
ATOM   213  C C     . ALA A 1 28 ? 3.252   0.212   -5.071  1.00 5.72  ? 28  ALA A C     1 
ATOM   214  O O     . ALA A 1 28 ? 2.819   -0.824  -5.578  1.00 5.63  ? 28  ALA A O     1 
ATOM   215  C CB    . ALA A 1 28 ? 3.978   -0.596  -2.822  1.00 5.64  ? 28  ALA A CB    1 
ATOM   216  N N     . ASP A 1 29 ? 3.811   1.193   -5.781  1.00 5.93  ? 29  ASP A N     1 
ATOM   217  C CA    . ASP A 1 29 ? 4.027   1.058   -7.227  1.00 6.21  ? 29  ASP A CA    1 
ATOM   218  C C     . ASP A 1 29 ? 5.085   -0.004  -7.495  1.00 6.38  ? 29  ASP A C     1 
ATOM   219  O O     . ASP A 1 29 ? 4.985   -0.772  -8.454  1.00 6.36  ? 29  ASP A O     1 
ATOM   220  C CB    . ASP A 1 29 ? 4.490   2.379   -7.845  1.00 6.25  ? 29  ASP A CB    1 
ATOM   221  C CG    . ASP A 1 29 ? 3.509   3.515   -7.622  1.00 6.27  ? 29  ASP A CG    1 
ATOM   222  O OD1   . ASP A 1 29 ? 2.285   3.322   -7.799  1.00 6.26  ? 29  ASP A OD1   1 
ATOM   223  O OD2   . ASP A 1 29 ? 3.976   4.621   -7.287  1.00 6.41  ? 29  ASP A OD2   1 
ATOM   224  N N     . ASP A 1 30 ? 6.092   -0.034  -6.624  1.00 6.68  ? 30  ASP A N     1 
ATOM   225  C CA    . ASP A 1 30 ? 7.273   -0.867  -6.793  1.00 6.97  ? 30  ASP A CA    1 
ATOM   226  C C     . ASP A 1 30 ? 7.498   -1.778  -5.585  1.00 6.94  ? 30  ASP A C     1 
ATOM   227  O O     . ASP A 1 30 ? 6.970   -1.536  -4.501  1.00 6.86  ? 30  ASP A O     1 
ATOM   228  C CB    . ASP A 1 30 ? 8.503   0.023   -7.005  1.00 7.40  ? 30  ASP A CB    1 
ATOM   229  C CG    . ASP A 1 30 ? 8.340   0.984   -8.174  1.00 7.70  ? 30  ASP A CG    1 
ATOM   230  O OD1   . ASP A 1 30 ? 7.790   0.576   -9.217  1.00 7.94  ? 30  ASP A OD1   1 
ATOM   231  O OD2   . ASP A 1 30 ? 8.770   2.153   -8.051  1.00 8.25  ? 30  ASP A OD2   1 
ATOM   232  N N     . THR A 1 31 ? 8.296   -2.819  -5.796  1.00 6.87  ? 31  THR A N     1 
ATOM   233  C CA    . THR A 1 31 ? 8.645   -3.774  -4.756  1.00 6.85  ? 31  THR A CA    1 
ATOM   234  C C     . THR A 1 31 ? 9.937   -3.330  -4.070  1.00 6.98  ? 31  THR A C     1 
ATOM   235  O O     . THR A 1 31 ? 10.946  -3.109  -4.734  1.00 6.85  ? 31  THR A O     1 
ATOM   236  C CB    . THR A 1 31 ? 8.785   -5.177  -5.369  1.00 6.79  ? 31  THR A CB    1 
ATOM   237  O OG1   . THR A 1 31 ? 7.488   -5.635  -5.785  1.00 6.70  ? 31  THR A OG1   1 
ATOM   238  C CG2   . THR A 1 31 ? 9.382   -6.167  -4.381  1.00 6.67  ? 31  THR A CG2   1 
ATOM   239  N N     . VAL A 1 32 ? 9.887   -3.179  -2.746  1.00 7.19  ? 32  VAL A N     1 
ATOM   240  C CA    . VAL A 1 32 ? 11.052  -2.733  -1.970  1.00 7.49  ? 32  VAL A CA    1 
ATOM   241  C C     . VAL A 1 32 ? 11.355  -3.733  -0.862  1.00 7.75  ? 32  VAL A C     1 
ATOM   242  O O     . VAL A 1 32 ? 10.508  -4.004  -0.010  1.00 7.66  ? 32  VAL A O     1 
ATOM   243  C CB    . VAL A 1 32 ? 10.847  -1.340  -1.331  1.00 7.49  ? 32  VAL A CB    1 
ATOM   244  C CG1   . VAL A 1 32 ? 12.160  -0.823  -0.753  1.00 7.52  ? 32  VAL A CG1   1 
ATOM   245  C CG2   . VAL A 1 32 ? 10.280  -0.349  -2.338  1.00 7.58  ? 32  VAL A CG2   1 
ATOM   246  N N     . LEU A 1 33 ? 12.569  -4.269  -0.874  1.00 8.15  ? 33  LEU A N     1 
ATOM   247  C CA    . LEU A 1 33 ? 12.970  -5.276  0.098   1.00 8.68  ? 33  LEU A CA    1 
ATOM   248  C C     . LEU A 1 33 ? 14.104  -4.773  0.977   1.00 9.31  ? 33  LEU A C     1 
ATOM   249  O O     . LEU A 1 33 ? 14.844  -3.859  0.599   1.00 9.21  ? 33  LEU A O     1 
ATOM   250  C CB    . LEU A 1 33 ? 13.375  -6.577  -0.604  1.00 8.60  ? 33  LEU A CB    1 
ATOM   251  C CG    . LEU A 1 33 ? 12.346  -7.287  -1.498  1.00 8.51  ? 33  LEU A CG    1 
ATOM   252  C CD1   . LEU A 1 33 ? 12.934  -8.589  -2.011  1.00 8.50  ? 33  LEU A CD1   1 
ATOM   253  C CD2   . LEU A 1 33 ? 11.045  -7.567  -0.764  1.00 8.47  ? 33  LEU A CD2   1 
ATOM   254  N N     . GLU A 1 34 ? 14.219  -5.369  2.159   1.00 10.15 ? 34  GLU A N     1 
ATOM   255  C CA    . GLU A 1 34 ? 15.282  -5.040  3.097   1.00 11.22 ? 34  GLU A CA    1 
ATOM   256  C C     . GLU A 1 34 ? 16.622  -5.527  2.556   1.00 11.61 ? 34  GLU A C     1 
ATOM   257  O O     . GLU A 1 34 ? 16.671  -6.398  1.685   1.00 11.39 ? 34  GLU A O     1 
ATOM   258  C CB    . GLU A 1 34 ? 14.993  -5.653  4.472   1.00 11.70 ? 34  GLU A CB    1 
ATOM   259  C CG    . GLU A 1 34 ? 13.780  -5.050  5.171   1.00 12.30 ? 34  GLU A CG    1 
ATOM   260  C CD    . GLU A 1 34 ? 13.511  -5.649  6.541   1.00 12.86 ? 34  GLU A CD    1 
ATOM   261  O OE1   . GLU A 1 34 ? 12.331  -5.667  6.954   1.00 13.51 ? 34  GLU A OE1   1 
ATOM   262  O OE2   . GLU A 1 34 ? 14.467  -6.098  7.208   1.00 13.18 ? 34  GLU A OE2   1 
ATOM   263  N N     . GLU A 1 35 ? 17.701  -4.944  3.077   1.00 12.61 ? 35  GLU A N     1 
ATOM   264  C CA    . GLU A 1 35 ? 19.063  -5.241  2.631   1.00 13.50 ? 35  GLU A CA    1 
ATOM   265  C C     . GLU A 1 35 ? 19.322  -6.719  2.347   1.00 13.93 ? 35  GLU A C     1 
ATOM   266  O O     . GLU A 1 35 ? 19.092  -7.582  3.198   1.00 14.20 ? 35  GLU A O     1 
ATOM   267  C CB    . GLU A 1 35 ? 20.087  -4.694  3.637   1.00 13.90 ? 35  GLU A CB    1 
ATOM   268  C CG    . GLU A 1 35 ? 21.509  -4.607  3.096   1.00 14.32 ? 35  GLU A CG    1 
ATOM   269  C CD    . GLU A 1 35 ? 21.575  -3.981  1.711   1.00 14.46 ? 35  GLU A CD    1 
ATOM   270  O OE1   . GLU A 1 35 ? 22.026  -4.670  0.774   1.00 15.02 ? 35  GLU A OE1   1 
ATOM   271  O OE2   . GLU A 1 35 ? 21.169  -2.811  1.554   1.00 14.97 ? 35  GLU A OE2   1 
ATOM   272  N N     . MET A 1 36 ? 19.775  -6.989  1.126   1.00 14.63 ? 36  MET A N     1 
ATOM   273  C CA    . MET A 1 36 ? 20.118  -8.336  0.670   1.00 15.30 ? 36  MET A CA    1 
ATOM   274  C C     . MET A 1 36 ? 20.961  -8.238  -0.598  1.00 15.91 ? 36  MET A C     1 
ATOM   275  O O     . MET A 1 36 ? 20.957  -7.207  -1.282  1.00 16.29 ? 36  MET A O     1 
ATOM   276  C CB    . MET A 1 36 ? 18.853  -9.174  0.412   1.00 15.15 ? 36  MET A CB    1 
ATOM   277  C CG    . MET A 1 36 ? 18.031  -8.741  -0.799  1.00 15.07 ? 36  MET A CG    1 
ATOM   278  S SD    . MET A 1 36 ? 16.663  -9.852  -1.192  1.00 15.02 ? 36  MET A SD    1 
ATOM   279  C CE    . MET A 1 36 ? 17.524  -11.402 -1.470  1.00 14.52 ? 36  MET A CE    1 
ATOM   280  N N     . ASN A 1 37 ? 21.686  -9.307  -0.911  1.00 16.56 ? 37  ASN A N     1 
ATOM   281  C CA    . ASN A 1 37 ? 22.453  -9.357  -2.145  1.00 16.88 ? 37  ASN A CA    1 
ATOM   282  C C     . ASN A 1 37 ? 21.635  -9.998  -3.262  1.00 16.48 ? 37  ASN A C     1 
ATOM   283  O O     . ASN A 1 37 ? 20.959  -11.005 -3.050  1.00 16.88 ? 37  ASN A O     1 
ATOM   284  C CB    . ASN A 1 37 ? 23.783  -10.089 -1.938  1.00 17.57 ? 37  ASN A CB    1 
ATOM   285  C CG    . ASN A 1 37 ? 24.789  -9.811  -3.049  1.00 18.30 ? 37  ASN A CG    1 
ATOM   286  O OD1   . ASN A 1 37 ? 24.858  -8.702  -3.586  1.00 18.51 ? 37  ASN A OD1   1 
ATOM   287  N ND2   . ASN A 1 37 ? 25.582  -10.823 -3.390  1.00 18.60 ? 37  ASN A ND2   1 
ATOM   288  N N     . LEU A 1 38 ? 21.691  -9.385  -4.440  1.00 15.61 ? 38  LEU A N     1 
ATOM   289  C CA    . LEU A 1 38 ? 21.014  -9.886  -5.631  1.00 15.02 ? 38  LEU A CA    1 
ATOM   290  C C     . LEU A 1 38 ? 21.981  -9.875  -6.811  1.00 15.02 ? 38  LEU A C     1 
ATOM   291  O O     . LEU A 1 38 ? 22.927  -9.080  -6.820  1.00 14.99 ? 38  LEU A O     1 
ATOM   292  C CB    . LEU A 1 38 ? 19.777  -9.037  -5.946  1.00 14.10 ? 38  LEU A CB    1 
ATOM   293  C CG    . LEU A 1 38 ? 18.551  -9.210  -5.046  1.00 13.85 ? 38  LEU A CG    1 
ATOM   294  C CD1   . LEU A 1 38 ? 17.496  -8.169  -5.392  1.00 13.30 ? 38  LEU A CD1   1 
ATOM   295  C CD2   . LEU A 1 38 ? 17.979  -10.617 -5.160  1.00 13.37 ? 38  LEU A CD2   1 
ATOM   296  N N     . PRO A 1 39 ? 21.758  -10.758 -7.807  1.00 15.08 ? 39  PRO A N     1 
ATOM   297  C CA    . PRO A 1 39 ? 22.657  -10.815 -8.963  1.00 14.95 ? 39  PRO A CA    1 
ATOM   298  C C     . PRO A 1 39 ? 22.450  -9.670  -9.952  1.00 14.79 ? 39  PRO A C     1 
ATOM   299  O O     . PRO A 1 39 ? 21.400  -9.017  -9.947  1.00 14.69 ? 39  PRO A O     1 
ATOM   300  C CB    . PRO A 1 39 ? 22.288  -12.144 -9.624  1.00 15.06 ? 39  PRO A CB    1 
ATOM   301  C CG    . PRO A 1 39 ? 20.858  -12.352 -9.260  1.00 15.13 ? 39  PRO A CG    1 
ATOM   302  C CD    . PRO A 1 39 ? 20.721  -11.808 -7.868  1.00 15.17 ? 39  PRO A CD    1 
ATOM   303  N N     . GLY A 1 40 ? 23.452  -9.445  -10.797 1.00 14.47 ? 40  GLY A N     1 
ATOM   304  C CA    . GLY A 1 40 ? 23.377  -8.428  -11.837 1.00 14.24 ? 40  GLY A CA    1 
ATOM   305  C C     . GLY A 1 40 ? 23.762  -7.050  -11.346 1.00 13.86 ? 40  GLY A C     1 
ATOM   306  O O     . GLY A 1 40 ? 24.146  -6.871  -10.191 1.00 13.93 ? 40  GLY A O     1 
ATOM   307  N N     . ARG A 1 41 ? 23.657  -6.071  -12.236 1.00 13.71 ? 41  ARG A N     1 
ATOM   308  C CA    . ARG A 1 41 ? 24.019  -4.697  -11.910 1.00 13.34 ? 41  ARG A CA    1 
ATOM   309  C C     . ARG A 1 41 ? 22.801  -3.954  -11.393 1.00 12.66 ? 41  ARG A C     1 
ATOM   310  O O     . ARG A 1 41 ? 21.683  -4.194  -11.844 1.00 12.82 ? 41  ARG A O     1 
ATOM   311  C CB    . ARG A 1 41 ? 24.606  -3.996  -13.135 1.00 14.05 ? 41  ARG A CB    1 
ATOM   312  C CG    . ARG A 1 41 ? 25.777  -4.750  -13.743 1.00 14.78 ? 41  ARG A CG    1 
ATOM   313  C CD    . ARG A 1 41 ? 26.513  -3.940  -14.796 1.00 15.42 ? 41  ARG A CD    1 
ATOM   314  N NE    . ARG A 1 41 ? 27.661  -4.684  -15.312 1.00 15.81 ? 41  ARG A NE    1 
ATOM   315  C CZ    . ARG A 1 41 ? 28.824  -4.820  -14.678 1.00 15.99 ? 41  ARG A CZ    1 
ATOM   316  N NH1   . ARG A 1 41 ? 29.018  -4.262  -13.488 1.00 16.31 ? 41  ARG A NH1   1 
ATOM   317  N NH2   . ARG A 1 41 ? 29.796  -5.527  -15.235 1.00 16.20 ? 41  ARG A NH2   1 
ATOM   318  N N     . TRP A 1 42 ? 23.020  -3.071  -10.425 1.00 11.70 ? 42  TRP A N     1 
ATOM   319  C CA    . TRP A 1 42 ? 21.940  -2.272  -9.867  1.00 10.96 ? 42  TRP A CA    1 
ATOM   320  C C     . TRP A 1 42 ? 22.111  -0.835  -10.243 1.00 10.74 ? 42  TRP A C     1 
ATOM   321  O O     . TRP A 1 42 ? 23.221  -0.390  -10.542 1.00 10.55 ? 42  TRP A O     1 
ATOM   322  C CB    . TRP A 1 42 ? 21.872  -2.425  -8.349  1.00 10.56 ? 42  TRP A CB    1 
ATOM   323  C CG    . TRP A 1 42 ? 23.134  -2.003  -7.630  1.00 10.42 ? 42  TRP A CG    1 
ATOM   324  C CD1   . TRP A 1 42 ? 24.210  -2.806  -7.261  1.00 10.39 ? 42  TRP A CD1   1 
ATOM   325  C CD2   . TRP A 1 42 ? 23.495  -0.652  -7.169  1.00 10.29 ? 42  TRP A CD2   1 
ATOM   326  N NE1   . TRP A 1 42 ? 25.179  -2.070  -6.630  1.00 10.32 ? 42  TRP A NE1   1 
ATOM   327  C CE2   . TRP A 1 42 ? 24.816  -0.773  -6.542  1.00 10.28 ? 42  TRP A CE2   1 
ATOM   328  C CE3   . TRP A 1 42 ? 22.879  0.596   -7.211  1.00 10.27 ? 42  TRP A CE3   1 
ATOM   329  C CZ2   . TRP A 1 42 ? 25.468  0.319   -5.987  1.00 10.27 ? 42  TRP A CZ2   1 
ATOM   330  C CZ3   . TRP A 1 42 ? 23.552  1.692   -6.654  1.00 10.23 ? 42  TRP A CZ3   1 
ATOM   331  C CH2   . TRP A 1 42 ? 24.816  1.554   -6.058  1.00 10.23 ? 42  TRP A CH2   1 
ATOM   332  N N     . LYS A 1 43 ? 21.013  -0.089  -10.233 1.00 10.62 ? 43  LYS A N     1 
ATOM   333  C CA    . LYS A 1 43 ? 21.098  1.359   -10.401 1.00 10.53 ? 43  LYS A CA    1 
ATOM   334  C C     . LYS A 1 43 ? 20.452  2.113   -9.242  1.00 10.31 ? 43  LYS A C     1 
ATOM   335  O O     . LYS A 1 43 ? 19.478  1.633   -8.653  1.00 9.79  ? 43  LYS A O     1 
ATOM   336  C CB    . LYS A 1 43 ? 20.557  1.823   -11.760 1.00 11.02 ? 43  LYS A CB    1 
ATOM   337  C CG    . LYS A 1 43 ? 19.165  1.359   -12.130 1.00 11.42 ? 43  LYS A CG    1 
ATOM   338  C CD    . LYS A 1 43 ? 18.885  1.735   -13.579 1.00 11.74 ? 43  LYS A CD    1 
ATOM   339  C CE    . LYS A 1 43 ? 17.525  1.239   -14.030 1.00 11.85 ? 43  LYS A CE    1 
ATOM   340  N NZ    . LYS A 1 43 ? 17.243  1.627   -15.440 1.00 12.33 ? 43  LYS A NZ    1 
ATOM   341  N N     . PRO A 1 44 ? 21.011  3.289   -8.898  1.00 10.18 ? 44  PRO A N     1 
ATOM   342  C CA    . PRO A 1 44 ? 20.476  4.082   -7.800  1.00 10.29 ? 44  PRO A CA    1 
ATOM   343  C C     . PRO A 1 44 ? 19.100  4.651   -8.140  1.00 10.50 ? 44  PRO A C     1 
ATOM   344  O O     . PRO A 1 44 ? 18.912  5.252   -9.202  1.00 10.41 ? 44  PRO A O     1 
ATOM   345  C CB    . PRO A 1 44 ? 21.510  5.204   -7.638  1.00 10.30 ? 44  PRO A CB    1 
ATOM   346  C CG    . PRO A 1 44 ? 22.187  5.305   -8.963  1.00 10.24 ? 44  PRO A CG    1 
ATOM   347  C CD    . PRO A 1 44 ? 22.215  3.902   -9.493  1.00 10.23 ? 44  PRO A CD    1 
ATOM   348  N N     . LYS A 1 45 ? 18.143  4.432   -7.247  1.00 10.62 ? 45  LYS A N     1 
ATOM   349  C CA    . LYS A 1 45 ? 16.796  4.955   -7.416  1.00 11.02 ? 45  LYS A CA    1 
ATOM   350  C C     . LYS A 1 45 ? 16.314  5.523   -6.091  1.00 11.09 ? 45  LYS A C     1 
ATOM   351  O O     . LYS A 1 45 ? 16.793  5.132   -5.022  1.00 10.52 ? 45  LYS A O     1 
ATOM   352  C CB    . LYS A 1 45 ? 15.846  3.851   -7.903  1.00 11.24 ? 45  LYS A CB    1 
ATOM   353  C CG    . LYS A 1 45 ? 14.476  4.338   -8.365  1.00 11.67 ? 45  LYS A CG    1 
ATOM   354  C CD    . LYS A 1 45 ? 13.589  3.173   -8.787  1.00 11.96 ? 45  LYS A CD    1 
ATOM   355  C CE    . LYS A 1 45 ? 12.173  3.618   -9.125  1.00 12.29 ? 45  LYS A CE    1 
ATOM   356  N NZ    . LYS A 1 45 ? 12.109  4.397   -10.393 1.00 12.72 ? 45  LYS A NZ    1 
ATOM   357  N N     . MET A 1 46 ? 15.388  6.471   -6.172  1.00 11.54 ? 46  MET A N     1 
ATOM   358  C CA    . MET A 1 46 ? 14.684  6.932   -4.990  1.00 11.99 ? 46  MET A CA    1 
ATOM   359  C C     . MET A 1 46 ? 13.202  6.610   -5.097  1.00 11.60 ? 46  MET A C     1 
ATOM   360  O O     . MET A 1 46 ? 12.604  6.682   -6.176  1.00 11.26 ? 46  MET A O     1 
ATOM   361  C CB    . MET A 1 46 ? 14.911  8.422   -4.751  1.00 13.19 ? 46  MET A CB    1 
ATOM   362  C CG    . MET A 1 46 ? 16.335  8.741   -4.314  1.00 14.49 ? 46  MET A CG    1 
ATOM   363  S SD    . MET A 1 46 ? 16.620  10.491  -4.024  1.00 16.78 ? 46  MET A SD    1 
ATOM   364  C CE    . MET A 1 46 ? 16.219  11.187  -5.625  1.00 16.47 ? 46  MET A CE    1 
ATOM   365  N N     . ILE A 1 47 ? 12.628  6.238   -3.960  1.00 11.19 ? 47  ILE A N     1 
ATOM   366  C CA    . ILE A 1 47 ? 11.212  5.928   -3.875  1.00 10.97 ? 47  ILE A CA    1 
ATOM   367  C C     . ILE A 1 47 ? 10.598  6.737   -2.732  1.00 10.71 ? 47  ILE A C     1 
ATOM   368  O O     . ILE A 1 47 ? 11.229  6.945   -1.692  1.00 10.54 ? 47  ILE A O     1 
ATOM   369  C CB    . ILE A 1 47 ? 10.978  4.402   -3.733  1.00 11.07 ? 47  ILE A CB    1 
ATOM   370  C CG1   . ILE A 1 47 ? 9.498   4.051   -3.895  1.00 11.26 ? 47  ILE A CG1   1 
ATOM   371  C CG2   . ILE A 1 47 ? 11.548  3.855   -2.430  1.00 11.21 ? 47  ILE A CG2   1 
ATOM   372  C CD1   . ILE A 1 47 ? 9.276   2.818   -4.739  1.00 10.94 ? 47  ILE A CD1   1 
ATOM   373  N N     . GLY A 1 48 ? 9.376   7.207   -2.948  1.00 10.48 ? 48  GLY A N     1 
ATOM   374  C CA    . GLY A 1 48 ? 8.683   8.024   -1.966  1.00 10.60 ? 48  GLY A CA    1 
ATOM   375  C C     . GLY A 1 48 ? 7.654   7.246   -1.178  1.00 10.63 ? 48  GLY A C     1 
ATOM   376  O O     . GLY A 1 48 ? 7.336   6.100   -1.491  1.00 10.38 ? 48  GLY A O     1 
ATOM   377  N N     . GLY A 1 49 ? 7.135   7.885   -0.143  1.00 10.96 ? 49  GLY A N     1 
ATOM   378  C CA    . GLY A 1 49 ? 6.083   7.297   0.670   1.00 11.05 ? 49  GLY A CA    1 
ATOM   379  C C     . GLY A 1 49 ? 5.788   8.214   1.829   1.00 11.16 ? 49  GLY A C     1 
ATOM   380  O O     . GLY A 1 49 ? 6.144   9.391   1.800   1.00 11.18 ? 49  GLY A O     1 
ATOM   381  N N     . ILE A 1 50 ? 5.138   7.670   2.850   1.00 11.28 ? 50  ILE A N     1 
ATOM   382  C CA    . ILE A 1 50 ? 4.860   8.426   4.059   1.00 11.35 ? 50  ILE A CA    1 
ATOM   383  C C     . ILE A 1 50 ? 6.159   8.605   4.847   1.00 11.31 ? 50  ILE A C     1 
ATOM   384  O O     . ILE A 1 50 ? 6.894   7.644   5.091   1.00 11.60 ? 50  ILE A O     1 
ATOM   385  C CB    . ILE A 1 50 ? 3.729   7.772   4.888   1.00 11.42 ? 50  ILE A CB    1 
ATOM   386  C CG1   . ILE A 1 50 ? 2.373   8.251   4.355   1.00 11.42 ? 50  ILE A CG1   1 
ATOM   387  C CG2   . ILE A 1 50 ? 3.860   8.115   6.368   1.00 11.38 ? 50  ILE A CG2   1 
ATOM   388  C CD1   . ILE A 1 50 ? 1.198   7.373   4.719   1.00 11.38 ? 50  ILE A CD1   1 
ATOM   389  N N     . GLY A 1 51 ? 6.450   9.848   5.206   1.00 11.35 ? 51  GLY A N     1 
ATOM   390  C CA    . GLY A 1 51 ? 7.642   10.153  5.975   1.00 11.14 ? 51  GLY A CA    1 
ATOM   391  C C     . GLY A 1 51 ? 8.819   10.584  5.127   1.00 11.10 ? 51  GLY A C     1 
ATOM   392  O O     . GLY A 1 51 ? 9.867   10.925  5.662   1.00 11.26 ? 51  GLY A O     1 
ATOM   393  N N     . GLY A 1 52 ? 8.660   10.557  3.804   1.00 11.07 ? 52  GLY A N     1 
ATOM   394  C CA    . GLY A 1 52 ? 9.700   11.046  2.899   1.00 10.90 ? 52  GLY A CA    1 
ATOM   395  C C     . GLY A 1 52 ? 10.288  10.012  1.953   1.00 10.92 ? 52  GLY A C     1 
ATOM   396  O O     . GLY A 1 52 ? 9.773   8.898   1.824   1.00 10.75 ? 52  GLY A O     1 
ATOM   397  N N     . PHE A 1 53 ? 11.376  10.396  1.288   1.00 10.87 ? 53  PHE A N     1 
ATOM   398  C CA    . PHE A 1 53 ? 12.024  9.550   0.282   1.00 10.71 ? 53  PHE A CA    1 
ATOM   399  C C     . PHE A 1 53 ? 13.087  8.651   0.902   1.00 10.28 ? 53  PHE A C     1 
ATOM   400  O O     . PHE A 1 53 ? 13.656  8.990   1.941   1.00 10.30 ? 53  PHE A O     1 
ATOM   401  C CB    . PHE A 1 53 ? 12.679  10.417  -0.795  1.00 11.13 ? 53  PHE A CB    1 
ATOM   402  C CG    . PHE A 1 53 ? 11.705  11.047  -1.749  1.00 11.57 ? 53  PHE A CG    1 
ATOM   403  C CD1   . PHE A 1 53 ? 11.212  12.329  -1.519  1.00 11.80 ? 53  PHE A CD1   1 
ATOM   404  C CD2   . PHE A 1 53 ? 11.295  10.366  -2.891  1.00 11.74 ? 53  PHE A CD2   1 
ATOM   405  C CE1   . PHE A 1 53 ? 10.319  12.914  -2.407  1.00 11.96 ? 53  PHE A CE1   1 
ATOM   406  C CE2   . PHE A 1 53 ? 10.402  10.945  -3.780  1.00 11.99 ? 53  PHE A CE2   1 
ATOM   407  C CZ    . PHE A 1 53 ? 9.911   12.220  -3.537  1.00 12.03 ? 53  PHE A CZ    1 
ATOM   408  N N     . ILE A 1 54 ? 13.345  7.506   0.267   1.00 9.76  ? 54  ILE A N     1 
ATOM   409  C CA    . ILE A 1 54 ? 14.505  6.671   0.609   1.00 9.39  ? 54  ILE A CA    1 
ATOM   410  C C     . ILE A 1 54 ? 15.316  6.282   -0.634  1.00 9.10  ? 54  ILE A C     1 
ATOM   411  O O     . ILE A 1 54 ? 14.779  6.203   -1.748  1.00 8.91  ? 54  ILE A O     1 
ATOM   412  C CB    . ILE A 1 54 ? 14.154  5.408   1.448   1.00 9.43  ? 54  ILE A CB    1 
ATOM   413  C CG1   . ILE A 1 54 ? 13.369  4.380   0.625   1.00 9.39  ? 54  ILE A CG1   1 
ATOM   414  C CG2   . ILE A 1 54 ? 13.411  5.781   2.729   1.00 9.48  ? 54  ILE A CG2   1 
ATOM   415  C CD1   . ILE A 1 54 ? 13.448  2.967   1.172   1.00 9.55  ? 54  ILE A CD1   1 
ATOM   416  N N     . LYS A 1 55 ? 16.611  6.060   -0.427  1.00 8.75  ? 55  LYS A N     1 
ATOM   417  C CA    . LYS A 1 55 ? 17.515  5.619   -1.482  1.00 8.54  ? 55  LYS A CA    1 
ATOM   418  C C     . LYS A 1 55 ? 17.505  4.095   -1.557  1.00 8.27  ? 55  LYS A C     1 
ATOM   419  O O     . LYS A 1 55 ? 17.725  3.417   -0.548  1.00 8.22  ? 55  LYS A O     1 
ATOM   420  C CB    . LYS A 1 55 ? 18.939  6.120   -1.218  1.00 8.70  ? 55  LYS A CB    1 
ATOM   421  C CG    . LYS A 1 55 ? 19.117  7.625   -1.365  1.00 8.94  ? 55  LYS A CG    1 
ATOM   422  C CD    . LYS A 1 55 ? 20.541  8.045   -1.030  1.00 9.01  ? 55  LYS A CD    1 
ATOM   423  C CE    . LYS A 1 55 ? 20.754  9.519   -1.325  1.00 9.18  ? 55  LYS A CE    1 
ATOM   424  N NZ    . LYS A 1 55 ? 22.177  9.924   -1.136  1.00 9.25  ? 55  LYS A NZ    1 
ATOM   425  N N     . VAL A 1 56 ? 17.236  3.568   -2.750  1.00 7.99  ? 56  VAL A N     1 
ATOM   426  C CA    . VAL A 1 56 ? 17.214  2.121   -2.981  1.00 7.87  ? 56  VAL A CA    1 
ATOM   427  C C     . VAL A 1 56 ? 18.095  1.724   -4.164  1.00 7.81  ? 56  VAL A C     1 
ATOM   428  O O     . VAL A 1 56 ? 18.351  2.536   -5.057  1.00 7.82  ? 56  VAL A O     1 
ATOM   429  C CB    . VAL A 1 56 ? 15.777  1.576   -3.220  1.00 7.82  ? 56  VAL A CB    1 
ATOM   430  C CG1   . VAL A 1 56 ? 14.912  1.740   -1.979  1.00 7.91  ? 56  VAL A CG1   1 
ATOM   431  C CG2   . VAL A 1 56 ? 15.126  2.241   -4.429  1.00 7.85  ? 56  VAL A CG2   1 
ATOM   432  N N     . ARG A 1 57 ? 18.546  0.471   -4.163  1.00 7.70  ? 57  ARG A N     1 
ATOM   433  C CA    . ARG A 1 57 ? 19.278  -0.091  -5.295  1.00 7.70  ? 57  ARG A CA    1 
ATOM   434  C C     . ARG A 1 57 ? 18.287  -0.874  -6.148  1.00 7.80  ? 57  ARG A C     1 
ATOM   435  O O     . ARG A 1 57 ? 17.601  -1.773  -5.650  1.00 7.60  ? 57  ARG A O     1 
ATOM   436  C CB    . ARG A 1 57 ? 20.412  -1.009  -4.828  1.00 7.70  ? 57  ARG A CB    1 
ATOM   437  C CG    . ARG A 1 57 ? 21.409  -0.361  -3.879  1.00 7.68  ? 57  ARG A CG    1 
ATOM   438  C CD    . ARG A 1 57 ? 22.656  -1.216  -3.674  1.00 7.74  ? 57  ARG A CD    1 
ATOM   439  N NE    . ARG A 1 57 ? 22.356  -2.620  -3.390  0.60 7.63  ? 57  ARG A NE    1 
ATOM   440  C CZ    . ARG A 1 57 ? 22.062  -3.110  -2.187  0.60 7.67  ? 57  ARG A CZ    1 
ATOM   441  N NH1   . ARG A 1 57 ? 22.011  -2.315  -1.125  0.60 7.70  ? 57  ARG A NH1   1 
ATOM   442  N NH2   . ARG A 1 57 ? 21.810  -4.404  -2.048  0.60 7.63  ? 57  ARG A NH2   1 
ATOM   443  N N     . GLN A 1 58 ? 18.210  -0.515  -7.426  1.00 7.87  ? 58  GLN A N     1 
ATOM   444  C CA    . GLN A 1 58 ? 17.294  -1.165  -8.352  1.00 8.14  ? 58  GLN A CA    1 
ATOM   445  C C     . GLN A 1 58 ? 17.956  -2.337  -9.065  1.00 8.21  ? 58  GLN A C     1 
ATOM   446  O O     . GLN A 1 58 ? 18.941  -2.160  -9.782  1.00 8.05  ? 58  GLN A O     1 
ATOM   447  C CB    . GLN A 1 58 ? 16.753  -0.164  -9.374  1.00 8.34  ? 58  GLN A CB    1 
ATOM   448  C CG    . GLN A 1 58 ? 15.814  -0.794  -10.394 1.00 8.56  ? 58  GLN A CG    1 
ATOM   449  C CD    . GLN A 1 58 ? 15.258  0.197   -11.393 1.00 8.85  ? 58  GLN A CD    1 
ATOM   450  O OE1   . GLN A 1 58 ? 15.182  1.395   -11.127 1.00 9.01  ? 58  GLN A OE1   1 
ATOM   451  N NE2   . GLN A 1 58 ? 14.854  -0.307  -12.556 1.00 8.98  ? 58  GLN A NE2   1 
ATOM   452  N N     . TYR A 1 59 ? 17.404  -3.529  -8.857  1.00 8.35  ? 59  TYR A N     1 
ATOM   453  C CA    . TYR A 1 59 ? 17.812  -4.722  -9.595  1.00 8.61  ? 59  TYR A CA    1 
ATOM   454  C C     . TYR A 1 59 ? 16.681  -5.106  -10.540 1.00 8.76  ? 59  TYR A C     1 
ATOM   455  O O     . TYR A 1 59 ? 15.525  -5.182  -10.124 1.00 8.63  ? 59  TYR A O     1 
ATOM   456  C CB    . TYR A 1 59 ? 18.100  -5.883  -8.641  1.00 8.71  ? 59  TYR A CB    1 
ATOM   457  C CG    . TYR A 1 59 ? 19.256  -5.653  -7.689  1.00 8.84  ? 59  TYR A CG    1 
ATOM   458  C CD1   . TYR A 1 59 ? 19.056  -5.022  -6.460  1.00 8.90  ? 59  TYR A CD1   1 
ATOM   459  C CD2   . TYR A 1 59 ? 20.546  -6.080  -8.012  1.00 8.94  ? 59  TYR A CD2   1 
ATOM   460  C CE1   . TYR A 1 59 ? 20.109  -4.816  -5.582  1.00 8.98  ? 59  TYR A CE1   1 
ATOM   461  C CE2   . TYR A 1 59 ? 21.604  -5.880  -7.140  1.00 8.95  ? 59  TYR A CE2   1 
ATOM   462  C CZ    . TYR A 1 59 ? 21.379  -5.248  -5.928  1.00 9.08  ? 59  TYR A CZ    1 
ATOM   463  O OH    . TYR A 1 59 ? 22.423  -5.041  -5.058  1.00 9.24  ? 59  TYR A OH    1 
ATOM   464  N N     . ASP A 1 60 ? 17.013  -5.334  -11.807 1.00 9.00  ? 60  ASP A N     1 
ATOM   465  C CA    . ASP A 1 60 ? 16.004  -5.665  -12.812 1.00 9.46  ? 60  ASP A CA    1 
ATOM   466  C C     . ASP A 1 60 ? 15.955  -7.163  -13.086 1.00 9.62  ? 60  ASP A C     1 
ATOM   467  O O     . ASP A 1 60 ? 16.925  -7.877  -12.828 1.00 9.53  ? 60  ASP A O     1 
ATOM   468  C CB    . ASP A 1 60 ? 16.261  -4.897  -14.116 1.00 9.70  ? 60  ASP A CB    1 
ATOM   469  C CG    . ASP A 1 60 ? 15.997  -3.405  -13.985 1.00 9.92  ? 60  ASP A CG    1 
ATOM   470  O OD1   . ASP A 1 60 ? 15.175  -3.001  -13.130 1.00 10.05 ? 60  ASP A OD1   1 
ATOM   471  O OD2   . ASP A 1 60 ? 16.606  -2.629  -14.751 1.00 10.17 ? 60  ASP A OD2   1 
ATOM   472  N N     . GLN A 1 61 ? 14.813  -7.623  -13.600 1.00 9.99  ? 61  GLN A N     1 
ATOM   473  C CA    . GLN A 1 61 ? 14.638  -9.007  -14.052 1.00 10.22 ? 61  GLN A CA    1 
ATOM   474  C C     . GLN A 1 61 ? 15.067  -10.037 -12.994 1.00 10.05 ? 61  GLN A C     1 
ATOM   475  O O     . GLN A 1 61 ? 15.804  -10.986 -13.282 1.00 10.12 ? 61  GLN A O     1 
ATOM   476  C CB    . GLN A 1 61 ? 15.354  -9.224  -15.398 1.00 10.95 ? 61  GLN A CB    1 
ATOM   477  C CG    . GLN A 1 61 ? 14.702  -8.475  -16.556 1.00 11.65 ? 61  GLN A CG    1 
ATOM   478  C CD    . GLN A 1 61 ? 15.620  -8.270  -17.748 1.00 12.31 ? 61  GLN A CD    1 
ATOM   479  O OE1   . GLN A 1 61 ? 15.959  -7.137  -18.093 1.00 13.22 ? 61  GLN A OE1   1 
ATOM   480  N NE2   . GLN A 1 61 ? 16.021  -9.359  -18.388 1.00 12.51 ? 61  GLN A NE2   1 
ATOM   481  N N     . ILE A 1 62 ? 14.591  -9.827  -11.768 1.00 9.67  ? 62  ILE A N     1 
ATOM   482  C CA    . ILE A 1 62 ? 14.857  -10.719 -10.649 1.00 9.51  ? 62  ILE A CA    1 
ATOM   483  C C     . ILE A 1 62 ? 13.688  -11.680 -10.484 1.00 9.58  ? 62  ILE A C     1 
ATOM   484  O O     . ILE A 1 62 ? 12.528  -11.276 -10.576 1.00 9.50  ? 62  ILE A O     1 
ATOM   485  C CB    . ILE A 1 62 ? 15.081  -9.929  -9.336  1.00 9.39  ? 62  ILE A CB    1 
ATOM   486  C CG1   . ILE A 1 62 ? 16.363  -9.084  -9.414  1.00 9.30  ? 62  ILE A CG1   1 
ATOM   487  C CG2   . ILE A 1 62 ? 15.101  -10.850 -8.117  1.00 9.29  ? 62  ILE A CG2   1 
ATOM   488  C CD1   . ILE A 1 62 ? 17.650  -9.875  -9.599  1.00 9.30  ? 62  ILE A CD1   1 
ATOM   489  N N     . LEU A 1 63 ? 14.003  -12.949 -10.248 1.00 9.59  ? 63  LEU A N     1 
ATOM   490  C CA    . LEU A 1 63 ? 12.981  -13.943 -9.985  1.00 9.77  ? 63  LEU A CA    1 
ATOM   491  C C     . LEU A 1 63 ? 12.582  -13.925 -8.514  1.00 9.69  ? 63  LEU A C     1 
ATOM   492  O O     . LEU A 1 63 ? 13.432  -13.939 -7.619  1.00 9.59  ? 63  LEU A O     1 
ATOM   493  C CB    . LEU A 1 63 ? 13.451  -15.339 -10.406 1.00 10.01 ? 63  LEU A CB    1 
ATOM   494  C CG    . LEU A 1 63 ? 12.538  -16.553 -10.174 1.00 10.27 ? 63  LEU A CG    1 
ATOM   495  C CD1   . LEU A 1 63 ? 11.165  -16.404 -10.825 1.00 10.46 ? 63  LEU A CD1   1 
ATOM   496  C CD2   . LEU A 1 63 ? 13.228  -17.810 -10.677 1.00 10.39 ? 63  LEU A CD2   1 
ATOM   497  N N     . ILE A 1 64 ? 11.275  -13.856 -8.291  1.00 9.67  ? 64  ILE A N     1 
ATOM   498  C CA    A ILE A 1 64 ? 10.689  -13.917 -6.950  0.50 9.68  ? 64  ILE A CA    1 
ATOM   499  C CA    B ILE A 1 64 ? 10.713  -13.942 -6.955  0.50 9.66  ? 64  ILE A CA    1 
ATOM   500  C C     . ILE A 1 64 ? 9.521   -14.896 -6.970  1.00 9.73  ? 64  ILE A C     1 
ATOM   501  O O     . ILE A 1 64 ? 8.748   -14.928 -7.932  1.00 9.92  ? 64  ILE A O     1 
ATOM   502  C CB    A ILE A 1 64 ? 10.169  -12.542 -6.464  0.50 9.62  ? 64  ILE A CB    1 
ATOM   503  C CB    B ILE A 1 64 ? 10.326  -12.545 -6.409  0.50 9.63  ? 64  ILE A CB    1 
ATOM   504  C CG1   A ILE A 1 64 ? 11.312  -11.560 -6.229  0.50 9.50  ? 64  ILE A CG1   1 
ATOM   505  C CG1   B ILE A 1 64 ? 9.936   -12.617 -4.930  0.50 9.52  ? 64  ILE A CG1   1 
ATOM   506  C CG2   A ILE A 1 64 ? 9.394   -12.673 -5.159  0.50 9.55  ? 64  ILE A CG2   1 
ATOM   507  C CG2   B ILE A 1 64 ? 9.224   -11.909 -7.246  0.50 9.55  ? 64  ILE A CG2   1 
ATOM   508  C CD1   A ILE A 1 64 ? 10.945  -10.469 -5.243  0.50 9.38  ? 64  ILE A CD1   1 
ATOM   509  C CD1   B ILE A 1 64 ? 9.781   -11.260 -4.282  0.50 9.42  ? 64  ILE A CD1   1 
ATOM   510  N N     . GLU A 1 65 ? 9.396   -15.689 -5.913  1.00 9.77  ? 65  GLU A N     1 
ATOM   511  C CA    . GLU A 1 65 ? 8.240   -16.560 -5.758  1.00 9.90  ? 65  GLU A CA    1 
ATOM   512  C C     . GLU A 1 65 ? 7.399   -16.024 -4.613  1.00 9.57  ? 65  GLU A C     1 
ATOM   513  O O     . GLU A 1 65 ? 7.896   -15.849 -3.499  1.00 9.42  ? 65  GLU A O     1 
ATOM   514  C CB    . GLU A 1 65 ? 8.661   -18.007 -5.513  1.00 10.47 ? 65  GLU A CB    1 
ATOM   515  C CG    . GLU A 1 65 ? 9.222   -18.688 -6.755  1.00 11.21 ? 65  GLU A CG    1 
ATOM   516  C CD    . GLU A 1 65 ? 9.694   -20.107 -6.494  1.00 11.70 ? 65  GLU A CD    1 
ATOM   517  O OE1   . GLU A 1 65 ? 10.616  -20.553 -7.204  1.00 12.41 ? 65  GLU A OE1   1 
ATOM   518  O OE2   . GLU A 1 65 ? 9.153   -20.773 -5.580  1.00 12.14 ? 65  GLU A OE2   1 
ATOM   519  N N     . ILE A 1 66 ? 6.137   -15.735 -4.910  1.00 9.27  ? 66  ILE A N     1 
ATOM   520  C CA    . ILE A 1 66 ? 5.205   -15.179 -3.934  1.00 9.19  ? 66  ILE A CA    1 
ATOM   521  C C     . ILE A 1 66 ? 4.107   -16.211 -3.718  1.00 9.20  ? 66  ILE A C     1 
ATOM   522  O O     . ILE A 1 66 ? 3.278   -16.430 -4.602  1.00 9.19  ? 66  ILE A O     1 
ATOM   523  C CB    . ILE A 1 66 ? 4.582   -13.859 -4.433  1.00 9.10  ? 66  ILE A CB    1 
ATOM   524  C CG1   . ILE A 1 66 ? 5.674   -12.831 -4.758  1.00 9.08  ? 66  ILE A CG1   1 
ATOM   525  C CG2   . ILE A 1 66 ? 3.592   -13.312 -3.406  1.00 9.02  ? 66  ILE A CG2   1 
ATOM   526  C CD1   . ILE A 1 66 ? 5.275   -11.814 -5.806  1.00 9.04  ? 66  ILE A CD1   1 
ATOM   527  N N     . CYS A 1 67 ? 4.119   -16.852 -2.551  0.70 9.30  ? 67  CYS A N     1 
ATOM   528  C CA    . CYS A 1 67 ? 3.221   -17.973 -2.254  0.70 9.44  ? 67  CYS A CA    1 
ATOM   529  C C     . CYS A 1 67 ? 3.295   -19.070 -3.312  0.70 9.48  ? 67  CYS A C     1 
ATOM   530  O O     . CYS A 1 67 ? 2.277   -19.663 -3.687  0.70 9.48  ? 67  CYS A O     1 
ATOM   531  C CB    . CYS A 1 67 ? 1.781   -17.489 -2.094  0.70 9.59  ? 67  CYS A CB    1 
ATOM   532  S SG    . CYS A 1 67 ? 1.595   -16.302 -0.764  0.70 9.76  ? 67  CYS A SG    1 
ATOM   533  N N     . GLY A 1 68 ? 4.506   -19.320 -3.797  1.00 9.53  ? 68  GLY A N     1 
ATOM   534  C CA    . GLY A 1 68 ? 4.740   -20.348 -4.797  1.00 9.73  ? 68  GLY A CA    1 
ATOM   535  C C     . GLY A 1 68 ? 4.464   -19.897 -6.220  1.00 9.85  ? 68  GLY A C     1 
ATOM   536  O O     . GLY A 1 68 ? 4.610   -20.684 -7.155  1.00 10.05 ? 68  GLY A O     1 
ATOM   537  N N     . HIS A 1 69 ? 4.057   -18.637 -6.388  1.00 9.74  ? 69  HIS A N     1 
ATOM   538  C CA    . HIS A 1 69 ? 3.796   -18.094 -7.722  1.00 9.75  ? 69  HIS A CA    1 
ATOM   539  C C     . HIS A 1 69 ? 4.981   -17.339 -8.232  1.00 9.78  ? 69  HIS A C     1 
ATOM   540  O O     . HIS A 1 69 ? 5.478   -16.416 -7.580  1.00 9.54  ? 69  HIS A O     1 
ATOM   541  C CB    . HIS A 1 69 ? 2.557   -17.211 -7.729  1.00 9.76  ? 69  HIS A CB    1 
ATOM   542  C CG    . HIS A 1 69 ? 1.301   -17.934 -7.324  1.00 9.82  ? 69  HIS A CG    1 
ATOM   543  N ND1   . HIS A 1 69 ? 0.593   -18.687 -8.183  1.00 9.93  ? 69  HIS A ND1   1 
ATOM   544  C CD2   . HIS A 1 69 ? 0.642   -18.003 -6.101  1.00 9.85  ? 69  HIS A CD2   1 
ATOM   545  C CE1   . HIS A 1 69 ? -0.472  -19.208 -7.544  1.00 9.87  ? 69  HIS A CE1   1 
ATOM   546  N NE2   . HIS A 1 69 ? -0.440  -18.789 -6.271  1.00 9.82  ? 69  HIS A NE2   1 
ATOM   547  N N     . LYS A 1 70 ? 5.440   -17.740 -9.414  1.00 9.82  ? 70  LYS A N     1 
ATOM   548  C CA    . LYS A 1 70 ? 6.639   -17.188 -10.021 1.00 9.92  ? 70  LYS A CA    1 
ATOM   549  C C     . LYS A 1 70 ? 6.397   -15.804 -10.613 1.00 9.72  ? 70  LYS A C     1 
ATOM   550  O O     . LYS A 1 70 ? 5.381   -15.557 -11.263 1.00 9.65  ? 70  LYS A O     1 
ATOM   551  C CB    . LYS A 1 70 ? 7.192   -18.151 -11.082 1.00 10.32 ? 70  LYS A CB    1 
ATOM   552  C CG    . LYS A 1 70 ? 7.543   -19.521 -10.517 1.00 10.84 ? 70  LYS A CG    1 
ATOM   553  C CD    . LYS A 1 70 ? 8.115   -20.460 -11.569 1.00 11.14 ? 70  LYS A CD    1 
ATOM   554  C CE    . LYS A 1 70 ? 8.324   -21.849 -10.986 1.00 11.27 ? 70  LYS A CE    1 
ATOM   555  N NZ    . LYS A 1 70 ? 9.313   -21.868 -9.865  1.00 11.41 ? 70  LYS A NZ    1 
ATOM   556  N N     . ALA A 1 71 ? 7.336   -14.903 -10.360 1.00 9.50  ? 71  ALA A N     1 
ATOM   557  C CA    . ALA A 1 71 ? 7.287   -13.553 -10.900 1.00 9.37  ? 71  ALA A CA    1 
ATOM   558  C C     . ALA A 1 71 ? 8.700   -13.098 -11.200 1.00 9.26  ? 71  ALA A C     1 
ATOM   559  O O     . ALA A 1 71 ? 9.617   -13.359 -10.415 1.00 9.49  ? 71  ALA A O     1 
ATOM   560  C CB    . ALA A 1 71 ? 6.625   -12.603 -9.914  1.00 9.32  ? 71  ALA A CB    1 
ATOM   561  N N     . ILE A 1 72 ? 8.870   -12.433 -12.341 1.00 9.02  ? 72  ILE A N     1 
ATOM   562  C CA    . ILE A 1 72 ? 10.143  -11.836 -12.722 1.00 8.81  ? 72  ILE A CA    1 
ATOM   563  C C     . ILE A 1 72 ? 9.921   -10.340 -12.918 1.00 8.54  ? 72  ILE A C     1 
ATOM   564  O O     . ILE A 1 72 ? 8.992   -9.923  -13.620 1.00 8.58  ? 72  ILE A O     1 
ATOM   565  C CB    . ILE A 1 72 ? 10.732  -12.482 -14.001 1.00 8.92  ? 72  ILE A CB    1 
ATOM   566  C CG1   . ILE A 1 72 ? 11.090  -13.950 -13.739 1.00 9.04  ? 72  ILE A CG1   1 
ATOM   567  C CG2   . ILE A 1 72 ? 11.973  -11.729 -14.475 1.00 9.03  ? 72  ILE A CG2   1 
ATOM   568  C CD1   . ILE A 1 72 ? 11.205  -14.800 -14.986 1.00 9.25  ? 72  ILE A CD1   1 
ATOM   569  N N     . GLY A 1 73 ? 10.759  -9.537  -12.274 1.00 8.24  ? 73  GLY A N     1 
ATOM   570  C CA    . GLY A 1 73 ? 10.666  -8.097  -12.415 1.00 7.94  ? 73  GLY A CA    1 
ATOM   571  C C     . GLY A 1 73 ? 11.646  -7.346  -11.547 1.00 7.79  ? 73  GLY A C     1 
ATOM   572  O O     . GLY A 1 73 ? 12.603  -7.919  -11.023 1.00 7.75  ? 73  GLY A O     1 
ATOM   573  N N     . THR A 1 74 ? 11.382  -6.055  -11.396 1.00 7.67  ? 74  THR A N     1 
ATOM   574  C CA    . THR A 1 74 ? 12.269  -5.141  -10.698 1.00 7.62  ? 74  THR A CA    1 
ATOM   575  C C     . THR A 1 74 ? 12.102  -5.264  -9.190  1.00 7.49  ? 74  THR A C     1 
ATOM   576  O O     . THR A 1 74 ? 10.983  -5.284  -8.671  1.00 7.50  ? 74  THR A O     1 
ATOM   577  C CB    . THR A 1 74 ? 12.031  -3.694  -11.179 1.00 7.65  ? 74  THR A CB    1 
ATOM   578  O OG1   . THR A 1 74 ? 12.398  -3.602  -12.562 1.00 7.70  ? 74  THR A OG1   1 
ATOM   579  C CG2   . THR A 1 74 ? 12.852  -2.686  -10.377 1.00 7.65  ? 74  THR A CG2   1 
ATOM   580  N N     . VAL A 1 75 ? 13.230  -5.370  -8.501  1.00 7.35  ? 75  VAL A N     1 
ATOM   581  C CA    . VAL A 1 75 ? 13.247  -5.426  -7.049  1.00 7.33  ? 75  VAL A CA    1 
ATOM   582  C C     . VAL A 1 75 ? 14.148  -4.311  -6.545  1.00 7.31  ? 75  VAL A C     1 
ATOM   583  O O     . VAL A 1 75 ? 15.316  -4.226  -6.935  1.00 7.32  ? 75  VAL A O     1 
ATOM   584  C CB    . VAL A 1 75 ? 13.757  -6.789  -6.532  1.00 7.32  ? 75  VAL A CB    1 
ATOM   585  C CG1   . VAL A 1 75 ? 13.891  -6.779  -5.016  1.00 7.32  ? 75  VAL A CG1   1 
ATOM   586  C CG2   . VAL A 1 75 ? 12.822  -7.907  -6.966  1.00 7.36  ? 75  VAL A CG2   1 
ATOM   587  N N     . LEU A 1 76 ? 13.592  -3.452  -5.697  1.00 7.26  ? 76  LEU A N     1 
ATOM   588  C CA    . LEU A 1 76 ? 14.363  -2.386  -5.065  1.00 7.37  ? 76  LEU A CA    1 
ATOM   589  C C     . LEU A 1 76 ? 14.824  -2.873  -3.697  1.00 7.49  ? 76  LEU A C     1 
ATOM   590  O O     . LEU A 1 76 ? 14.083  -3.569  -2.998  1.00 7.50  ? 76  LEU A O     1 
ATOM   591  C CB    . LEU A 1 76 ? 13.525  -1.109  -4.932  1.00 7.38  ? 76  LEU A CB    1 
ATOM   592  C CG    . LEU A 1 76 ? 12.753  -0.642  -6.174  1.00 7.41  ? 76  LEU A CG    1 
ATOM   593  C CD1   . LEU A 1 76 ? 11.947  0.609   -5.871  1.00 7.50  ? 76  LEU A CD1   1 
ATOM   594  C CD2   . LEU A 1 76 ? 13.676  -0.410  -7.363  1.00 7.53  ? 76  LEU A CD2   1 
ATOM   595  N N     . VAL A 1 77 ? 16.050  -2.521  -3.330  1.00 7.55  ? 77  VAL A N     1 
ATOM   596  C CA    . VAL A 1 77 ? 16.619  -2.942  -2.056  1.00 7.79  ? 77  VAL A CA    1 
ATOM   597  C C     . VAL A 1 77 ? 17.064  -1.711  -1.284  1.00 7.88  ? 77  VAL A C     1 
ATOM   598  O O     . VAL A 1 77 ? 17.787  -0.868  -1.808  1.00 7.87  ? 77  VAL A O     1 
ATOM   599  C CB    . VAL A 1 77 ? 17.807  -3.913  -2.249  1.00 7.82  ? 77  VAL A CB    1 
ATOM   600  C CG1   . VAL A 1 77 ? 18.431  -4.279  -0.910  1.00 7.97  ? 77  VAL A CG1   1 
ATOM   601  C CG2   . VAL A 1 77 ? 17.363  -5.165  -2.991  1.00 7.85  ? 77  VAL A CG2   1 
ATOM   602  N N     . GLY A 1 78 ? 16.621  -1.607  -0.036  1.00 8.06  ? 78  GLY A N     1 
ATOM   603  C CA    . GLY A 1 78 ? 16.978  -0.464  0.787   1.00 8.34  ? 78  GLY A CA    1 
ATOM   604  C C     . GLY A 1 78 ? 16.406  -0.521  2.186   1.00 8.64  ? 78  GLY A C     1 
ATOM   605  O O     . GLY A 1 78 ? 15.785  -1.519  2.568   1.00 8.56  ? 78  GLY A O     1 
ATOM   606  N N     . PRO A 1 79 ? 16.605  0.561   2.955   1.00 8.89  ? 79  PRO A N     1 
ATOM   607  C CA    . PRO A 1 79 ? 16.215  0.664   4.363   1.00 9.02  ? 79  PRO A CA    1 
ATOM   608  C C     . PRO A 1 79 ? 14.701  0.805   4.570   1.00 9.05  ? 79  PRO A C     1 
ATOM   609  O O     . PRO A 1 79 ? 14.229  1.786   5.159   1.00 9.34  ? 79  PRO A O     1 
ATOM   610  C CB    . PRO A 1 79 ? 16.967  1.908   4.845   1.00 9.08  ? 79  PRO A CB    1 
ATOM   611  C CG    . PRO A 1 79 ? 17.137  2.746   3.624   1.00 9.19  ? 79  PRO A CG    1 
ATOM   612  C CD    . PRO A 1 79 ? 17.260  1.793   2.467   1.00 9.00  ? 79  PRO A CD    1 
ATOM   613  N N     . THR A 1 80 ? 13.949  -0.175  4.080   1.00 8.88  ? 80  THR A N     1 
ATOM   614  C CA    . THR A 1 80 ? 12.527  -0.267  4.386   1.00 8.70  ? 80  THR A CA    1 
ATOM   615  C C     . THR A 1 80 ? 12.348  -0.994  5.724   1.00 8.53  ? 80  THR A C     1 
ATOM   616  O O     . THR A 1 80 ? 13.104  -1.917  6.030   1.00 8.59  ? 80  THR A O     1 
ATOM   617  C CB    . THR A 1 80 ? 11.729  -0.954  3.251   1.00 8.68  ? 80  THR A CB    1 
ATOM   618  O OG1   . THR A 1 80 ? 10.356  -1.086  3.638   1.00 8.59  ? 80  THR A OG1   1 
ATOM   619  C CG2   . THR A 1 80 ? 12.305  -2.333  2.904   1.00 8.73  ? 80  THR A CG2   1 
ATOM   620  N N     . PRO A 1 81 ? 11.355  -0.575  6.533   1.00 8.39  ? 81  PRO A N     1 
ATOM   621  C CA    . PRO A 1 81 ? 11.116  -1.262  7.804   1.00 8.24  ? 81  PRO A CA    1 
ATOM   622  C C     . PRO A 1 81 ? 10.416  -2.615  7.631   1.00 8.05  ? 81  PRO A C     1 
ATOM   623  O O     . PRO A 1 81 ? 10.391  -3.429  8.566   1.00 7.99  ? 81  PRO A O     1 
ATOM   624  C CB    . PRO A 1 81 ? 10.222  -0.279  8.570   1.00 8.33  ? 81  PRO A CB    1 
ATOM   625  C CG    . PRO A 1 81 ? 9.518   0.493   7.511   1.00 8.36  ? 81  PRO A CG    1 
ATOM   626  C CD    . PRO A 1 81 ? 10.492  0.614   6.373   1.00 8.40  ? 81  PRO A CD    1 
ATOM   627  N N     . VAL A 1 82 ? 9.874   -2.850  6.438   1.00 7.73  ? 82  VAL A N     1 
ATOM   628  C CA    . VAL A 1 82 ? 9.180   -4.096  6.117   1.00 7.55  ? 82  VAL A CA    1 
ATOM   629  C C     . VAL A 1 82 ? 9.351   -4.413  4.628   1.00 7.28  ? 82  VAL A C     1 
ATOM   630  O O     . VAL A 1 82 ? 9.325   -3.507  3.791   1.00 7.22  ? 82  VAL A O     1 
ATOM   631  C CB    . VAL A 1 82 ? 7.677   -4.030  6.506   1.00 7.62  ? 82  VAL A CB    1 
ATOM   632  C CG1   . VAL A 1 82 ? 6.944   -2.935  5.740   1.00 7.66  ? 82  VAL A CG1   1 
ATOM   633  C CG2   . VAL A 1 82 ? 6.990   -5.376  6.315   1.00 7.74  ? 82  VAL A CG2   1 
ATOM   634  N N     . ASN A 1 83 ? 9.540   -5.692  4.308   1.00 7.01  ? 83  ASN A N     1 
ATOM   635  C CA    . ASN A 1 83 ? 9.548   -6.138  2.912   1.00 6.78  ? 83  ASN A CA    1 
ATOM   636  C C     . ASN A 1 83 ? 8.185   -5.883  2.283   1.00 6.52  ? 83  ASN A C     1 
ATOM   637  O O     . ASN A 1 83 ? 7.151   -6.220  2.865   1.00 6.49  ? 83  ASN A O     1 
ATOM   638  C CB    . ASN A 1 83 ? 9.893   -7.624  2.802   1.00 6.86  ? 83  ASN A CB    1 
ATOM   639  C CG    . ASN A 1 83 ? 11.338  -7.930  3.157   1.00 6.89  ? 83  ASN A CG    1 
ATOM   640  O OD1   . ASN A 1 83 ? 12.249  -7.149  2.876   1.00 6.91  ? 83  ASN A OD1   1 
ATOM   641  N ND2   . ASN A 1 83 ? 11.553  -9.091  3.762   1.00 6.89  ? 83  ASN A ND2   1 
ATOM   642  N N     . ILE A 1 84 ? 8.189   -5.276  1.103   1.00 6.23  ? 84  ILE A N     1 
ATOM   643  C CA    . ILE A 1 84 ? 6.951   -4.868  0.452   1.00 6.04  ? 84  ILE A CA    1 
ATOM   644  C C     . ILE A 1 84 ? 6.934   -5.349  -0.991  1.00 5.82  ? 84  ILE A C     1 
ATOM   645  O O     . ILE A 1 84 ? 7.864   -5.084  -1.753  1.00 5.78  ? 84  ILE A O     1 
ATOM   646  C CB    . ILE A 1 84 ? 6.761   -3.333  0.523   1.00 6.13  ? 84  ILE A CB    1 
ATOM   647  C CG1   . ILE A 1 84 ? 6.398   -2.913  1.955   1.00 6.20  ? 84  ILE A CG1   1 
ATOM   648  C CG2   . ILE A 1 84 ? 5.688   -2.876  -0.459  1.00 6.09  ? 84  ILE A CG2   1 
ATOM   649  C CD1   . ILE A 1 84 ? 6.776   -1.491  2.311   1.00 6.38  ? 84  ILE A CD1   1 
ATOM   650  N N     . ILE A 1 85 ? 5.885   -6.087  -1.346  1.00 5.58  ? 85  ILE A N     1 
ATOM   651  C CA    . ILE A 1 85 ? 5.650   -6.473  -2.730  1.00 5.41  ? 85  ILE A CA    1 
ATOM   652  C C     . ILE A 1 85 ? 4.676   -5.462  -3.324  1.00 5.30  ? 85  ILE A C     1 
ATOM   653  O O     . ILE A 1 85 ? 3.544   -5.329  -2.849  1.00 5.27  ? 85  ILE A O     1 
ATOM   654  C CB    . ILE A 1 85 ? 5.067   -7.904  -2.854  1.00 5.40  ? 85  ILE A CB    1 
ATOM   655  C CG1   . ILE A 1 85 ? 5.933   -8.926  -2.097  1.00 5.38  ? 85  ILE A CG1   1 
ATOM   656  C CG2   . ILE A 1 85 ? 4.913   -8.306  -4.318  1.00 5.42  ? 85  ILE A CG2   1 
ATOM   657  C CD1   . ILE A 1 85 ? 7.403   -8.945  -2.473  1.00 5.46  ? 85  ILE A CD1   1 
ATOM   658  N N     . GLY A 1 86 ? 5.135   -4.749  -4.347  1.00 5.20  ? 86  GLY A N     1 
ATOM   659  C CA    . GLY A 1 86 ? 4.331   -3.723  -5.010  1.00 5.09  ? 86  GLY A CA    1 
ATOM   660  C C     . GLY A 1 86 ? 3.632   -4.222  -6.257  1.00 4.98  ? 86  GLY A C     1 
ATOM   661  O O     . GLY A 1 86 ? 3.753   -5.392  -6.625  1.00 4.99  ? 86  GLY A O     1 
ATOM   662  N N     . ARG A 1 87 ? 2.907   -3.321  -6.917  1.00 4.91  ? 87  ARG A N     1 
ATOM   663  C CA    . ARG A 1 87 ? 2.067   -3.678  -8.059  1.00 4.88  ? 87  ARG A CA    1 
ATOM   664  C C     . ARG A 1 87 ? 2.867   -4.282  -9.210  1.00 4.88  ? 87  ARG A C     1 
ATOM   665  O O     . ARG A 1 87 ? 2.358   -5.129  -9.945  1.00 4.83  ? 87  ARG A O     1 
ATOM   666  C CB    . ARG A 1 87 ? 1.276   -2.461  -8.552  1.00 4.85  ? 87  ARG A CB    1 
ATOM   667  C CG    . ARG A 1 87 ? 0.205   -1.974  -7.582  1.00 4.82  ? 87  ARG A CG    1 
ATOM   668  C CD    . ARG A 1 87 ? -0.642  -0.850  -8.177  1.00 4.82  ? 87  ARG A CD    1 
ATOM   669  N NE    . ARG A 1 87 ? 0.159   0.336   -8.497  1.00 4.81  ? 87  ARG A NE    1 
ATOM   670  C CZ    . ARG A 1 87 ? 0.631   0.633   -9.707  1.00 4.83  ? 87  ARG A CZ    1 
ATOM   671  N NH1   . ARG A 1 87 ? 0.389   -0.163  -10.747 1.00 4.83  ? 87  ARG A NH1   1 
ATOM   672  N NH2   . ARG A 1 87 ? 1.352   1.733   -9.881  1.00 4.85  ? 87  ARG A NH2   1 
ATOM   673  N N     . ASN A 1 88 ? 4.116   -3.847  -9.361  1.00 4.92  ? 88  ASN A N     1 
ATOM   674  C CA    . ASN A 1 88 ? 4.968   -4.341  -10.443 1.00 5.01  ? 88  ASN A CA    1 
ATOM   675  C C     . ASN A 1 88 ? 5.104   -5.869  -10.431 1.00 5.09  ? 88  ASN A C     1 
ATOM   676  O O     . ASN A 1 88 ? 5.249   -6.486  -11.484 1.00 5.20  ? 88  ASN A O     1 
ATOM   677  C CB    . ASN A 1 88 ? 6.342   -3.665  -10.416 1.00 4.96  ? 88  ASN A CB    1 
ATOM   678  C CG    . ASN A 1 88 ? 7.255   -4.240  -9.352  1.00 4.93  ? 88  ASN A CG    1 
ATOM   679  O OD1   . ASN A 1 88 ? 6.956   -4.177  -8.161  1.00 4.86  ? 88  ASN A OD1   1 
ATOM   680  N ND2   . ASN A 1 88 ? 8.377   -4.813  -9.782  1.00 4.90  ? 88  ASN A ND2   1 
ATOM   681  N N     . LEU A 1 89 ? 5.038   -6.470  -9.241  1.00 5.16  ? 89  LEU A N     1 
ATOM   682  C CA    . LEU A 1 89 ? 5.074   -7.930  -9.112  1.00 5.25  ? 89  LEU A CA    1 
ATOM   683  C C     . LEU A 1 89 ? 3.710   -8.554  -8.806  1.00 5.23  ? 89  LEU A C     1 
ATOM   684  O O     . LEU A 1 89 ? 3.465   -9.708  -9.164  1.00 5.16  ? 89  LEU A O     1 
ATOM   685  C CB    . LEU A 1 89 ? 6.117   -8.372  -8.076  1.00 5.40  ? 89  LEU A CB    1 
ATOM   686  C CG    . LEU A 1 89 ? 7.572   -7.958  -8.327  1.00 5.53  ? 89  LEU A CG    1 
ATOM   687  C CD1   . LEU A 1 89 ? 8.460   -8.440  -7.190  1.00 5.78  ? 89  LEU A CD1   1 
ATOM   688  C CD2   . LEU A 1 89 ? 8.089   -8.479  -9.659  1.00 5.57  ? 89  LEU A CD2   1 
ATOM   689  N N     . LEU A 1 90 ? 2.825   -7.800  -8.153  1.00 5.19  ? 90  LEU A N     1 
ATOM   690  C CA    . LEU A 1 90 ? 1.458   -8.268  -7.909  1.00 5.21  ? 90  LEU A CA    1 
ATOM   691  C C     . LEU A 1 90 ? 0.723   -8.573  -9.216  1.00 5.25  ? 90  LEU A C     1 
ATOM   692  O O     . LEU A 1 90 ? -0.035  -9.542  -9.296  1.00 5.21  ? 90  LEU A O     1 
ATOM   693  C CB    . LEU A 1 90 ? 0.668   -7.254  -7.070  1.00 5.19  ? 90  LEU A CB    1 
ATOM   694  C CG    . LEU A 1 90 ? 1.127   -7.036  -5.623  1.00 5.16  ? 90  LEU A CG    1 
ATOM   695  C CD1   . LEU A 1 90 ? 0.400   -5.849  -4.996  1.00 5.18  ? 90  LEU A CD1   1 
ATOM   696  C CD2   . LEU A 1 90 ? 0.931   -8.288  -4.782  1.00 5.16  ? 90  LEU A CD2   1 
ATOM   697  N N     . THR A 1 91 ? 0.965   -7.759  -10.240 1.00 5.31  ? 91  THR A N     1 
ATOM   698  C CA    . THR A 1 91 ? 0.379   -8.002  -11.561 1.00 5.40  ? 91  THR A CA    1 
ATOM   699  C C     . THR A 1 91 ? 0.887   -9.312  -12.167 1.00 5.49  ? 91  THR A C     1 
ATOM   700  O O     . THR A 1 91 ? 0.161   -9.984  -12.908 1.00 5.49  ? 91  THR A O     1 
ATOM   701  C CB    . THR A 1 91 ? 0.695   -6.867  -12.551 1.00 5.39  ? 91  THR A CB    1 
ATOM   702  O OG1   . THR A 1 91 ? 2.112   -6.652  -12.597 1.00 5.38  ? 91  THR A OG1   1 
ATOM   703  C CG2   . THR A 1 91 ? 0.001   -5.589  -12.133 1.00 5.37  ? 91  THR A CG2   1 
ATOM   704  N N     . GLN A 1 92 ? 2.127   -9.669  -11.831 1.00 5.58  ? 92  GLN A N     1 
ATOM   705  C CA    . GLN A 1 92 ? 2.786   -10.857 -12.374 1.00 5.72  ? 92  GLN A CA    1 
ATOM   706  C C     . GLN A 1 92 ? 2.260   -12.163 -11.784 1.00 5.84  ? 92  GLN A C     1 
ATOM   707  O O     . GLN A 1 92 ? 2.487   -13.237 -12.351 1.00 6.10  ? 92  GLN A O     1 
ATOM   708  C CB    . GLN A 1 92 ? 4.306   -10.763 -12.189 1.00 5.74  ? 92  GLN A CB    1 
ATOM   709  C CG    . GLN A 1 92 ? 4.932   -9.534  -12.833 1.00 5.69  ? 92  GLN A CG    1 
ATOM   710  C CD    . GLN A 1 92 ? 4.643   -9.449  -14.319 0.60 5.69  ? 92  GLN A CD    1 
ATOM   711  O OE1   . GLN A 1 92 ? 5.085   -10.292 -15.096 0.60 5.72  ? 92  GLN A OE1   1 
ATOM   712  N NE2   . GLN A 1 92 ? 3.893   -8.431  -14.718 0.60 5.70  ? 92  GLN A NE2   1 
ATOM   713  N N     . ILE A 1 93 ? 1.558   -12.068 -10.658 1.00 5.81  ? 93  ILE A N     1 
ATOM   714  C CA    . ILE A 1 93 ? 0.918   -13.233 -10.043 1.00 5.85  ? 93  ILE A CA    1 
ATOM   715  C C     . ILE A 1 93 ? -0.606  -13.153 -10.175 1.00 5.82  ? 93  ILE A C     1 
ATOM   716  O O     . ILE A 1 93 ? -1.340  -13.964 -9.602  1.00 5.88  ? 93  ILE A O     1 
ATOM   717  C CB    . ILE A 1 93 ? 1.366   -13.451 -8.573  1.00 5.89  ? 93  ILE A CB    1 
ATOM   718  C CG1   . ILE A 1 93 ? 0.913   -12.295 -7.667  1.00 5.91  ? 93  ILE A CG1   1 
ATOM   719  C CG2   . ILE A 1 93 ? 2.880   -13.638 -8.498  1.00 5.94  ? 93  ILE A CG2   1 
ATOM   720  C CD1   . ILE A 1 93 ? 1.024   -12.584 -6.183  1.00 5.97  ? 93  ILE A CD1   1 
ATOM   721  N N     . GLY A 1 94 ? -1.070  -12.171 -10.942 1.00 5.72  ? 94  GLY A N     1 
ATOM   722  C CA    . GLY A 1 94 ? -2.488  -12.006 -11.224 1.00 5.67  ? 94  GLY A CA    1 
ATOM   723  C C     . GLY A 1 94 ? -3.289  -11.671 -9.983  1.00 5.64  ? 94  GLY A C     1 
ATOM   724  O O     . GLY A 1 94 ? -4.423  -12.114 -9.839  1.00 5.64  ? 94  GLY A O     1 
ATOM   725  N N     . CYS A 1 95 ? -2.687  -10.892 -9.088  1.00 5.57  ? 95  CYS A N     1 
ATOM   726  C CA    . CYS A 1 95 ? -3.340  -10.492 -7.846  1.00 5.60  ? 95  CYS A CA    1 
ATOM   727  C C     . CYS A 1 95 ? -4.351  -9.374  -8.091  1.00 5.63  ? 95  CYS A C     1 
ATOM   728  O O     . CYS A 1 95 ? -4.034  -8.375  -8.733  1.00 5.71  ? 95  CYS A O     1 
ATOM   729  C CB    . CYS A 1 95 ? -2.297  -10.064 -6.809  1.00 5.54  ? 95  CYS A CB    1 
ATOM   730  S SG    . CYS A 1 95 ? -3.011  -9.581  -5.224  0.60 5.33  ? 95  CYS A SG    1 
ATOM   731  N N     . THR A 1 96 ? -5.576  -9.557  -7.597  1.00 5.66  ? 96  THR A N     1 
ATOM   732  C CA    . THR A 1 96 ? -6.627  -8.551  -7.759  1.00 5.69  ? 96  THR A CA    1 
ATOM   733  C C     . THR A 1 96 ? -7.266  -8.176  -6.433  1.00 5.68  ? 96  THR A C     1 
ATOM   734  O O     . THR A 1 96 ? -7.258  -8.967  -5.489  1.00 5.60  ? 96  THR A O     1 
ATOM   735  C CB    . THR A 1 96 ? -7.749  -9.018  -8.717  1.00 5.75  ? 96  THR A CB    1 
ATOM   736  O OG1   . THR A 1 96 ? -8.315  -10.250 -8.246  1.00 5.73  ? 96  THR A OG1   1 
ATOM   737  C CG2   . THR A 1 96 ? -7.216  -9.194  -10.135 1.00 5.78  ? 96  THR A CG2   1 
ATOM   738  N N     . LEU A 1 97 ? -7.815  -6.965  -6.382  1.00 5.75  ? 97  LEU A N     1 
ATOM   739  C CA    . LEU A 1 97 ? -8.654  -6.516  -5.276  1.00 5.89  ? 97  LEU A CA    1 
ATOM   740  C C     . LEU A 1 97 ? -10.107 -6.829  -5.614  1.00 6.03  ? 97  LEU A C     1 
ATOM   741  O O     . LEU A 1 97 ? -10.556 -6.577  -6.732  1.00 5.99  ? 97  LEU A O     1 
ATOM   742  C CB    . LEU A 1 97 ? -8.481  -5.014  -5.044  1.00 5.85  ? 97  LEU A CB    1 
ATOM   743  C CG    . LEU A 1 97 ? -7.162  -4.561  -4.417  1.00 5.83  ? 97  LEU A CG    1 
ATOM   744  C CD1   . LEU A 1 97 ? -6.894  -3.094  -4.709  1.00 5.80  ? 97  LEU A CD1   1 
ATOM   745  C CD2   . LEU A 1 97 ? -7.155  -4.817  -2.914  1.00 5.84  ? 97  LEU A CD2   1 
ATOM   746  N N     . ASN A 1 98 ? -10.834 -7.382  -4.650  1.00 6.18  ? 98  ASN A N     1 
ATOM   747  C CA    . ASN A 1 98 ? -12.199 -7.840  -4.898  1.00 6.38  ? 98  ASN A CA    1 
ATOM   748  C C     . ASN A 1 98 ? -13.151 -7.404  -3.798  1.00 6.47  ? 98  ASN A C     1 
ATOM   749  O O     . ASN A 1 98 ? -12.871 -7.609  -2.618  1.00 6.48  ? 98  ASN A O     1 
ATOM   750  C CB    . ASN A 1 98 ? -12.243 -9.366  -5.030  1.00 6.45  ? 98  ASN A CB    1 
ATOM   751  C CG    . ASN A 1 98 ? -11.539 -9.872  -6.275  1.00 6.54  ? 98  ASN A CG    1 
ATOM   752  O OD1   . ASN A 1 98 ? -12.176 -10.128 -7.297  1.00 6.71  ? 98  ASN A OD1   1 
ATOM   753  N ND2   . ASN A 1 98 ? -10.225 -10.034 -6.194  1.00 6.54  ? 98  ASN A ND2   1 
ATOM   754  N N     . PHE A 1 99 ? -14.261 -6.788  -4.200  1.00 6.61  ? 99  PHE A N     1 
ATOM   755  C CA    . PHE A 1 99 ? -15.359 -6.450  -3.291  1.00 6.74  ? 99  PHE A CA    1 
ATOM   756  C C     . PHE A 1 99 ? -16.659 -6.226  -4.067  1.00 6.80  ? 99  PHE A C     1 
ATOM   757  O O     . PHE A 1 99 ? -16.700 -6.418  -5.287  1.00 6.80  ? 99  PHE A O     1 
ATOM   758  C CB    . PHE A 1 99 ? -15.025 -5.234  -2.403  1.00 6.78  ? 99  PHE A CB    1 
ATOM   759  C CG    . PHE A 1 99 ? -14.755 -3.959  -3.161  1.00 6.90  ? 99  PHE A CG    1 
ATOM   760  C CD1   . PHE A 1 99 ? -13.480 -3.672  -3.645  1.00 6.92  ? 99  PHE A CD1   1 
ATOM   761  C CD2   . PHE A 1 99 ? -15.769 -3.022  -3.358  1.00 6.97  ? 99  PHE A CD2   1 
ATOM   762  C CE1   . PHE A 1 99 ? -13.230 -2.493  -4.334  1.00 6.99  ? 99  PHE A CE1   1 
ATOM   763  C CE2   . PHE A 1 99 ? -15.524 -1.838  -4.043  1.00 7.03  ? 99  PHE A CE2   1 
ATOM   764  C CZ    . PHE A 1 99 ? -14.252 -1.573  -4.529  1.00 7.03  ? 99  PHE A CZ    1 
ATOM   765  N N     . PRO B 1 1  ? -16.437 -4.987  -7.580  1.00 7.13  ? 1   PRO B N     1 
ATOM   766  C CA    . PRO B 1 1  ? -15.536 -5.052  -8.722  1.00 7.01  ? 1   PRO B CA    1 
ATOM   767  C C     . PRO B 1 1  ? -14.355 -5.986  -8.473  1.00 6.93  ? 1   PRO B C     1 
ATOM   768  O O     . PRO B 1 1  ? -14.039 -6.298  -7.322  1.00 6.92  ? 1   PRO B O     1 
ATOM   769  C CB    . PRO B 1 1  ? -15.036 -3.604  -8.868  1.00 7.09  ? 1   PRO B CB    1 
ATOM   770  C CG    . PRO B 1 1  ? -15.450 -2.897  -7.618  1.00 7.20  ? 1   PRO B CG    1 
ATOM   771  C CD    . PRO B 1 1  ? -16.678 -3.603  -7.143  1.00 7.20  ? 1   PRO B CD    1 
ATOM   772  N N     . GLN B 1 2  ? -13.739 -6.448  -9.556  1.00 6.85  ? 2   GLN B N     1 
ATOM   773  C CA    . GLN B 1 2  ? -12.457 -7.144  -9.491  1.00 6.71  ? 2   GLN B CA    1 
ATOM   774  C C     . GLN B 1 2  ? -11.431 -6.240  -10.158 1.00 6.59  ? 2   GLN B C     1 
ATOM   775  O O     . GLN B 1 2  ? -11.488 -6.001  -11.366 1.00 6.65  ? 2   GLN B O     1 
ATOM   776  C CB    . GLN B 1 2  ? -12.529 -8.506  -10.187 1.00 6.74  ? 2   GLN B CB    1 
ATOM   777  C CG    . GLN B 1 2  ? -11.188 -9.228  -10.266 1.00 6.72  ? 2   GLN B CG    1 
ATOM   778  C CD    . GLN B 1 2  ? -11.324 -10.717 -10.505 1.00 6.83  ? 2   GLN B CD    1 
ATOM   779  O OE1   . GLN B 1 2  ? -12.316 -11.189 -11.070 1.00 6.90  ? 2   GLN B OE1   1 
ATOM   780  N NE2   . GLN B 1 2  ? -10.319 -11.471 -10.079 1.00 6.76  ? 2   GLN B NE2   1 
ATOM   781  N N     . ILE B 1 3  ? -10.497 -5.733  -9.362  1.00 6.36  ? 3   ILE B N     1 
ATOM   782  C CA    . ILE B 1 3  ? -9.587  -4.695  -9.820  1.00 6.25  ? 3   ILE B CA    1 
ATOM   783  C C     . ILE B 1 3  ? -8.178  -5.253  -9.972  1.00 6.13  ? 3   ILE B C     1 
ATOM   784  O O     . ILE B 1 3  ? -7.583  -5.729  -9.004  1.00 5.99  ? 3   ILE B O     1 
ATOM   785  C CB    . ILE B 1 3  ? -9.612  -3.476  -8.865  1.00 6.24  ? 3   ILE B CB    1 
ATOM   786  C CG1   . ILE B 1 3  ? -11.056 -2.968  -8.709  1.00 6.26  ? 3   ILE B CG1   1 
ATOM   787  C CG2   . ILE B 1 3  ? -8.676  -2.373  -9.361  1.00 6.26  ? 3   ILE B CG2   1 
ATOM   788  C CD1   . ILE B 1 3  ? -11.257 -1.925  -7.623  1.00 6.21  ? 3   ILE B CD1   1 
ATOM   789  N N     . THR B 1 4  ? -7.659  -5.203  -11.198 1.00 6.05  ? 4   THR B N     1 
ATOM   790  C CA    . THR B 1 4  ? -6.270  -5.571  -11.457 1.00 6.01  ? 4   THR B CA    1 
ATOM   791  C C     . THR B 1 4  ? -5.360  -4.415  -11.043 1.00 5.94  ? 4   THR B C     1 
ATOM   792  O O     . THR B 1 4  ? -5.839  -3.324  -10.722 1.00 6.04  ? 4   THR B O     1 
ATOM   793  C CB    . THR B 1 4  ? -6.017  -5.950  -12.932 1.00 6.05  ? 4   THR B CB    1 
ATOM   794  O OG1   . THR B 1 4  ? -6.462  -4.895  -13.794 1.00 6.17  ? 4   THR B OG1   1 
ATOM   795  C CG2   . THR B 1 4  ? -6.742  -7.244  -13.294 1.00 6.07  ? 4   THR B CG2   1 
ATOM   796  N N     . LEU B 1 5  ? -4.055  -4.654  -11.050 1.00 5.78  ? 5   LEU B N     1 
ATOM   797  C CA    . LEU B 1 5  ? -3.115  -3.708  -10.454 1.00 5.63  ? 5   LEU B CA    1 
ATOM   798  C C     . LEU B 1 5  ? -2.098  -3.149  -11.452 1.00 5.58  ? 5   LEU B C     1 
ATOM   799  O O     . LEU B 1 5  ? -1.022  -2.690  -11.064 1.00 5.45  ? 5   LEU B O     1 
ATOM   800  C CB    . LEU B 1 5  ? -2.426  -4.353  -9.243  1.00 5.56  ? 5   LEU B CB    1 
ATOM   801  C CG    . LEU B 1 5  ? -3.382  -4.758  -8.109  1.00 5.53  ? 5   LEU B CG    1 
ATOM   802  C CD1   . LEU B 1 5  ? -2.725  -5.727  -7.138  1.00 5.50  ? 5   LEU B CD1   1 
ATOM   803  C CD2   . LEU B 1 5  ? -3.947  -3.542  -7.380  1.00 5.51  ? 5   LEU B CD2   1 
ATOM   804  N N     . TRP B 1 6  ? -2.457  -3.176  -12.736 1.00 5.57  ? 6   TRP B N     1 
ATOM   805  C CA    . TRP B 1 6  ? -1.607  -2.627  -13.799 1.00 5.60  ? 6   TRP B CA    1 
ATOM   806  C C     . TRP B 1 6  ? -1.443  -1.142  -13.666 1.00 5.65  ? 6   TRP B C     1 
ATOM   807  O O     . TRP B 1 6  ? -0.424  -0.587  -14.071 1.00 5.71  ? 6   TRP B O     1 
ATOM   808  C CB    . TRP B 1 6  ? -2.161  -2.992  -15.173 1.00 5.59  ? 6   TRP B CB    1 
ATOM   809  C CG    . TRP B 1 6  ? -2.194  -4.484  -15.391 1.00 5.60  ? 6   TRP B CG    1 
ATOM   810  C CD1   . TRP B 1 6  ? -3.305  -5.322  -15.359 1.00 5.59  ? 6   TRP B CD1   1 
ATOM   811  C CD2   . TRP B 1 6  ? -1.051  -5.372  -15.641 1.00 5.58  ? 6   TRP B CD2   1 
ATOM   812  N NE1   . TRP B 1 6  ? -2.940  -6.624  -15.582 1.00 5.62  ? 6   TRP B NE1   1 
ATOM   813  C CE2   . TRP B 1 6  ? -1.602  -6.726  -15.758 1.00 5.61  ? 6   TRP B CE2   1 
ATOM   814  C CE3   . TRP B 1 6  ? 0.320   -5.187  -15.784 1.00 5.58  ? 6   TRP B CE3   1 
ATOM   815  C CZ2   . TRP B 1 6  ? -0.794  -7.831  -16.008 1.00 5.60  ? 6   TRP B CZ2   1 
ATOM   816  C CZ3   . TRP B 1 6  ? 1.125   -6.307  -16.037 1.00 5.58  ? 6   TRP B CZ3   1 
ATOM   817  C CH2   . TRP B 1 6  ? 0.578   -7.598  -16.142 1.00 5.60  ? 6   TRP B CH2   1 
ATOM   818  N N     . LYS B 1 7  ? -2.453  -0.487  -13.098 1.00 5.73  ? 7   LYS B N     1 
ATOM   819  C CA    . LYS B 1 7  ? -2.338  0.904   -12.674 1.00 5.79  ? 7   LYS B CA    1 
ATOM   820  C C     . LYS B 1 7  ? -2.684  1.012   -11.192 1.00 5.83  ? 7   LYS B C     1 
ATOM   821  O O     . LYS B 1 7  ? -3.040  0.018   -10.559 1.00 5.81  ? 7   LYS B O     1 
ATOM   822  C CB    . LYS B 1 7  ? -3.235  1.817   -13.520 1.00 5.88  ? 7   LYS B CB    1 
ATOM   823  C CG    . LYS B 1 7  ? -4.729  1.547   -13.407 1.00 5.98  ? 7   LYS B CG    1 
ATOM   824  C CD    . LYS B 1 7  ? -5.487  2.312   -14.482 1.00 6.09  ? 7   LYS B CD    1 
ATOM   825  C CE    . LYS B 1 7  ? -6.977  2.011   -14.439 1.00 6.18  ? 7   LYS B CE    1 
ATOM   826  N NZ    . LYS B 1 7  ? -7.631  2.771   -13.340 1.00 6.38  ? 7   LYS B NZ    1 
ATOM   827  N N     . ARG B 1 8  ? -2.564  2.215   -10.641 1.00 5.92  ? 8   ARG B N     1 
ATOM   828  C CA    . ARG B 1 8  ? -2.939  2.462   -9.255  1.00 6.01  ? 8   ARG B CA    1 
ATOM   829  C C     . ARG B 1 8  ? -4.437  2.210   -9.064  1.00 6.03  ? 8   ARG B C     1 
ATOM   830  O O     . ARG B 1 8  ? -5.254  2.685   -9.861  1.00 5.99  ? 8   ARG B O     1 
ATOM   831  C CB    . ARG B 1 8  ? -2.565  3.887   -8.847  1.00 6.11  ? 8   ARG B CB    1 
ATOM   832  C CG    . ARG B 1 8  ? -1.080  4.071   -8.570  1.00 6.21  ? 8   ARG B CG    1 
ATOM   833  C CD    . ARG B 1 8  ? -0.732  5.534   -8.370  1.00 6.33  ? 8   ARG B CD    1 
ATOM   834  N NE    . ARG B 1 8  ? 0.682   5.707   -8.046  1.00 6.44  ? 8   ARG B NE    1 
ATOM   835  C CZ    . ARG B 1 8  ? 1.276   6.883   -7.854  1.00 6.59  ? 8   ARG B CZ    1 
ATOM   836  N NH1   . ARG B 1 8  ? 0.586   8.013   -7.958  1.00 6.83  ? 8   ARG B NH1   1 
ATOM   837  N NH2   . ARG B 1 8  ? 2.568   6.931   -7.563  1.00 6.61  ? 8   ARG B NH2   1 
ATOM   838  N N     . PRO B 1 9  ? -4.800  1.431   -8.026  1.00 6.07  ? 9   PRO B N     1 
ATOM   839  C CA    . PRO B 1 9  ? -6.210  1.145   -7.750  1.00 6.15  ? 9   PRO B CA    1 
ATOM   840  C C     . PRO B 1 9  ? -6.925  2.322   -7.089  1.00 6.29  ? 9   PRO B C     1 
ATOM   841  O O     . PRO B 1 9  ? -7.348  2.239   -5.930  1.00 6.17  ? 9   PRO B O     1 
ATOM   842  C CB    . PRO B 1 9  ? -6.152  -0.084  -6.834  1.00 6.11  ? 9   PRO B CB    1 
ATOM   843  C CG    . PRO B 1 9  ? -4.815  -0.014  -6.185  1.00 6.07  ? 9   PRO B CG    1 
ATOM   844  C CD    . PRO B 1 9  ? -3.894  0.619   -7.192  1.00 6.05  ? 9   PRO B CD    1 
ATOM   845  N N     . LEU B 1 10 ? -7.055  3.409   -7.845  1.00 6.48  ? 10  LEU B N     1 
ATOM   846  C CA    . LEU B 1 10 ? -7.752  4.606   -7.389  1.00 6.72  ? 10  LEU B CA    1 
ATOM   847  C C     . LEU B 1 10 ? -9.249  4.446   -7.576  1.00 6.94  ? 10  LEU B C     1 
ATOM   848  O O     . LEU B 1 10 ? -9.714  3.946   -8.610  1.00 6.90  ? 10  LEU B O     1 
ATOM   849  C CB    . LEU B 1 10 ? -7.249  5.844   -8.139  1.00 6.69  ? 10  LEU B CB    1 
ATOM   850  C CG    . LEU B 1 10 ? -5.829  6.318   -7.814  1.00 6.75  ? 10  LEU B CG    1 
ATOM   851  C CD1   . LEU B 1 10 ? -5.267  7.119   -8.976  1.00 6.80  ? 10  LEU B CD1   1 
ATOM   852  C CD2   . LEU B 1 10 ? -5.785  7.136   -6.530  1.00 6.82  ? 10  LEU B CD2   1 
ATOM   853  N N     . VAL B 1 11 ? -10.003 4.853   -6.561  1.00 7.22  ? 11  VAL B N     1 
ATOM   854  C CA    . VAL B 1 11 ? -11.457 4.746   -6.596  1.00 7.54  ? 11  VAL B CA    1 
ATOM   855  C C     . VAL B 1 11 ? -12.112 6.054   -6.177  1.00 7.90  ? 11  VAL B C     1 
ATOM   856  O O     . VAL B 1 11 ? -11.504 6.877   -5.491  1.00 7.87  ? 11  VAL B O     1 
ATOM   857  C CB    . VAL B 1 11 ? -11.980 3.597   -5.698  1.00 7.52  ? 11  VAL B CB    1 
ATOM   858  C CG1   . VAL B 1 11 ? -11.539 2.241   -6.242  1.00 7.44  ? 11  VAL B CG1   1 
ATOM   859  C CG2   . VAL B 1 11 ? -11.535 3.785   -4.254  1.00 7.52  ? 11  VAL B CG2   1 
ATOM   860  N N     . THR B 1 12 ? -13.356 6.238   -6.606  1.00 8.37  ? 12  THR B N     1 
ATOM   861  C CA    . THR B 1 12 ? -14.159 7.372   -6.179  1.00 8.86  ? 12  THR B CA    1 
ATOM   862  C C     . THR B 1 12 ? -14.587 7.175   -4.727  1.00 9.39  ? 12  THR B C     1 
ATOM   863  O O     . THR B 1 12 ? -15.129 6.124   -4.363  1.00 9.56  ? 12  THR B O     1 
ATOM   864  C CB    . THR B 1 12 ? -15.406 7.529   -7.073  1.00 8.82  ? 12  THR B CB    1 
ATOM   865  O OG1   . THR B 1 12 ? -15.006 7.596   -8.446  0.60 8.63  ? 12  THR B OG1   1 
ATOM   866  C CG2   . THR B 1 12 ? -16.173 8.788   -6.716  0.60 8.84  ? 12  THR B CG2   1 
ATOM   867  N N     . ILE B 1 13 ? -14.307 8.177   -3.900  1.00 10.00 ? 13  ILE B N     1 
ATOM   868  C CA    . ILE B 1 13 ? -14.828 8.214   -2.539  1.00 10.63 ? 13  ILE B CA    1 
ATOM   869  C C     . ILE B 1 13 ? -15.686 9.460   -2.349  1.00 11.19 ? 13  ILE B C     1 
ATOM   870  O O     . ILE B 1 13 ? -15.495 10.471  -3.036  1.00 11.26 ? 13  ILE B O     1 
ATOM   871  C CB    . ILE B 1 13 ? -13.716 8.130   -1.460  1.00 10.68 ? 13  ILE B CB    1 
ATOM   872  C CG1   . ILE B 1 13 ? -12.809 9.363   -1.502  1.00 10.62 ? 13  ILE B CG1   1 
ATOM   873  C CG2   . ILE B 1 13 ? -12.907 6.847   -1.616  1.00 10.61 ? 13  ILE B CG2   1 
ATOM   874  C CD1   . ILE B 1 13 ? -12.006 9.585   -0.235  1.00 10.68 ? 13  ILE B CD1   1 
ATOM   875  N N     . LYS B 1 14 ? -16.647 9.373   -1.435  1.00 11.91 ? 14  LYS B N     1 
ATOM   876  C CA    . LYS B 1 14 ? -17.455 10.526  -1.077  1.00 12.64 ? 14  LYS B CA    1 
ATOM   877  C C     . LYS B 1 14 ? -17.493 10.711  0.438   1.00 12.96 ? 14  LYS B C     1 
ATOM   878  O O     . LYS B 1 14 ? -17.795 9.773   1.178   1.00 12.64 ? 14  LYS B O     1 
ATOM   879  C CB    . LYS B 1 14 ? -18.874 10.409  -1.649  1.00 13.05 ? 14  LYS B CB    1 
ATOM   880  C CG    . LYS B 1 14 ? -19.678 11.699  -1.525  1.00 13.46 ? 14  LYS B CG    1 
ATOM   881  C CD    . LYS B 1 14 ? -20.693 11.872  -2.646  1.00 14.08 ? 14  LYS B CD    1 
ATOM   882  C CE    . LYS B 1 14 ? -22.047 11.275  -2.298  1.00 14.27 ? 14  LYS B CE    1 
ATOM   883  N NZ    . LYS B 1 14 ? -23.149 12.055  -2.936  1.00 14.69 ? 14  LYS B NZ    1 
ATOM   884  N N     . ILE B 1 15 ? -17.154 11.920  0.880   1.00 13.49 ? 15  ILE B N     1 
ATOM   885  C CA    . ILE B 1 15 ? -17.287 12.319  2.278   1.00 14.37 ? 15  ILE B CA    1 
ATOM   886  C C     . ILE B 1 15 ? -17.947 13.692  2.333   1.00 15.00 ? 15  ILE B C     1 
ATOM   887  O O     . ILE B 1 15 ? -17.410 14.663  1.797   1.00 15.31 ? 15  ILE B O     1 
ATOM   888  C CB    . ILE B 1 15 ? -15.924 12.379  3.016   1.00 14.41 ? 15  ILE B CB    1 
ATOM   889  C CG1   . ILE B 1 15 ? -15.228 11.015  3.005   1.00 14.39 ? 15  ILE B CG1   1 
ATOM   890  C CG2   . ILE B 1 15 ? -16.111 12.866  4.451   1.00 14.24 ? 15  ILE B CG2   1 
ATOM   891  C CD1   . ILE B 1 15 ? -13.875 10.996  3.695   1.00 14.43 ? 15  ILE B CD1   1 
ATOM   892  N N     . GLY B 1 16 ? -19.121 13.754  2.962   1.00 15.73 ? 16  GLY B N     1 
ATOM   893  C CA    . GLY B 1 16 ? -19.824 15.014  3.228   1.00 16.39 ? 16  GLY B CA    1 
ATOM   894  C C     . GLY B 1 16 ? -20.116 15.884  2.018   1.00 16.84 ? 16  GLY B C     1 
ATOM   895  O O     . GLY B 1 16 ? -19.839 17.086  2.028   1.00 17.60 ? 16  GLY B O     1 
ATOM   896  N N     . GLY B 1 17 ? -20.671 15.276  0.976   1.00 17.07 ? 17  GLY B N     1 
ATOM   897  C CA    . GLY B 1 17 ? -21.009 15.988  -0.255  1.00 17.33 ? 17  GLY B CA    1 
ATOM   898  C C     . GLY B 1 17 ? -19.797 16.361  -1.088  1.00 17.47 ? 17  GLY B C     1 
ATOM   899  O O     . GLY B 1 17 ? -19.906 17.153  -2.028  1.00 18.09 ? 17  GLY B O     1 
ATOM   900  N N     . GLN B 1 18 ? -18.640 15.796  -0.742  1.00 17.10 ? 18  GLN B N     1 
ATOM   901  C CA    . GLN B 1 18 ? -17.406 16.038  -1.483  1.00 16.70 ? 18  GLN B CA    1 
ATOM   902  C C     . GLN B 1 18 ? -16.936 14.750  -2.151  1.00 15.62 ? 18  GLN B C     1 
ATOM   903  O O     . GLN B 1 18 ? -16.698 13.744  -1.480  1.00 15.08 ? 18  GLN B O     1 
ATOM   904  C CB    . GLN B 1 18 ? -16.308 16.593  -0.565  1.00 17.81 ? 18  GLN B CB    1 
ATOM   905  C CG    . GLN B 1 18 ? -16.713 17.809  0.264   1.00 19.17 ? 18  GLN B CG    1 
ATOM   906  C CD    . GLN B 1 18 ? -16.833 19.083  -0.555  1.00 20.02 ? 18  GLN B CD    1 
ATOM   907  O OE1   . GLN B 1 18 ? -15.889 19.492  -1.230  1.00 20.99 ? 18  GLN B OE1   1 
ATOM   908  N NE2   . GLN B 1 18 ? -17.996 19.726  -0.485  1.00 20.42 ? 18  GLN B NE2   1 
ATOM   909  N N     . LEU B 1 19 ? -16.823 14.788  -3.476  1.00 14.57 ? 19  LEU B N     1 
ATOM   910  C CA    . LEU B 1 19 ? -16.291 13.660  -4.231  1.00 13.74 ? 19  LEU B CA    1 
ATOM   911  C C     . LEU B 1 19 ? -14.779 13.793  -4.346  1.00 12.94 ? 19  LEU B C     1 
ATOM   912  O O     . LEU B 1 19 ? -14.267 14.805  -4.832  1.00 12.81 ? 19  LEU B O     1 
ATOM   913  C CB    . LEU B 1 19 ? -16.939 13.563  -5.620  1.00 13.93 ? 19  LEU B CB    1 
ATOM   914  C CG    . LEU B 1 19 ? -18.344 12.960  -5.716  1.00 14.17 ? 19  LEU B CG    1 
ATOM   915  C CD1   . LEU B 1 19 ? -19.000 13.313  -7.043  1.00 14.45 ? 19  LEU B CD1   1 
ATOM   916  C CD2   . LEU B 1 19 ? -18.317 11.450  -5.531  1.00 14.23 ? 19  LEU B CD2   1 
ATOM   917  N N     . LYS B 1 20 ? -14.074 12.774  -3.863  1.00 12.01 ? 20  LYS B N     1 
ATOM   918  C CA    . LYS B 1 20 ? -12.624 12.717  -3.940  1.00 11.20 ? 20  LYS B CA    1 
ATOM   919  C C     . LYS B 1 20 ? -12.247 11.402  -4.616  1.00 10.25 ? 20  LYS B C     1 
ATOM   920  O O     . LYS B 1 20 ? -13.113 10.620  -5.016  1.00 10.06 ? 20  LYS B O     1 
ATOM   921  C CB    . LYS B 1 20 ? -11.996 12.761  -2.535  1.00 11.69 ? 20  LYS B CB    1 
ATOM   922  C CG    . LYS B 1 20 ? -12.400 13.931  -1.642  1.00 12.37 ? 20  LYS B CG    1 
ATOM   923  C CD    . LYS B 1 20 ? -11.739 13.806  -0.270  1.00 12.58 ? 20  LYS B CD    1 
ATOM   924  C CE    . LYS B 1 20 ? -12.040 14.994  0.638   1.00 13.09 ? 20  LYS B CE    1 
ATOM   925  N NZ    . LYS B 1 20 ? -13.296 14.858  1.434   1.00 13.34 ? 20  LYS B NZ    1 
ATOM   926  N N     . GLU B 1 21 ? -10.951 11.161  -4.750  1.00 9.21  ? 21  GLU B N     1 
ATOM   927  C CA    . GLU B 1 21 ? -10.497 9.822   -5.091  1.00 8.39  ? 21  GLU B CA    1 
ATOM   928  C C     . GLU B 1 21 ? -9.339  9.395   -4.206  1.00 7.76  ? 21  GLU B C     1 
ATOM   929  O O     . GLU B 1 21 ? -8.585  10.236  -3.702  1.00 7.58  ? 21  GLU B O     1 
ATOM   930  C CB    . GLU B 1 21 ? -10.204 9.672   -6.592  1.00 8.42  ? 21  GLU B CB    1 
ATOM   931  C CG    . GLU B 1 21 ? -9.057  10.487  -7.161  1.00 8.44  ? 21  GLU B CG    1 
ATOM   932  C CD    . GLU B 1 21 ? -8.985  10.354  -8.670  1.00 8.35  ? 21  GLU B CD    1 
ATOM   933  O OE1   . GLU B 1 21 ? -9.847  10.931  -9.361  1.00 8.26  ? 21  GLU B OE1   1 
ATOM   934  O OE2   . GLU B 1 21 ? -8.075  9.664   -9.169  1.00 8.46  ? 21  GLU B OE2   1 
ATOM   935  N N     . ALA B 1 22 ? -9.229  8.089   -3.989  1.00 7.11  ? 22  ALA B N     1 
ATOM   936  C CA    . ALA B 1 22 ? -8.208  7.542   -3.110  1.00 6.58  ? 22  ALA B CA    1 
ATOM   937  C C     . ALA B 1 22 ? -7.765  6.162   -3.565  1.00 6.27  ? 22  ALA B C     1 
ATOM   938  O O     . ALA B 1 22 ? -8.501  5.453   -4.261  1.00 6.24  ? 22  ALA B O     1 
ATOM   939  C CB    . ALA B 1 22 ? -8.703  7.501   -1.673  1.00 6.48  ? 22  ALA B CB    1 
ATOM   940  N N     . LEU B 1 23 ? -6.565  5.800   -3.117  1.00 6.04  ? 23  LEU B N     1 
ATOM   941  C CA    A LEU B 1 23 ? -5.929  4.550   -3.516  0.25 5.94  ? 23  LEU B CA    1 
ATOM   942  C CA    B LEU B 1 23 ? -5.887  4.566   -3.491  0.25 5.94  ? 23  LEU B CA    1 
ATOM   943  C CA    C LEU B 1 23 ? -5.929  4.556   -3.520  0.50 5.94  ? 23  LEU B CA    1 
ATOM   944  C C     . LEU B 1 23 ? -6.260  3.423   -2.543  1.00 5.87  ? 23  LEU B C     1 
ATOM   945  O O     . LEU B 1 23 ? -6.022  3.529   -1.336  1.00 5.83  ? 23  LEU B O     1 
ATOM   946  C CB    A LEU B 1 23 ? -4.412  4.734   -3.623  0.25 5.96  ? 23  LEU B CB    1 
ATOM   947  C CB    B LEU B 1 23 ? -4.379  4.819   -3.424  0.25 5.93  ? 23  LEU B CB    1 
ATOM   948  C CB    C LEU B 1 23 ? -4.414  4.767   -3.637  0.50 5.97  ? 23  LEU B CB    1 
ATOM   949  C CG    A LEU B 1 23 ? -3.369  3.882   -4.023  0.00 6.07  ? 23  LEU B CG    1 
ATOM   950  C CG    B LEU B 1 23 ? -3.391  3.835   -4.034  0.50 5.94  ? 23  LEU B CG    1 
ATOM   951  C CG    C LEU B 1 23 ? -3.646  3.857   -4.594  0.50 5.98  ? 23  LEU B CG    1 
ATOM   952  C CD1   A LEU B 1 23 ? -3.595  3.632   -5.465  0.00 9.21  ? 23  LEU B CD1   1 
ATOM   953  C CD1   B LEU B 1 23 ? -3.692  3.681   -5.511  0.50 5.94  ? 23  LEU B CD1   1 
ATOM   954  C CD1   C LEU B 1 23 ? -2.323  4.492   -4.993  0.50 5.97  ? 23  LEU B CD1   1 
ATOM   955  C CD2   A LEU B 1 23 ? -2.005  4.629   -3.816  0.00 2.00  ? 23  LEU B CD2   1 
ATOM   956  C CD2   B LEU B 1 23 ? -1.972  4.350   -3.822  0.50 5.90  ? 23  LEU B CD2   1 
ATOM   957  C CD2   C LEU B 1 23 ? -3.408  2.505   -3.949  0.50 5.94  ? 23  LEU B CD2   1 
ATOM   958  N N     . LEU B 1 24 ? -6.826  2.336   -3.075  1.00 5.68  ? 24  LEU B N     1 
ATOM   959  C CA    . LEU B 1 24 ? -7.126  1.162   -2.247  1.00 5.48  ? 24  LEU B CA    1 
ATOM   960  C C     . LEU B 1 24 ? -5.792  0.540   -1.865  1.00 5.32  ? 24  LEU B C     1 
ATOM   961  O O     . LEU B 1 24 ? -5.079  0.007   -2.716  1.00 5.27  ? 24  LEU B O     1 
ATOM   962  C CB    . LEU B 1 24 ? -8.006  0.149   -2.983  1.00 5.46  ? 24  LEU B CB    1 
ATOM   963  C CG    . LEU B 1 24 ? -9.400  0.602   -3.430  1.00 5.52  ? 24  LEU B CG    1 
ATOM   964  C CD1   . LEU B 1 24 ? -10.105 -0.538  -4.148  1.00 5.55  ? 24  LEU B CD1   1 
ATOM   965  C CD2   . LEU B 1 24 ? -10.237 1.094   -2.255  1.00 5.54  ? 24  LEU B CD2   1 
ATOM   966  N N     . ASP B 1 25 ? -5.459  0.634   -0.582  1.00 5.15  ? 25  ASP B N     1 
ATOM   967  C CA    . ASP B 1 25 ? -4.082  0.471   -0.128  1.00 5.00  ? 25  ASP B CA    1 
ATOM   968  C C     . ASP B 1 25 ? -3.941  -0.629  0.932   1.00 4.90  ? 25  ASP B C     1 
ATOM   969  O O     . ASP B 1 25 ? -4.075  -0.374  2.128   1.00 4.83  ? 25  ASP B O     1 
ATOM   970  C CB    . ASP B 1 25 ? -3.577  1.826   0.398   1.00 5.02  ? 25  ASP B CB    1 
ATOM   971  C CG    . ASP B 1 25 ? -2.096  1.823   0.741   1.00 5.06  ? 25  ASP B CG    1 
ATOM   972  O OD1   . ASP B 1 25 ? -1.427  0.769   0.626   1.00 5.07  ? 25  ASP B OD1   1 
ATOM   973  O OD2   . ASP B 1 25 ? -1.597  2.894   1.139   1.00 5.04  ? 25  ASP B OD2   1 
ATOM   974  N N     . THR B 1 26 ? -3.640  -1.845  0.481   1.00 4.80  ? 26  THR B N     1 
ATOM   975  C CA    . THR B 1 26 ? -3.520  -2.992  1.388   1.00 4.75  ? 26  THR B CA    1 
ATOM   976  C C     . THR B 1 26 ? -2.311  -2.922  2.318   1.00 4.72  ? 26  THR B C     1 
ATOM   977  O O     . THR B 1 26 ? -2.281  -3.607  3.336   1.00 4.69  ? 26  THR B O     1 
ATOM   978  C CB    . THR B 1 26 ? -3.512  -4.337  0.636   1.00 4.76  ? 26  THR B CB    1 
ATOM   979  O OG1   . THR B 1 26 ? -2.403  -4.381  -0.272  1.00 4.69  ? 26  THR B OG1   1 
ATOM   980  C CG2   . THR B 1 26 ? -4.815  -4.510  -0.134  1.00 4.85  ? 26  THR B CG2   1 
ATOM   981  N N     . GLY B 1 27 ? -1.329  -2.095  1.966   1.00 4.71  ? 27  GLY B N     1 
ATOM   982  C CA    . GLY B 1 27 ? -0.139  -1.896  2.799   1.00 4.74  ? 27  GLY B CA    1 
ATOM   983  C C     . GLY B 1 27 ? -0.282  -0.779  3.818   1.00 4.78  ? 27  GLY B C     1 
ATOM   984  O O     . GLY B 1 27 ? 0.695   -0.390  4.460   1.00 4.78  ? 27  GLY B O     1 
ATOM   985  N N     . ALA B 1 28 ? -1.498  -0.255  3.955   1.00 4.81  ? 28  ALA B N     1 
ATOM   986  C CA    . ALA B 1 28 ? -1.793  0.793   4.924   1.00 4.89  ? 28  ALA B CA    1 
ATOM   987  C C     . ALA B 1 28 ? -2.741  0.273   5.991   1.00 4.95  ? 28  ALA B C     1 
ATOM   988  O O     . ALA B 1 28 ? -3.821  -0.221  5.670   1.00 4.84  ? 28  ALA B O     1 
ATOM   989  C CB    . ALA B 1 28 ? -2.407  2.002   4.230   1.00 4.90  ? 28  ALA B CB    1 
ATOM   990  N N     . ASP B 1 29 ? -2.338  0.394   7.256   1.00 5.06  ? 29  ASP B N     1 
ATOM   991  C CA    . ASP B 1 29 ? -3.226  0.089   8.382   1.00 5.23  ? 29  ASP B CA    1 
ATOM   992  C C     . ASP B 1 29 ? -4.380  1.081   8.400   1.00 5.32  ? 29  ASP B C     1 
ATOM   993  O O     . ASP B 1 29 ? -5.502  0.727   8.766   1.00 5.41  ? 29  ASP B O     1 
ATOM   994  C CB    . ASP B 1 29 ? -2.495  0.227   9.725   1.00 5.23  ? 29  ASP B CB    1 
ATOM   995  C CG    . ASP B 1 29 ? -1.344  -0.746  9.894   1.00 5.29  ? 29  ASP B CG    1 
ATOM   996  O OD1   . ASP B 1 29 ? -1.140  -1.645  9.053   1.00 5.25  ? 29  ASP B OD1   1 
ATOM   997  O OD2   . ASP B 1 29 ? -0.628  -0.598  10.910  1.00 5.48  ? 29  ASP B OD2   1 
ATOM   998  N N     . ASP B 1 30 ? -4.086  2.319   7.997   1.00 5.39  ? 30  ASP B N     1 
ATOM   999  C CA    . ASP B 1 30 ? -4.986  3.453   8.184   1.00 5.53  ? 30  ASP B CA    1 
ATOM   1000 C C     . ASP B 1 30 ? -5.390  4.103   6.868   1.00 5.52  ? 30  ASP B C     1 
ATOM   1001 O O     . ASP B 1 30 ? -4.728  3.935   5.836   1.00 5.43  ? 30  ASP B O     1 
ATOM   1002 C CB    . ASP B 1 30 ? -4.310  4.517   9.060   1.00 5.66  ? 30  ASP B CB    1 
ATOM   1003 C CG    . ASP B 1 30 ? -3.574  3.927   10.238  1.00 5.77  ? 30  ASP B CG    1 
ATOM   1004 O OD1   . ASP B 1 30 ? -4.241  3.422   11.166  1.00 5.91  ? 30  ASP B OD1   1 
ATOM   1005 O OD2   . ASP B 1 30 ? -2.323  3.966   10.231  1.00 5.86  ? 30  ASP B OD2   1 
ATOM   1006 N N     . THR B 1 31 ? -6.481  4.856   6.935   1.00 5.61  ? 31  THR B N     1 
ATOM   1007 C CA    . THR B 1 31 ? -6.951  5.682   5.838   1.00 5.73  ? 31  THR B CA    1 
ATOM   1008 C C     . THR B 1 31 ? -6.441  7.104   6.064   1.00 5.90  ? 31  THR B C     1 
ATOM   1009 O O     . THR B 1 31 ? -6.686  7.703   7.115   1.00 5.95  ? 31  THR B O     1 
ATOM   1010 C CB    . THR B 1 31 ? -8.485  5.638   5.751   1.00 5.67  ? 31  THR B CB    1 
ATOM   1011 O OG1   . THR B 1 31 ? -8.886  4.303   5.415   1.00 5.61  ? 31  THR B OG1   1 
ATOM   1012 C CG2   . THR B 1 31 ? -9.018  6.619   4.694   1.00 5.63  ? 31  THR B CG2   1 
ATOM   1013 N N     . VAL B 1 32 ? -5.703  7.616   5.083   1.00 6.13  ? 32  VAL B N     1 
ATOM   1014 C CA    . VAL B 1 32 ? -5.069  8.929   5.188   1.00 6.34  ? 32  VAL B CA    1 
ATOM   1015 C C     . VAL B 1 32 ? -5.396  9.766   3.958   1.00 6.63  ? 32  VAL B C     1 
ATOM   1016 O O     . VAL B 1 32 ? -5.131  9.356   2.826   1.00 6.49  ? 32  VAL B O     1 
ATOM   1017 C CB    . VAL B 1 32 ? -3.532  8.836   5.337   1.00 6.29  ? 32  VAL B CB    1 
ATOM   1018 C CG1   . VAL B 1 32 ? -2.959  10.172  5.796   1.00 6.26  ? 32  VAL B CG1   1 
ATOM   1019 C CG2   . VAL B 1 32 ? -3.133  7.731   6.309   1.00 6.23  ? 32  VAL B CG2   1 
ATOM   1020 N N     . LEU B 1 33 ? -5.987  10.933  4.198   1.00 7.11  ? 33  LEU B N     1 
ATOM   1021 C CA    . LEU B 1 33 ? -6.273  11.897  3.145   1.00 7.75  ? 33  LEU B CA    1 
ATOM   1022 C C     . LEU B 1 33 ? -5.444  13.157  3.370   1.00 8.42  ? 33  LEU B C     1 
ATOM   1023 O O     . LEU B 1 33 ? -5.071  13.467  4.503   1.00 8.26  ? 33  LEU B O     1 
ATOM   1024 C CB    . LEU B 1 33 ? -7.771  12.241  3.117   1.00 7.73  ? 33  LEU B CB    1 
ATOM   1025 C CG    . LEU B 1 33 ? -8.777  11.081  3.032   1.00 7.73  ? 33  LEU B CG    1 
ATOM   1026 C CD1   . LEU B 1 33 ? -10.208 11.598  3.076   1.00 7.96  ? 33  LEU B CD1   1 
ATOM   1027 C CD2   . LEU B 1 33 ? -8.557  10.236  1.786   1.00 7.70  ? 33  LEU B CD2   1 
ATOM   1028 N N     . GLU B 1 34 ? -5.152  13.875  2.289   1.00 9.33  ? 34  GLU B N     1 
ATOM   1029 C CA    . GLU B 1 34 ? -4.406  15.131  2.375   1.00 10.45 ? 34  GLU B CA    1 
ATOM   1030 C C     . GLU B 1 34 ? -5.246  16.242  2.986   1.00 11.72 ? 34  GLU B C     1 
ATOM   1031 O O     . GLU B 1 34 ? -4.725  17.113  3.692   1.00 11.57 ? 34  GLU B O     1 
ATOM   1032 C CB    . GLU B 1 34 ? -3.910  15.554  0.996   1.00 10.23 ? 34  GLU B CB    1 
ATOM   1033 C CG    . GLU B 1 34 ? -2.759  14.703  0.489   1.00 10.00 ? 34  GLU B CG    1 
ATOM   1034 C CD    . GLU B 1 34 ? -2.346  15.028  -0.932  1.00 10.01 ? 34  GLU B CD    1 
ATOM   1035 O OE1   . GLU B 1 34 ? -2.952  15.929  -1.550  1.00 10.11 ? 34  GLU B OE1   1 
ATOM   1036 O OE2   . GLU B 1 34 ? -1.406  14.376  -1.431  1.00 9.90  ? 34  GLU B OE2   1 
ATOM   1037 N N     . GLU B 1 35 ? -6.548  16.196  2.701   1.00 13.18 ? 35  GLU B N     1 
ATOM   1038 C CA    A GLU B 1 35 ? -7.493  17.174  3.223   0.50 14.30 ? 35  GLU B CA    1 
ATOM   1039 C CA    B GLU B 1 35 ? -7.497  17.202  3.172   0.50 14.28 ? 35  GLU B CA    1 
ATOM   1040 C C     . GLU B 1 35 ? -8.915  16.630  3.224   1.00 15.08 ? 35  GLU B C     1 
ATOM   1041 O O     . GLU B 1 35 ? -9.276  15.788  2.400   1.00 15.24 ? 35  GLU B O     1 
ATOM   1042 C CB    A GLU B 1 35 ? -7.425  18.493  2.435   0.50 14.49 ? 35  GLU B CB    1 
ATOM   1043 C CB    B GLU B 1 35 ? -7.449  18.429  2.251   0.50 14.46 ? 35  GLU B CB    1 
ATOM   1044 C CG    A GLU B 1 35 ? -7.681  18.367  0.941   0.50 14.82 ? 35  GLU B CG    1 
ATOM   1045 C CG    B GLU B 1 35 ? -8.230  19.643  2.732   0.50 14.78 ? 35  GLU B CG    1 
ATOM   1046 C CD    A GLU B 1 35 ? -7.892  19.712  0.276   0.50 15.05 ? 35  GLU B CD    1 
ATOM   1047 C CD    B GLU B 1 35 ? -9.568  19.805  2.033   0.50 14.91 ? 35  GLU B CD    1 
ATOM   1048 O OE1   A GLU B 1 35 ? -8.239  20.677  0.985   0.50 15.38 ? 35  GLU B OE1   1 
ATOM   1049 O OE1   B GLU B 1 35 ? -10.092 18.806  1.502   0.50 14.93 ? 35  GLU B OE1   1 
ATOM   1050 O OE2   A GLU B 1 35 ? -7.714  19.803  -0.956  0.50 15.19 ? 35  GLU B OE2   1 
ATOM   1051 O OE2   B GLU B 1 35 ? -10.094 20.938  2.008   0.50 15.16 ? 35  GLU B OE2   1 
ATOM   1052 N N     . MET B 1 36 ? -9.700  17.099  4.189   1.00 16.45 ? 36  MET B N     1 
ATOM   1053 C CA    . MET B 1 36 ? -11.132 16.851  4.249   1.00 18.40 ? 36  MET B CA    1 
ATOM   1054 C C     . MET B 1 36 ? -11.777 18.218  4.418   1.00 19.90 ? 36  MET B C     1 
ATOM   1055 O O     . MET B 1 36 ? -11.184 19.112  5.024   1.00 20.73 ? 36  MET B O     1 
ATOM   1056 C CB    . MET B 1 36 ? -11.499 15.954  5.430   1.00 18.69 ? 36  MET B CB    1 
ATOM   1057 C CG    . MET B 1 36 ? -11.250 14.473  5.206   1.00 18.46 ? 36  MET B CG    1 
ATOM   1058 S SD    . MET B 1 36 ? -12.346 13.430  6.192   1.00 19.10 ? 36  MET B SD    1 
ATOM   1059 C CE    . MET B 1 36 ? -11.766 13.761  7.854   1.00 18.11 ? 36  MET B CE    1 
ATOM   1060 N N     . ASN B 1 37 ? -12.979 18.382  3.876   1.00 21.21 ? 37  ASN B N     1 
ATOM   1061 C CA    . ASN B 1 37 ? -13.668 19.668  3.930   1.00 22.81 ? 37  ASN B CA    1 
ATOM   1062 C C     . ASN B 1 37 ? -14.236 19.984  5.313   1.00 23.79 ? 37  ASN B C     1 
ATOM   1063 O O     . ASN B 1 37 ? -15.184 19.337  5.766   1.00 24.79 ? 37  ASN B O     1 
ATOM   1064 C CB    . ASN B 1 37 ? -14.761 19.748  2.853   1.00 22.91 ? 37  ASN B CB    1 
ATOM   1065 C CG    A ASN B 1 37 ? -15.327 21.148  2.690   0.60 23.04 ? 37  ASN B CG    1 
ATOM   1066 C CG    B ASN B 1 37 ? -14.212 20.149  1.495   0.40 22.80 ? 37  ASN B CG    1 
ATOM   1067 O OD1   A ASN B 1 37 ? -14.627 22.143  2.879   0.60 23.15 ? 37  ASN B OD1   1 
ATOM   1068 O OD1   B ASN B 1 37 ? -14.424 21.272  1.038   0.40 22.97 ? 37  ASN B OD1   1 
ATOM   1069 N ND2   A ASN B 1 37 ? -16.602 21.230  2.326   0.60 23.11 ? 37  ASN B ND2   1 
ATOM   1070 N ND2   B ASN B 1 37 ? -13.494 19.234  0.848   0.40 22.98 ? 37  ASN B ND2   1 
ATOM   1071 N N     . LEU B 1 38 ? -13.628 20.972  5.974   1.00 24.66 ? 38  LEU B N     1 
ATOM   1072 C CA    . LEU B 1 38 ? -14.085 21.504  7.271   1.00 25.15 ? 38  LEU B CA    1 
ATOM   1073 C C     . LEU B 1 38 ? -14.483 20.424  8.294   1.00 25.41 ? 38  LEU B C     1 
ATOM   1074 O O     . LEU B 1 38 ? -15.610 20.434  8.803   1.00 26.15 ? 38  LEU B O     1 
ATOM   1075 C CB    . LEU B 1 38 ? -15.238 22.504  7.063   1.00 25.29 ? 38  LEU B CB    1 
ATOM   1076 C CG    . LEU B 1 38 ? -15.045 23.630  6.039   1.00 25.23 ? 38  LEU B CG    1 
ATOM   1077 C CD1   . LEU B 1 38 ? -16.376 24.095  5.465   1.00 25.32 ? 38  LEU B CD1   1 
ATOM   1078 C CD2   . LEU B 1 38 ? -14.279 24.801  6.635   1.00 25.41 ? 38  LEU B CD2   1 
ATOM   1079 N N     . PRO B 1 39 ? -13.555 19.498  8.614   1.00 25.39 ? 39  PRO B N     1 
ATOM   1080 C CA    . PRO B 1 39 ? -13.932 18.335  9.422   1.00 24.97 ? 39  PRO B CA    1 
ATOM   1081 C C     . PRO B 1 39 ? -13.952 18.561  10.943  1.00 25.12 ? 39  PRO B C     1 
ATOM   1082 O O     . PRO B 1 39 ? -14.365 17.665  11.686  1.00 25.79 ? 39  PRO B O     1 
ATOM   1083 C CB    . PRO B 1 39 ? -12.877 17.291  9.037   1.00 24.73 ? 39  PRO B CB    1 
ATOM   1084 C CG    . PRO B 1 39 ? -11.689 18.080  8.574   1.00 24.51 ? 39  PRO B CG    1 
ATOM   1085 C CD    . PRO B 1 39 ? -12.112 19.501  8.303   1.00 25.00 ? 39  PRO B CD    1 
ATOM   1086 N N     . GLY B 1 40 ? -13.515 19.735  11.399  1.00 24.94 ? 40  GLY B N     1 
ATOM   1087 C CA    . GLY B 1 40 ? -13.581 20.100  12.820  1.00 23.79 ? 40  GLY B CA    1 
ATOM   1088 C C     . GLY B 1 40 ? -12.377 19.685  13.651  1.00 22.73 ? 40  GLY B C     1 
ATOM   1089 O O     . GLY B 1 40 ? -11.266 19.557  13.130  1.00 22.84 ? 40  GLY B O     1 
ATOM   1090 N N     . ARG B 1 41 ? -12.602 19.476  14.950  1.00 21.72 ? 41  ARG B N     1 
ATOM   1091 C CA    . ARG B 1 41 ? -11.525 19.102  15.875  1.00 20.80 ? 41  ARG B CA    1 
ATOM   1092 C C     . ARG B 1 41 ? -11.106 17.635  15.739  1.00 19.13 ? 41  ARG B C     1 
ATOM   1093 O O     . ARG B 1 41 ? -11.922 16.764  15.428  1.00 19.20 ? 41  ARG B O     1 
ATOM   1094 C CB    . ARG B 1 41 ? -11.890 19.437  17.332  1.00 21.78 ? 41  ARG B CB    1 
ATOM   1095 C CG    . ARG B 1 41 ? -10.747 19.261  18.331  1.00 22.55 ? 41  ARG B CG    1 
ATOM   1096 C CD    . ARG B 1 41 ? -9.500  20.040  17.921  1.00 23.31 ? 41  ARG B CD    1 
ATOM   1097 N NE    . ARG B 1 41 ? -8.268  19.343  18.298  1.00 24.15 ? 41  ARG B NE    1 
ATOM   1098 C CZ    . ARG B 1 41 ? -7.043  19.711  17.929  1.00 24.57 ? 41  ARG B CZ    1 
ATOM   1099 N NH1   . ARG B 1 41 ? -6.857  20.780  17.164  1.00 25.38 ? 41  ARG B NH1   1 
ATOM   1100 N NH2   . ARG B 1 41 ? -5.995  19.003  18.330  1.00 24.61 ? 41  ARG B NH2   1 
ATOM   1101 N N     . TRP B 1 42 ? -9.825  17.383  15.990  1.00 17.22 ? 42  TRP B N     1 
ATOM   1102 C CA    . TRP B 1 42 ? -9.203  16.089  15.737  1.00 15.61 ? 42  TRP B CA    1 
ATOM   1103 C C     . TRP B 1 42 ? -8.305  15.659  16.866  1.00 14.74 ? 42  TRP B C     1 
ATOM   1104 O O     . TRP B 1 42 ? -7.999  16.444  17.760  1.00 14.82 ? 42  TRP B O     1 
ATOM   1105 C CB    . TRP B 1 42 ? -8.424  16.152  14.424  1.00 15.09 ? 42  TRP B CB    1 
ATOM   1106 C CG    . TRP B 1 42 ? -7.647  17.438  14.221  1.00 15.18 ? 42  TRP B CG    1 
ATOM   1107 C CD1   . TRP B 1 42 ? -8.083  18.613  13.605  1.00 15.23 ? 42  TRP B CD1   1 
ATOM   1108 C CD2   . TRP B 1 42 ? -6.266  17.721  14.637  1.00 14.93 ? 42  TRP B CD2   1 
ATOM   1109 N NE1   . TRP B 1 42 ? -7.094  19.566  13.606  1.00 15.27 ? 42  TRP B NE1   1 
ATOM   1110 C CE2   . TRP B 1 42 ? -5.981  19.099  14.211  1.00 15.13 ? 42  TRP B CE2   1 
ATOM   1111 C CE3   . TRP B 1 42 ? -5.273  16.998  15.286  1.00 14.83 ? 42  TRP B CE3   1 
ATOM   1112 C CZ2   . TRP B 1 42 ? -4.750  19.699  14.437  1.00 15.07 ? 42  TRP B CZ2   1 
ATOM   1113 C CZ3   . TRP B 1 42 ? -4.037  17.617  15.511  1.00 14.87 ? 42  TRP B CZ3   1 
ATOM   1114 C CH2   . TRP B 1 42 ? -3.786  18.935  15.097  1.00 15.37 ? 42  TRP B CH2   1 
ATOM   1115 N N     . LYS B 1 43 ? -7.894  14.394  16.839  1.00 13.87 ? 43  LYS B N     1 
ATOM   1116 C CA    . LYS B 1 43 ? -6.965  13.842  17.823  1.00 13.06 ? 43  LYS B CA    1 
ATOM   1117 C C     . LYS B 1 43 ? -5.596  13.655  17.163  1.00 12.24 ? 43  LYS B C     1 
ATOM   1118 O O     . LYS B 1 43 ? -5.521  13.177  16.032  1.00 11.60 ? 43  LYS B O     1 
ATOM   1119 C CB    . LYS B 1 43 ? -7.509  12.505  18.347  1.00 13.39 ? 43  LYS B CB    1 
ATOM   1120 C CG    . LYS B 1 43 ? -6.651  11.793  19.380  1.00 13.72 ? 43  LYS B CG    1 
ATOM   1121 C CD    . LYS B 1 43 ? -7.324  10.512  19.853  1.00 14.13 ? 43  LYS B CD    1 
ATOM   1122 C CE    . LYS B 1 43 ? -6.406  9.711   20.765  1.00 14.33 ? 43  LYS B CE    1 
ATOM   1123 N NZ    . LYS B 1 43 ? -7.011  8.409   21.160  1.00 14.49 ? 43  LYS B NZ    1 
ATOM   1124 N N     . PRO B 1 44 ? -4.508  14.051  17.854  1.00 11.53 ? 44  PRO B N     1 
ATOM   1125 C CA    . PRO B 1 44 ? -3.177  13.807  17.289  1.00 11.10 ? 44  PRO B CA    1 
ATOM   1126 C C     . PRO B 1 44 ? -2.844  12.318  17.207  1.00 10.53 ? 44  PRO B C     1 
ATOM   1127 O O     . PRO B 1 44 ? -3.184  11.550  18.108  1.00 10.48 ? 44  PRO B O     1 
ATOM   1128 C CB    . PRO B 1 44 ? -2.235  14.508  18.280  1.00 11.19 ? 44  PRO B CB    1 
ATOM   1129 C CG    . PRO B 1 44 ? -3.093  15.484  19.010  1.00 11.33 ? 44  PRO B CG    1 
ATOM   1130 C CD    . PRO B 1 44 ? -4.439  14.834  19.101  1.00 11.52 ? 44  PRO B CD    1 
ATOM   1131 N N     . LYS B 1 45 ? -2.197  11.922  16.116  1.00 9.99  ? 45  LYS B N     1 
ATOM   1132 C CA    . LYS B 1 45 ? -1.763  10.544  15.926  1.00 9.74  ? 45  LYS B CA    1 
ATOM   1133 C C     . LYS B 1 45 ? -0.446  10.528  15.164  1.00 9.41  ? 45  LYS B C     1 
ATOM   1134 O O     . LYS B 1 45 ? -0.216  11.363  14.288  1.00 9.26  ? 45  LYS B O     1 
ATOM   1135 C CB    . LYS B 1 45 ? -2.822  9.741   15.162  1.00 9.66  ? 45  LYS B CB    1 
ATOM   1136 C CG    . LYS B 1 45 ? -2.562  8.242   15.108  1.00 9.79  ? 45  LYS B CG    1 
ATOM   1137 C CD    . LYS B 1 45 ? -3.662  7.507   14.360  1.00 9.78  ? 45  LYS B CD    1 
ATOM   1138 C CE    . LYS B 1 45 ? -3.280  6.057   14.095  1.00 9.93  ? 45  LYS B CE    1 
ATOM   1139 N NZ    . LYS B 1 45 ? -3.178  5.259   15.350  1.00 9.87  ? 45  LYS B NZ    1 
ATOM   1140 N N     . MET B 1 46 ? 0.418   9.583   15.524  1.00 9.23  ? 46  MET B N     1 
ATOM   1141 C CA    . MET B 1 46 ? 1.648   9.333   14.784  1.00 9.03  ? 46  MET B CA    1 
ATOM   1142 C C     . MET B 1 46 ? 1.472   8.093   13.918  1.00 8.84  ? 46  MET B C     1 
ATOM   1143 O O     . MET B 1 46 ? 0.986   7.060   14.388  1.00 8.76  ? 46  MET B O     1 
ATOM   1144 C CB    . MET B 1 46 ? 2.832   9.123   15.741  1.00 9.08  ? 46  MET B CB    1 
ATOM   1145 C CG    . MET B 1 46 ? 3.238   10.350  16.549  1.00 9.13  ? 46  MET B CG    1 
ATOM   1146 S SD    . MET B 1 46 ? 3.617   11.814  15.568  1.00 9.40  ? 46  MET B SD    1 
ATOM   1147 C CE    . MET B 1 46 ? 5.008   11.251  14.587  1.00 9.21  ? 46  MET B CE    1 
ATOM   1148 N N     . ILE B 1 47 ? 1.858   8.202   12.651  1.00 8.60  ? 47  ILE B N     1 
ATOM   1149 C CA    . ILE B 1 47 ? 1.972   7.021   11.796  1.00 8.54  ? 47  ILE B CA    1 
ATOM   1150 C C     . ILE B 1 47 ? 3.327   7.005   11.106  1.00 8.63  ? 47  ILE B C     1 
ATOM   1151 O O     . ILE B 1 47 ? 4.035   8.012   11.082  1.00 8.53  ? 47  ILE B O     1 
ATOM   1152 C CB    . ILE B 1 47 ? 0.829   6.886   10.757  1.00 8.40  ? 47  ILE B CB    1 
ATOM   1153 C CG1   . ILE B 1 47 ? 0.873   8.021   9.729   1.00 8.33  ? 47  ILE B CG1   1 
ATOM   1154 C CG2   . ILE B 1 47 ? -0.530  6.776   11.447  1.00 8.30  ? 47  ILE B CG2   1 
ATOM   1155 C CD1   . ILE B 1 47 ? -0.029  7.795   8.529   1.00 8.23  ? 47  ILE B CD1   1 
ATOM   1156 N N     . GLY B 1 48 ? 3.677   5.855   10.549  1.00 8.79  ? 48  GLY B N     1 
ATOM   1157 C CA    . GLY B 1 48 ? 4.973   5.677   9.932   1.00 9.14  ? 48  GLY B CA    1 
ATOM   1158 C C     . GLY B 1 48 ? 4.874   5.076   8.555   1.00 9.54  ? 48  GLY B C     1 
ATOM   1159 O O     . GLY B 1 48 ? 3.845   4.498   8.178   1.00 9.59  ? 48  GLY B O     1 
ATOM   1160 N N     . GLY B 1 49 ? 5.957   5.228   7.807   1.00 9.83  ? 49  GLY B N     1 
ATOM   1161 C CA    . GLY B 1 49 ? 6.066   4.677   6.474   1.00 10.13 ? 49  GLY B CA    1 
ATOM   1162 C C     . GLY B 1 49 ? 7.519   4.422   6.155   1.00 10.35 ? 49  GLY B C     1 
ATOM   1163 O O     . GLY B 1 49 ? 8.373   4.415   7.042   1.00 10.61 ? 49  GLY B O     1 
ATOM   1164 N N     . ILE B 1 50 ? 7.797   4.233   4.874   1.00 10.46 ? 50  ILE B N     1 
ATOM   1165 C CA    . ILE B 1 50 ? 9.127   3.873   4.416   1.00 10.75 ? 50  ILE B CA    1 
ATOM   1166 C C     . ILE B 1 50 ? 10.202  4.913   4.758   1.00 10.69 ? 50  ILE B C     1 
ATOM   1167 O O     . ILE B 1 50 ? 11.340  4.549   5.089   1.00 11.31 ? 50  ILE B O     1 
ATOM   1168 C CB    . ILE B 1 50 ? 9.090   3.538   2.906   1.00 10.82 ? 50  ILE B CB    1 
ATOM   1169 C CG1   . ILE B 1 50 ? 10.077  2.417   2.580   1.00 11.00 ? 50  ILE B CG1   1 
ATOM   1170 C CG2   . ILE B 1 50 ? 9.251   4.786   2.041   1.00 10.96 ? 50  ILE B CG2   1 
ATOM   1171 C CD1   . ILE B 1 50 ? 9.808   1.734   1.253   1.00 11.12 ? 50  ILE B CD1   1 
ATOM   1172 N N     . GLY B 1 51 ? 9.832   6.192   4.714   1.00 10.37 ? 51  GLY B N     1 
ATOM   1173 C CA    . GLY B 1 51 ? 10.785  7.296   4.881   1.00 9.92  ? 51  GLY B CA    1 
ATOM   1174 C C     . GLY B 1 51 ? 10.881  7.865   6.285   1.00 9.67  ? 51  GLY B C     1 
ATOM   1175 O O     . GLY B 1 51 ? 11.789  8.643   6.592   1.00 9.72  ? 51  GLY B O     1 
ATOM   1176 N N     . GLY B 1 52 ? 9.944   7.482   7.140   1.00 9.28  ? 52  GLY B N     1 
ATOM   1177 C CA    . GLY B 1 52 ? 9.938   7.951   8.515   1.00 8.92  ? 52  GLY B CA    1 
ATOM   1178 C C     . GLY B 1 52 ? 8.535   8.089   9.046   1.00 8.62  ? 52  GLY B C     1 
ATOM   1179 O O     . GLY B 1 52 ? 7.616   7.403   8.588   1.00 8.56  ? 52  GLY B O     1 
ATOM   1180 N N     . PHE B 1 53 ? 8.375   8.993   10.007  1.00 8.39  ? 53  PHE B N     1 
ATOM   1181 C CA    . PHE B 1 53 ? 7.131   9.122   10.755  1.00 8.37  ? 53  PHE B CA    1 
ATOM   1182 C C     . PHE B 1 53 ? 6.554   10.520  10.627  1.00 8.28  ? 53  PHE B C     1 
ATOM   1183 O O     . PHE B 1 53 ? 7.298   11.495  10.518  1.00 8.28  ? 53  PHE B O     1 
ATOM   1184 C CB    . PHE B 1 53 ? 7.365   8.738   12.218  1.00 8.32  ? 53  PHE B CB    1 
ATOM   1185 C CG    . PHE B 1 53 ? 7.903   7.346   12.381  1.00 8.28  ? 53  PHE B CG    1 
ATOM   1186 C CD1   . PHE B 1 53 ? 9.271   7.095   12.288  1.00 8.27  ? 53  PHE B CD1   1 
ATOM   1187 C CD2   . PHE B 1 53 ? 7.040   6.274   12.579  1.00 8.23  ? 53  PHE B CD2   1 
ATOM   1188 C CE1   . PHE B 1 53 ? 9.767   5.805   12.410  1.00 8.31  ? 53  PHE B CE1   1 
ATOM   1189 C CE2   . PHE B 1 53 ? 7.527   4.983   12.705  1.00 8.27  ? 53  PHE B CE2   1 
ATOM   1190 C CZ    . PHE B 1 53 ? 8.893   4.746   12.617  1.00 8.31  ? 53  PHE B CZ    1 
ATOM   1191 N N     . ILE B 1 54 ? 5.224   10.601  10.618  1.00 8.14  ? 54  ILE B N     1 
ATOM   1192 C CA    . ILE B 1 54 ? 4.518   11.866  10.435  1.00 8.25  ? 54  ILE B CA    1 
ATOM   1193 C C     . ILE B 1 54 ? 3.406   12.057  11.463  1.00 8.34  ? 54  ILE B C     1 
ATOM   1194 O O     . ILE B 1 54 ? 2.818   11.084  11.943  1.00 8.17  ? 54  ILE B O     1 
ATOM   1195 C CB    . ILE B 1 54 ? 3.918   11.997  9.006   1.00 8.20  ? 54  ILE B CB    1 
ATOM   1196 C CG1   . ILE B 1 54 ? 2.972   10.826  8.695   1.00 8.18  ? 54  ILE B CG1   1 
ATOM   1197 C CG2   . ILE B 1 54 ? 5.025   12.102  7.960   1.00 8.25  ? 54  ILE B CG2   1 
ATOM   1198 C CD1   . ILE B 1 54 ? 2.070   11.040  7.496   1.00 8.17  ? 54  ILE B CD1   1 
ATOM   1199 N N     . LYS B 1 55 ? 3.135   13.318  11.789  1.00 8.62  ? 55  LYS B N     1 
ATOM   1200 C CA    . LYS B 1 55 ? 2.001   13.692  12.631  1.00 8.81  ? 55  LYS B CA    1 
ATOM   1201 C C     . LYS B 1 55 ? 0.769   13.799  11.749  1.00 8.61  ? 55  LYS B C     1 
ATOM   1202 O O     . LYS B 1 55 ? 0.805   14.457  10.708  1.00 8.51  ? 55  LYS B O     1 
ATOM   1203 C CB    . LYS B 1 55 ? 2.246   15.045  13.307  1.00 9.37  ? 55  LYS B CB    1 
ATOM   1204 C CG    . LYS B 1 55 ? 3.492   15.111  14.179  1.00 9.76  ? 55  LYS B CG    1 
ATOM   1205 C CD    . LYS B 1 55 ? 3.721   16.505  14.757  1.00 10.18 ? 55  LYS B CD    1 
ATOM   1206 C CE    . LYS B 1 55 ? 4.225   17.500  13.716  1.00 10.46 ? 55  LYS B CE    1 
ATOM   1207 N NZ    . LYS B 1 55 ? 5.419   17.002  12.973  1.00 10.93 ? 55  LYS B NZ    1 
ATOM   1208 N N     . VAL B 1 56 ? -0.312  13.140  12.157  1.00 8.37  ? 56  VAL B N     1 
ATOM   1209 C CA    . VAL B 1 56 ? -1.577  13.217  11.424  1.00 8.20  ? 56  VAL B CA    1 
ATOM   1210 C C     . VAL B 1 56 ? -2.728  13.630  12.345  1.00 8.24  ? 56  VAL B C     1 
ATOM   1211 O O     . VAL B 1 56 ? -2.594  13.615  13.576  1.00 8.01  ? 56  VAL B O     1 
ATOM   1212 C CB    . VAL B 1 56 ? -1.910  11.904  10.657  1.00 8.21  ? 56  VAL B CB    1 
ATOM   1213 C CG1   . VAL B 1 56 ? -0.812  11.564  9.660   1.00 8.18  ? 56  VAL B CG1   1 
ATOM   1214 C CG2   . VAL B 1 56 ? -2.144  10.741  11.610  1.00 8.17  ? 56  VAL B CG2   1 
ATOM   1215 N N     . ARG B 1 57 ? -3.850  13.992  11.731  1.00 8.24  ? 57  ARG B N     1 
ATOM   1216 C CA    . ARG B 1 57 ? -5.043  14.419  12.443  1.00 8.48  ? 57  ARG B CA    1 
ATOM   1217 C C     . ARG B 1 57 ? -6.106  13.326  12.370  1.00 8.48  ? 57  ARG B C     1 
ATOM   1218 O O     . ARG B 1 57 ? -6.597  13.007  11.284  1.00 8.34  ? 57  ARG B O     1 
ATOM   1219 C CB    . ARG B 1 57 ? -5.561  15.727  11.833  1.00 8.80  ? 57  ARG B CB    1 
ATOM   1220 C CG    . ARG B 1 57 ? -4.477  16.783  11.685  1.00 9.01  ? 57  ARG B CG    1 
ATOM   1221 C CD    . ARG B 1 57 ? -4.930  17.965  10.852  1.00 9.10  ? 57  ARG B CD    1 
ATOM   1222 N NE    . ARG B 1 57 ? -3.821  18.886  10.625  1.00 9.27  ? 57  ARG B NE    1 
ATOM   1223 C CZ    . ARG B 1 57 ? -3.912  20.032  9.960   1.00 9.29  ? 57  ARG B CZ    1 
ATOM   1224 N NH1   . ARG B 1 57 ? -5.070  20.423  9.440   1.00 9.36  ? 57  ARG B NH1   1 
ATOM   1225 N NH2   . ARG B 1 57 ? -2.834  20.789  9.816   1.00 9.36  ? 57  ARG B NH2   1 
ATOM   1226 N N     . GLN B 1 58 ? -6.451  12.753  13.523  1.00 8.52  ? 58  GLN B N     1 
ATOM   1227 C CA    . GLN B 1 58 ? -7.402  11.637  13.579  1.00 8.70  ? 58  GLN B CA    1 
ATOM   1228 C C     . GLN B 1 58 ? -8.844  12.096  13.777  1.00 8.86  ? 58  GLN B C     1 
ATOM   1229 O O     . GLN B 1 58 ? -9.149  12.813  14.732  1.00 9.06  ? 58  GLN B O     1 
ATOM   1230 C CB    . GLN B 1 58 ? -7.010  10.641  14.681  1.00 8.62  ? 58  GLN B CB    1 
ATOM   1231 C CG    . GLN B 1 58 ? -7.970  9.467   14.844  1.00 8.61  ? 58  GLN B CG    1 
ATOM   1232 C CD    . GLN B 1 58 ? -7.526  8.476   15.903  1.00 8.69  ? 58  GLN B CD    1 
ATOM   1233 O OE1   . GLN B 1 58 ? -6.359  8.447   16.291  1.00 8.72  ? 58  GLN B OE1   1 
ATOM   1234 N NE2   . GLN B 1 58 ? -8.462  7.659   16.381  1.00 8.59  ? 58  GLN B NE2   1 
ATOM   1235 N N     . TYR B 1 59 ? -9.711  11.669  12.861  1.00 9.02  ? 59  TYR B N     1 
ATOM   1236 C CA    . TYR B 1 59 ? -11.154 11.884  12.948  1.00 9.30  ? 59  TYR B CA    1 
ATOM   1237 C C     . TYR B 1 59 ? -11.831 10.520  12.957  1.00 9.27  ? 59  TYR B C     1 
ATOM   1238 O O     . TYR B 1 59 ? -11.615 9.717   12.045  1.00 9.19  ? 59  TYR B O     1 
ATOM   1239 C CB    . TYR B 1 59 ? -11.665 12.663  11.730  1.00 9.52  ? 59  TYR B CB    1 
ATOM   1240 C CG    . TYR B 1 59 ? -11.076 14.041  11.564  1.00 9.79  ? 59  TYR B CG    1 
ATOM   1241 C CD1   . TYR B 1 59 ? -9.899  14.234  10.837  1.00 10.05 ? 59  TYR B CD1   1 
ATOM   1242 C CD2   . TYR B 1 59 ? -11.692 15.156  12.132  1.00 10.00 ? 59  TYR B CD2   1 
ATOM   1243 C CE1   . TYR B 1 59 ? -9.351  15.497  10.683  1.00 10.16 ? 59  TYR B CE1   1 
ATOM   1244 C CE2   . TYR B 1 59 ? -11.151 16.423  11.984  1.00 10.43 ? 59  TYR B CE2   1 
ATOM   1245 C CZ    . TYR B 1 59 ? -9.982  16.586  11.258  1.00 10.38 ? 59  TYR B CZ    1 
ATOM   1246 O OH    . TYR B 1 59 ? -9.437  17.839  11.099  1.00 10.54 ? 59  TYR B OH    1 
ATOM   1247 N N     . ASP B 1 60 ? -12.645 10.260  13.976  1.00 9.34  ? 60  ASP B N     1 
ATOM   1248 C CA    . ASP B 1 60 ? -13.325 8.974   14.100  1.00 9.54  ? 60  ASP B CA    1 
ATOM   1249 C C     . ASP B 1 60 ? -14.757 9.060   13.569  1.00 9.59  ? 60  ASP B C     1 
ATOM   1250 O O     . ASP B 1 60 ? -15.296 10.154  13.397  1.00 9.45  ? 60  ASP B O     1 
ATOM   1251 C CB    . ASP B 1 60 ? -13.338 8.508   15.561  1.00 9.72  ? 60  ASP B CB    1 
ATOM   1252 C CG    . ASP B 1 60 ? -11.951 8.191   16.094  1.00 9.88  ? 60  ASP B CG    1 
ATOM   1253 O OD1   . ASP B 1 60 ? -11.109 7.659   15.336  1.00 9.92  ? 60  ASP B OD1   1 
ATOM   1254 O OD2   . ASP B 1 60 ? -11.706 8.464   17.287  1.00 9.95  ? 60  ASP B OD2   1 
ATOM   1255 N N     . GLN B 1 61 ? -15.351 7.897   13.301  1.00 9.67  ? 61  GLN B N     1 
ATOM   1256 C CA    . GLN B 1 61 ? -16.760 7.787   12.902  1.00 9.87  ? 61  GLN B CA    1 
ATOM   1257 C C     . GLN B 1 61 ? -17.101 8.622   11.677  1.00 10.06 ? 61  GLN B C     1 
ATOM   1258 O O     . GLN B 1 61 ? -18.125 9.311   11.662  1.00 10.20 ? 61  GLN B O     1 
ATOM   1259 C CB    . GLN B 1 61 ? -17.691 8.230   14.033  1.00 9.94  ? 61  GLN B CB    1 
ATOM   1260 C CG    . GLN B 1 61 ? -17.513 7.558   15.375  1.00 9.98  ? 61  GLN B CG    1 
ATOM   1261 C CD    . GLN B 1 61 ? -18.646 7.936   16.308  1.00 9.90  ? 61  GLN B CD    1 
ATOM   1262 O OE1   . GLN B 1 61 ? -19.817 7.813   15.947  1.00 9.81  ? 61  GLN B OE1   1 
ATOM   1263 N NE2   . GLN B 1 61 ? -18.306 8.417   17.498  1.00 9.85  ? 61  GLN B NE2   1 
ATOM   1264 N N     . ILE B 1 62 ? -16.250 8.575   10.659  1.00 10.08 ? 62  ILE B N     1 
ATOM   1265 C CA    . ILE B 1 62 ? -16.510 9.314   9.430   1.00 10.36 ? 62  ILE B CA    1 
ATOM   1266 C C     . ILE B 1 62 ? -17.336 8.453   8.482   1.00 10.55 ? 62  ILE B C     1 
ATOM   1267 O O     . ILE B 1 62 ? -16.992 7.300   8.215   1.00 10.45 ? 62  ILE B O     1 
ATOM   1268 C CB    . ILE B 1 62 ? -15.198 9.788   8.756   1.00 10.25 ? 62  ILE B CB    1 
ATOM   1269 C CG1   . ILE B 1 62 ? -14.369 10.649  9.729   1.00 10.26 ? 62  ILE B CG1   1 
ATOM   1270 C CG2   . ILE B 1 62 ? -15.481 10.517  7.441   1.00 10.42 ? 62  ILE B CG2   1 
ATOM   1271 C CD1   . ILE B 1 62 ? -15.068 11.893  10.255  1.00 10.25 ? 62  ILE B CD1   1 
ATOM   1272 N N     . LEU B 1 63 ? -18.445 9.015   8.008   1.00 10.88 ? 63  LEU B N     1 
ATOM   1273 C CA    . LEU B 1 63 ? -19.260 8.378   6.982   1.00 11.30 ? 63  LEU B CA    1 
ATOM   1274 C C     . LEU B 1 63 ? -18.587 8.562   5.627   1.00 11.41 ? 63  LEU B C     1 
ATOM   1275 O O     . LEU B 1 63 ? -18.445 9.685   5.139   1.00 11.63 ? 63  LEU B O     1 
ATOM   1276 C CB    . LEU B 1 63 ? -20.673 8.965   6.961   1.00 11.52 ? 63  LEU B CB    1 
ATOM   1277 C CG    . LEU B 1 63 ? -21.501 8.961   8.251   1.00 11.76 ? 63  LEU B CG    1 
ATOM   1278 C CD1   . LEU B 1 63 ? -22.669 9.926   8.129   1.00 11.96 ? 63  LEU B CD1   1 
ATOM   1279 C CD2   . LEU B 1 63 ? -22.000 7.564   8.585   1.00 11.81 ? 63  LEU B CD2   1 
ATOM   1280 N N     . ILE B 1 64 ? -18.161 7.453   5.034   1.00 11.56 ? 64  ILE B N     1 
ATOM   1281 C CA    . ILE B 1 64 ? -17.457 7.478   3.753   1.00 11.84 ? 64  ILE B CA    1 
ATOM   1282 C C     . ILE B 1 64 ? -18.069 6.449   2.803   1.00 12.18 ? 64  ILE B C     1 
ATOM   1283 O O     . ILE B 1 64 ? -18.411 5.342   3.212   1.00 12.30 ? 64  ILE B O     1 
ATOM   1284 C CB    . ILE B 1 64 ? -15.925 7.277   3.942   1.00 11.70 ? 64  ILE B CB    1 
ATOM   1285 C CG1   . ILE B 1 64 ? -15.176 7.288   2.595   1.00 11.67 ? 64  ILE B CG1   1 
ATOM   1286 C CG2   . ILE B 1 64 ? -15.624 6.017   4.752   1.00 11.54 ? 64  ILE B CG2   1 
ATOM   1287 C CD1   . ILE B 1 64 ? -13.664 7.361   2.720   1.00 11.87 ? 64  ILE B CD1   1 
ATOM   1288 N N     . GLU B 1 65 ? -18.249 6.841   1.546   1.00 12.61 ? 65  GLU B N     1 
ATOM   1289 C CA    . GLU B 1 65 ? -18.706 5.925   0.513   1.00 13.22 ? 65  GLU B CA    1 
ATOM   1290 C C     . GLU B 1 65 ? -17.524 5.644   -0.409  1.00 13.18 ? 65  GLU B C     1 
ATOM   1291 O O     . GLU B 1 65 ? -16.958 6.564   -0.995  1.00 12.98 ? 65  GLU B O     1 
ATOM   1292 C CB    . GLU B 1 65 ? -19.877 6.529   -0.272  1.00 13.87 ? 65  GLU B CB    1 
ATOM   1293 C CG    . GLU B 1 65 ? -21.067 6.943   0.588   1.00 14.81 ? 65  GLU B CG    1 
ATOM   1294 C CD    . GLU B 1 65 ? -22.151 7.659   -0.199  1.00 15.42 ? 65  GLU B CD    1 
ATOM   1295 O OE1   . GLU B 1 65 ? -22.511 8.798   0.173   1.00 16.13 ? 65  GLU B OE1   1 
ATOM   1296 O OE2   . GLU B 1 65 ? -22.645 7.089   -1.193  1.00 15.86 ? 65  GLU B OE2   1 
ATOM   1297 N N     . ILE B 1 66 ? -17.143 4.375   -0.506  1.00 13.32 ? 66  ILE B N     1 
ATOM   1298 C CA    . ILE B 1 66 ? -16.011 3.958   -1.336  1.00 13.40 ? 66  ILE B CA    1 
ATOM   1299 C C     . ILE B 1 66 ? -16.531 3.144   -2.516  1.00 13.78 ? 66  ILE B C     1 
ATOM   1300 O O     . ILE B 1 66 ? -17.105 2.071   -2.326  1.00 13.76 ? 66  ILE B O     1 
ATOM   1301 C CB    . ILE B 1 66 ? -14.990 3.123   -0.528  1.00 13.11 ? 66  ILE B CB    1 
ATOM   1302 C CG1   . ILE B 1 66 ? -14.541 3.883   0.725   1.00 12.99 ? 66  ILE B CG1   1 
ATOM   1303 C CG2   . ILE B 1 66 ? -13.793 2.746   -1.396  1.00 12.92 ? 66  ILE B CG2   1 
ATOM   1304 C CD1   . ILE B 1 66 ? -14.050 2.996   1.849   1.00 12.92 ? 66  ILE B CD1   1 
ATOM   1305 N N     . CYS B 1 67 ? -16.336 3.662   -3.730  1.00 14.42 ? 67  CYS B N     1 
ATOM   1306 C CA    . CYS B 1 67 ? -16.816 3.002   -4.951  1.00 14.96 ? 67  CYS B CA    1 
ATOM   1307 C C     . CYS B 1 67 ? -18.250 2.478   -4.748  1.00 15.22 ? 67  CYS B C     1 
ATOM   1308 O O     . CYS B 1 67 ? -18.578 1.348   -5.114  1.00 15.66 ? 67  CYS B O     1 
ATOM   1309 C CB    . CYS B 1 67 ? -15.835 1.887   -5.372  1.00 15.11 ? 67  CYS B CB    1 
ATOM   1310 S SG    . CYS B 1 67 ? -16.221 0.997   -6.900  0.60 15.68 ? 67  CYS B SG    1 
ATOM   1311 N N     . GLY B 1 68 ? -19.089 3.307   -4.127  1.00 15.43 ? 68  GLY B N     1 
ATOM   1312 C CA    . GLY B 1 68 ? -20.497 2.969   -3.892  1.00 15.49 ? 68  GLY B CA    1 
ATOM   1313 C C     . GLY B 1 68 ? -20.833 2.265   -2.585  1.00 15.50 ? 68  GLY B C     1 
ATOM   1314 O O     . GLY B 1 68 ? -22.007 2.177   -2.216  1.00 15.97 ? 68  GLY B O     1 
ATOM   1315 N N     . HIS B 1 69 ? -19.815 1.767   -1.885  1.00 15.08 ? 69  HIS B N     1 
ATOM   1316 C CA    . HIS B 1 69 ? -20.010 1.009   -0.643  1.00 14.75 ? 69  HIS B CA    1 
ATOM   1317 C C     . HIS B 1 69 ? -19.853 1.875   0.577   1.00 14.48 ? 69  HIS B C     1 
ATOM   1318 O O     . HIS B 1 69 ? -18.815 2.516   0.767   1.00 14.10 ? 69  HIS B O     1 
ATOM   1319 C CB    . HIS B 1 69 ? -19.037 -0.168  -0.569  1.00 14.72 ? 69  HIS B CB    1 
ATOM   1320 C CG    . HIS B 1 69 ? -19.231 -1.200  -1.661  1.00 14.84 ? 69  HIS B CG    1 
ATOM   1321 N ND1   . HIS B 1 69 ? -19.609 -2.464  -1.400  1.00 14.93 ? 69  HIS B ND1   1 
ATOM   1322 C CD2   . HIS B 1 69 ? -19.074 -1.113  -3.044  1.00 14.85 ? 69  HIS B CD2   1 
ATOM   1323 C CE1   . HIS B 1 69 ? -19.699 -3.153  -2.555  1.00 14.94 ? 69  HIS B CE1   1 
ATOM   1324 N NE2   . HIS B 1 69 ? -19.372 -2.324  -3.560  1.00 14.82 ? 69  HIS B NE2   1 
ATOM   1325 N N     . LYS B 1 70 ? -20.886 1.894   1.417   1.00 14.29 ? 70  LYS B N     1 
ATOM   1326 C CA    . LYS B 1 70 ? -20.891 2.725   2.621   1.00 14.20 ? 70  LYS B CA    1 
ATOM   1327 C C     . LYS B 1 70 ? -20.061 2.131   3.756   1.00 13.80 ? 70  LYS B C     1 
ATOM   1328 O O     . LYS B 1 70 ? -20.168 0.943   4.068   1.00 14.10 ? 70  LYS B O     1 
ATOM   1329 C CB    . LYS B 1 70 ? -22.323 3.001   3.092   1.00 14.58 ? 70  LYS B CB    1 
ATOM   1330 C CG    . LYS B 1 70 ? -23.062 4.011   2.228   1.00 15.00 ? 70  LYS B CG    1 
ATOM   1331 C CD    . LYS B 1 70 ? -24.491 4.221   2.707   1.00 15.49 ? 70  LYS B CD    1 
ATOM   1332 C CE    . LYS B 1 70 ? -25.256 5.139   1.766   1.00 15.71 ? 70  LYS B CE    1 
ATOM   1333 N NZ    . LYS B 1 70 ? -24.685 6.515   1.730   1.00 16.23 ? 70  LYS B NZ    1 
ATOM   1334 N N     . ALA B 1 71 ? -19.231 2.975   4.363   1.00 12.99 ? 71  ALA B N     1 
ATOM   1335 C CA    . ALA B 1 71 ? -18.403 2.579   5.493   1.00 12.49 ? 71  ALA B CA    1 
ATOM   1336 C C     . ALA B 1 71 ? -18.413 3.671   6.552   1.00 12.09 ? 71  ALA B C     1 
ATOM   1337 O O     . ALA B 1 71 ? -18.645 4.843   6.247   1.00 11.98 ? 71  ALA B O     1 
ATOM   1338 C CB    . ALA B 1 71 ? -16.976 2.294   5.043   1.00 12.52 ? 71  ALA B CB    1 
ATOM   1339 N N     . ILE B 1 72 ? -18.175 3.272   7.795   1.00 11.62 ? 72  ILE B N     1 
ATOM   1340 C CA    . ILE B 1 72 ? -18.015 4.211   8.899   1.00 11.13 ? 72  ILE B CA    1 
ATOM   1341 C C     . ILE B 1 72 ? -16.711 3.857   9.594   1.00 10.65 ? 72  ILE B C     1 
ATOM   1342 O O     . ILE B 1 72 ? -16.496 2.704   9.965   1.00 10.66 ? 72  ILE B O     1 
ATOM   1343 C CB    . ILE B 1 72 ? -19.180 4.129   9.913   1.00 11.34 ? 72  ILE B CB    1 
ATOM   1344 C CG1   . ILE B 1 72 ? -20.529 4.352   9.214   1.00 11.49 ? 72  ILE B CG1   1 
ATOM   1345 C CG2   . ILE B 1 72 ? -18.972 5.132   11.047  1.00 11.36 ? 72  ILE B CG2   1 
ATOM   1346 C CD1   . ILE B 1 72 ? -21.739 3.892   10.007  1.00 11.85 ? 72  ILE B CD1   1 
ATOM   1347 N N     . GLY B 1 73 ? -15.830 4.840   9.754   1.00 10.09 ? 73  GLY B N     1 
ATOM   1348 C CA    . GLY B 1 73 ? -14.561 4.583   10.412  1.00 9.29  ? 73  GLY B CA    1 
ATOM   1349 C C     . GLY B 1 73 ? -13.647 5.779   10.527  1.00 8.85  ? 73  GLY B C     1 
ATOM   1350 O O     . GLY B 1 73 ? -14.028 6.913   10.222  1.00 8.94  ? 73  GLY B O     1 
ATOM   1351 N N     . THR B 1 74 ? -12.427 5.505   10.971  1.00 8.37  ? 74  THR B N     1 
ATOM   1352 C CA    . THR B 1 74 ? -11.443 6.537   11.233  1.00 8.04  ? 74  THR B CA    1 
ATOM   1353 C C     . THR B 1 74 ? -10.757 6.969   9.945   1.00 7.84  ? 74  THR B C     1 
ATOM   1354 O O     . THR B 1 74 ? -10.308 6.137   9.155   1.00 7.81  ? 74  THR B O     1 
ATOM   1355 C CB    . THR B 1 74 ? -10.403 6.053   12.263  1.00 8.03  ? 74  THR B CB    1 
ATOM   1356 O OG1   . THR B 1 74 ? -11.066 5.754   13.497  1.00 8.09  ? 74  THR B OG1   1 
ATOM   1357 C CG2   . THR B 1 74 ? -9.340  7.114   12.508  1.00 8.04  ? 74  THR B CG2   1 
ATOM   1358 N N     . VAL B 1 75 ? -10.706 8.281   9.744   1.00 7.55  ? 75  VAL B N     1 
ATOM   1359 C CA    . VAL B 1 75 ? -9.978  8.880   8.634   1.00 7.39  ? 75  VAL B CA    1 
ATOM   1360 C C     . VAL B 1 75 ? -8.912  9.801   9.225   1.00 7.18  ? 75  VAL B C     1 
ATOM   1361 O O     . VAL B 1 75 ? -9.207  10.619  10.102  1.00 7.08  ? 75  VAL B O     1 
ATOM   1362 C CB    . VAL B 1 75 ? -10.921 9.663   7.692   1.00 7.49  ? 75  VAL B CB    1 
ATOM   1363 C CG1   . VAL B 1 75 ? -10.137 10.381  6.602   1.00 7.66  ? 75  VAL B CG1   1 
ATOM   1364 C CG2   . VAL B 1 75 ? -11.948 8.729   7.062   1.00 7.51  ? 75  VAL B CG2   1 
ATOM   1365 N N     . LEU B 1 76 ? -7.675  9.629   8.766   1.00 6.88  ? 76  LEU B N     1 
ATOM   1366 C CA    . LEU B 1 76 ? -6.569  10.494  9.163   1.00 6.77  ? 76  LEU B CA    1 
ATOM   1367 C C     . LEU B 1 76 ? -6.308  11.541  8.086   1.00 6.67  ? 76  LEU B C     1 
ATOM   1368 O O     . LEU B 1 76 ? -6.349  11.234  6.895   1.00 6.71  ? 76  LEU B O     1 
ATOM   1369 C CB    . LEU B 1 76 ? -5.301  9.666   9.418   1.00 6.74  ? 76  LEU B CB    1 
ATOM   1370 C CG    . LEU B 1 76 ? -5.408  8.391   10.268  1.00 6.78  ? 76  LEU B CG    1 
ATOM   1371 C CD1   . LEU B 1 76 ? -4.050  7.719   10.395  1.00 6.72  ? 76  LEU B CD1   1 
ATOM   1372 C CD2   . LEU B 1 76 ? -5.980  8.684   11.648  1.00 6.84  ? 76  LEU B CD2   1 
ATOM   1373 N N     . VAL B 1 77 ? -6.066  12.781  8.503   1.00 6.58  ? 77  VAL B N     1 
ATOM   1374 C CA    . VAL B 1 77 ? -5.630  13.831  7.580   1.00 6.52  ? 77  VAL B CA    1 
ATOM   1375 C C     . VAL B 1 77 ? -4.150  14.090  7.843   1.00 6.51  ? 77  VAL B C     1 
ATOM   1376 O O     . VAL B 1 77 ? -3.750  14.371  8.976   1.00 6.48  ? 77  VAL B O     1 
ATOM   1377 C CB    . VAL B 1 77 ? -6.474  15.122  7.695   1.00 6.49  ? 77  VAL B CB    1 
ATOM   1378 C CG1   . VAL B 1 77 ? -5.851  16.262  6.889   1.00 6.46  ? 77  VAL B CG1   1 
ATOM   1379 C CG2   . VAL B 1 77 ? -7.901  14.865  7.224   1.00 6.56  ? 77  VAL B CG2   1 
ATOM   1380 N N     . GLY B 1 78 ? -3.344  13.962  6.795   1.00 6.48  ? 78  GLY B N     1 
ATOM   1381 C CA    . GLY B 1 78 ? -1.900  14.032  6.943   1.00 6.50  ? 78  GLY B CA    1 
ATOM   1382 C C     . GLY B 1 78 ? -1.170  14.222  5.628   1.00 6.48  ? 78  GLY B C     1 
ATOM   1383 O O     . GLY B 1 78 ? -1.779  14.133  4.554   1.00 6.36  ? 78  GLY B O     1 
ATOM   1384 N N     . PRO B 1 79 ? 0.149   14.473  5.702   1.00 6.52  ? 79  PRO B N     1 
ATOM   1385 C CA    . PRO B 1 79 ? 0.968   14.699  4.508   1.00 6.53  ? 79  PRO B CA    1 
ATOM   1386 C C     . PRO B 1 79 ? 1.261   13.426  3.707   1.00 6.50  ? 79  PRO B C     1 
ATOM   1387 O O     . PRO B 1 79 ? 2.422   13.092  3.464   1.00 6.59  ? 79  PRO B O     1 
ATOM   1388 C CB    . PRO B 1 79 ? 2.256   15.302  5.079   1.00 6.55  ? 79  PRO B CB    1 
ATOM   1389 C CG    . PRO B 1 79 ? 2.350   14.735  6.456   1.00 6.67  ? 79  PRO B CG    1 
ATOM   1390 C CD    . PRO B 1 79 ? 0.935   14.592  6.946   1.00 6.54  ? 79  PRO B CD    1 
ATOM   1391 N N     . THR B 1 80 ? 0.211   12.723  3.294   1.00 6.46  ? 80  THR B N     1 
ATOM   1392 C CA    . THR B 1 80 ? 0.372   11.580  2.402   1.00 6.43  ? 80  THR B CA    1 
ATOM   1393 C C     . THR B 1 80 ? 0.447   12.061  0.948   1.00 6.38  ? 80  THR B C     1 
ATOM   1394 O O     . THR B 1 80 ? -0.332  12.920  0.547   1.00 6.53  ? 80  THR B O     1 
ATOM   1395 C CB    . THR B 1 80 ? -0.746  10.525  2.590   1.00 6.40  ? 80  THR B CB    1 
ATOM   1396 O OG1   . THR B 1 80 ? -0.525  9.431   1.693   1.00 6.37  ? 80  THR B OG1   1 
ATOM   1397 C CG2   . THR B 1 80 ? -2.144  11.118  2.343   1.00 6.47  ? 80  THR B CG2   1 
ATOM   1398 N N     . PRO B 1 81 ? 1.396   11.524  0.159   1.00 6.30  ? 81  PRO B N     1 
ATOM   1399 C CA    . PRO B 1 81 ? 1.530   11.956  -1.244  1.00 6.25  ? 81  PRO B CA    1 
ATOM   1400 C C     . PRO B 1 81 ? 0.337   11.557  -2.113  1.00 6.20  ? 81  PRO B C     1 
ATOM   1401 O O     . PRO B 1 81 ? 0.075   12.196  -3.135  1.00 6.32  ? 81  PRO B O     1 
ATOM   1402 C CB    . PRO B 1 81 ? 2.807   11.245  -1.720  1.00 6.31  ? 81  PRO B CB    1 
ATOM   1403 C CG    . PRO B 1 81 ? 3.007   10.118  -0.772  1.00 6.30  ? 81  PRO B CG    1 
ATOM   1404 C CD    . PRO B 1 81 ? 2.455   10.575  0.549   1.00 6.30  ? 81  PRO B CD    1 
ATOM   1405 N N     . VAL B 1 82 ? -0.374  10.505  -1.709  1.00 6.10  ? 82  VAL B N     1 
ATOM   1406 C CA    . VAL B 1 82 ? -1.605  10.084  -2.383  1.00 5.94  ? 82  VAL B CA    1 
ATOM   1407 C C     . VAL B 1 82 ? -2.642  9.742   -1.311  1.00 5.81  ? 82  VAL B C     1 
ATOM   1408 O O     . VAL B 1 82 ? -2.310  9.100   -0.307  1.00 5.80  ? 82  VAL B O     1 
ATOM   1409 C CB    . VAL B 1 82 ? -1.390  8.846   -3.295  1.00 5.94  ? 82  VAL B CB    1 
ATOM   1410 C CG1   . VAL B 1 82 ? -2.635  8.553   -4.127  1.00 5.94  ? 82  VAL B CG1   1 
ATOM   1411 C CG2   . VAL B 1 82 ? -0.181  9.016   -4.212  1.00 5.99  ? 82  VAL B CG2   1 
ATOM   1412 N N     . ASN B 1 83 ? -3.884  10.175  -1.521  1.00 5.68  ? 83  ASN B N     1 
ATOM   1413 C CA    . ASN B 1 83 ? -5.001  9.758   -0.677  1.00 5.53  ? 83  ASN B CA    1 
ATOM   1414 C C     . ASN B 1 83 ? -5.100  8.239   -0.684  1.00 5.36  ? 83  ASN B C     1 
ATOM   1415 O O     . ASN B 1 83 ? -5.130  7.631   -1.755  1.00 5.32  ? 83  ASN B O     1 
ATOM   1416 C CB    . ASN B 1 83 ? -6.317  10.353  -1.181  1.00 5.63  ? 83  ASN B CB    1 
ATOM   1417 C CG    . ASN B 1 83 ? -6.450  11.834  -0.879  1.00 5.64  ? 83  ASN B CG    1 
ATOM   1418 O OD1   . ASN B 1 83 ? -5.686  12.401  -0.095  1.00 5.67  ? 83  ASN B OD1   1 
ATOM   1419 N ND2   . ASN B 1 83 ? -7.439  12.464  -1.493  1.00 5.67  ? 83  ASN B ND2   1 
ATOM   1420 N N     . ILE B 1 84 ? -5.142  7.640   0.506   1.00 5.16  ? 84  ILE B N     1 
ATOM   1421 C CA    . ILE B 1 84 ? -5.165  6.181   0.639   1.00 5.04  ? 84  ILE B CA    1 
ATOM   1422 C C     . ILE B 1 84 ? -6.298  5.666   1.524   1.00 4.91  ? 84  ILE B C     1 
ATOM   1423 O O     . ILE B 1 84 ? -6.587  6.231   2.577   1.00 4.94  ? 84  ILE B O     1 
ATOM   1424 C CB    . ILE B 1 84 ? -3.810  5.612   1.137   1.00 5.03  ? 84  ILE B CB    1 
ATOM   1425 C CG1   . ILE B 1 84 ? -3.333  6.342   2.403   1.00 5.04  ? 84  ILE B CG1   1 
ATOM   1426 C CG2   . ILE B 1 84 ? -2.767  5.693   0.029   1.00 5.08  ? 84  ILE B CG2   1 
ATOM   1427 C CD1   . ILE B 1 84 ? -2.116  5.729   3.079   1.00 5.00  ? 84  ILE B CD1   1 
ATOM   1428 N N     . ILE B 1 85 ? -6.951  4.604   1.057   1.00 4.78  ? 85  ILE B N     1 
ATOM   1429 C CA    . ILE B 1 85 ? -7.932  3.870   1.842   1.00 4.67  ? 85  ILE B CA    1 
ATOM   1430 C C     . ILE B 1 85 ? -7.197  2.672   2.424   1.00 4.61  ? 85  ILE B C     1 
ATOM   1431 O O     . ILE B 1 85 ? -6.726  1.800   1.684   1.00 4.53  ? 85  ILE B O     1 
ATOM   1432 C CB    . ILE B 1 85 ? -9.125  3.374   0.983   1.00 4.67  ? 85  ILE B CB    1 
ATOM   1433 C CG1   . ILE B 1 85 ? -9.810  4.533   0.234   1.00 4.70  ? 85  ILE B CG1   1 
ATOM   1434 C CG2   . ILE B 1 85 ? -10.110 2.563   1.826   1.00 4.68  ? 85  ILE B CG2   1 
ATOM   1435 C CD1   . ILE B 1 85 ? -10.357 5.661   1.095   1.00 4.71  ? 85  ILE B CD1   1 
ATOM   1436 N N     . GLY B 1 86 ? -7.057  2.665   3.745   1.00 4.54  ? 86  GLY B N     1 
ATOM   1437 C CA    . GLY B 1 86 ? -6.327  1.609   4.431   1.00 4.56  ? 86  GLY B CA    1 
ATOM   1438 C C     . GLY B 1 86 ? -7.231  0.471   4.846   1.00 4.55  ? 86  GLY B C     1 
ATOM   1439 O O     . GLY B 1 86 ? -8.444  0.510   4.618   1.00 4.53  ? 86  GLY B O     1 
ATOM   1440 N N     . ARG B 1 87 ? -6.631  -0.537  5.475   1.00 4.56  ? 87  ARG B N     1 
ATOM   1441 C CA    . ARG B 1 87 ? -7.340  -1.759  5.852   1.00 4.60  ? 87  ARG B CA    1 
ATOM   1442 C C     . ARG B 1 87 ? -8.507  -1.520  6.805   1.00 4.66  ? 87  ARG B C     1 
ATOM   1443 O O     . ARG B 1 87 ? -9.481  -2.270  6.782   1.00 4.65  ? 87  ARG B O     1 
ATOM   1444 C CB    . ARG B 1 87 ? -6.369  -2.776  6.457   1.00 4.56  ? 87  ARG B CB    1 
ATOM   1445 C CG    . ARG B 1 87 ? -5.345  -3.324  5.469   1.00 4.51  ? 87  ARG B CG    1 
ATOM   1446 C CD    . ARG B 1 87 ? -4.518  -4.450  6.079   1.00 4.51  ? 87  ARG B CD    1 
ATOM   1447 N NE    . ARG B 1 87 ? -3.698  -3.979  7.197   1.00 4.47  ? 87  ARG B NE    1 
ATOM   1448 C CZ    . ARG B 1 87 ? -4.025  -4.095  8.483   1.00 4.54  ? 87  ARG B CZ    1 
ATOM   1449 N NH1   . ARG B 1 87 ? -5.160  -4.687  8.843   1.00 4.62  ? 87  ARG B NH1   1 
ATOM   1450 N NH2   . ARG B 1 87 ? -3.203  -3.625  9.417   1.00 4.52  ? 87  ARG B NH2   1 
ATOM   1451 N N     . ASN B 1 88 ? -8.409  -0.480  7.633   1.00 4.76  ? 88  ASN B N     1 
ATOM   1452 C CA    . ASN B 1 88 ? -9.485  -0.134  8.567   1.00 4.82  ? 88  ASN B CA    1 
ATOM   1453 C C     . ASN B 1 88 ? -10.831 0.060   7.858   1.00 4.95  ? 88  ASN B C     1 
ATOM   1454 O O     . ASN B 1 88 ? -11.884 -0.265  8.409   1.00 4.93  ? 88  ASN B O     1 
ATOM   1455 C CB    . ASN B 1 88 ? -9.117  1.096   9.412   1.00 4.79  ? 88  ASN B CB    1 
ATOM   1456 C CG    . ASN B 1 88 ? -9.229  2.403   8.641   1.00 4.75  ? 88  ASN B CG    1 
ATOM   1457 O OD1   . ASN B 1 88 ? -8.571  2.598   7.620   1.00 4.73  ? 88  ASN B OD1   1 
ATOM   1458 N ND2   . ASN B 1 88 ? -10.055 3.312   9.143   1.00 4.71  ? 88  ASN B ND2   1 
ATOM   1459 N N     . LEU B 1 89 ? -10.778 0.573   6.631   1.00 5.10  ? 89  LEU B N     1 
ATOM   1460 C CA    . LEU B 1 89 ? -11.974 0.764   5.821   1.00 5.29  ? 89  LEU B CA    1 
ATOM   1461 C C     . LEU B 1 89 ? -12.157 -0.316  4.758   1.00 5.40  ? 89  LEU B C     1 
ATOM   1462 O O     . LEU B 1 89 ? -13.291 -0.633  4.389   1.00 5.39  ? 89  LEU B O     1 
ATOM   1463 C CB    . LEU B 1 89 ? -11.986 2.157   5.180   1.00 5.36  ? 89  LEU B CB    1 
ATOM   1464 C CG    . LEU B 1 89 ? -12.096 3.359   6.128   1.00 5.42  ? 89  LEU B CG    1 
ATOM   1465 C CD1   . LEU B 1 89 ? -12.175 4.638   5.312   1.00 5.53  ? 89  LEU B CD1   1 
ATOM   1466 C CD2   . LEU B 1 89 ? -13.307 3.236   7.044   1.00 5.56  ? 89  LEU B CD2   1 
ATOM   1467 N N     . LEU B 1 90 ? -11.051 -0.877  4.265   1.00 5.50  ? 90  LEU B N     1 
ATOM   1468 C CA    . LEU B 1 90 ? -11.126 -1.943  3.262   1.00 5.67  ? 90  LEU B CA    1 
ATOM   1469 C C     . LEU B 1 90 ? -11.904 -3.153  3.773   1.00 5.83  ? 90  LEU B C     1 
ATOM   1470 O O     . LEU B 1 90 ? -12.672 -3.764  3.026   1.00 5.80  ? 90  LEU B O     1 
ATOM   1471 C CB    . LEU B 1 90 ? -9.730  -2.365  2.794   1.00 5.61  ? 90  LEU B CB    1 
ATOM   1472 C CG    . LEU B 1 90 ? -8.932  -1.350  1.967   1.00 5.55  ? 90  LEU B CG    1 
ATOM   1473 C CD1   . LEU B 1 90 ? -7.510  -1.841  1.769   1.00 5.57  ? 90  LEU B CD1   1 
ATOM   1474 C CD2   . LEU B 1 90 ? -9.597  -1.070  0.627   1.00 5.54  ? 90  LEU B CD2   1 
ATOM   1475 N N     . THR B 1 91 ? -11.715 -3.486  5.049   1.00 6.08  ? 91  THR B N     1 
ATOM   1476 C CA    . THR B 1 91 ? -12.438 -4.601  5.661   1.00 6.43  ? 91  THR B CA    1 
ATOM   1477 C C     . THR B 1 91 ? -13.936 -4.334  5.701   1.00 6.71  ? 91  THR B C     1 
ATOM   1478 O O     . THR B 1 91 ? -14.739 -5.258  5.551   1.00 6.86  ? 91  THR B O     1 
ATOM   1479 C CB    . THR B 1 91 ? -11.962 -4.873  7.098   1.00 6.46  ? 91  THR B CB    1 
ATOM   1480 O OG1   . THR B 1 91 ? -12.016 -3.660  7.854   1.00 6.49  ? 91  THR B OG1   1 
ATOM   1481 C CG2   . THR B 1 91 ? -10.541 -5.405  7.104   1.00 6.42  ? 91  THR B CG2   1 
ATOM   1482 N N     . GLN B 1 92 ? -14.296 -3.063  5.889   1.00 7.06  ? 92  GLN B N     1 
ATOM   1483 C CA    . GLN B 1 92 ? -15.689 -2.632  6.036   1.00 7.40  ? 92  GLN B CA    1 
ATOM   1484 C C     . GLN B 1 92 ? -16.496 -2.773  4.756   1.00 7.42  ? 92  GLN B C     1 
ATOM   1485 O O     . GLN B 1 92 ? -17.719 -2.930  4.804   1.00 7.58  ? 92  GLN B O     1 
ATOM   1486 C CB    . GLN B 1 92 ? -15.755 -1.181  6.531   1.00 7.64  ? 92  GLN B CB    1 
ATOM   1487 C CG    . GLN B 1 92 ? -15.067 -0.952  7.870   1.00 8.09  ? 92  GLN B CG    1 
ATOM   1488 C CD    . GLN B 1 92 ? -15.565 -1.894  8.947   1.00 8.40  ? 92  GLN B CD    1 
ATOM   1489 O OE1   . GLN B 1 92 ? -14.850 -2.810  9.378   1.00 8.90  ? 92  GLN B OE1   1 
ATOM   1490 N NE2   . GLN B 1 92 ? -16.801 -1.690  9.376   1.00 8.56  ? 92  GLN B NE2   1 
ATOM   1491 N N     . ILE B 1 93 ? -15.813 -2.712  3.616   1.00 7.36  ? 93  ILE B N     1 
ATOM   1492 C CA    . ILE B 1 93 ? -16.469 -2.898  2.322   1.00 7.31  ? 93  ILE B CA    1 
ATOM   1493 C C     . ILE B 1 93 ? -16.265 -4.324  1.798   1.00 7.18  ? 93  ILE B C     1 
ATOM   1494 O O     . ILE B 1 93 ? -16.653 -4.645  0.675   1.00 7.20  ? 93  ILE B O     1 
ATOM   1495 C CB    . ILE B 1 93 ? -16.041 -1.827  1.281   1.00 7.37  ? 93  ILE B CB    1 
ATOM   1496 C CG1   . ILE B 1 93 ? -14.587 -2.037  0.825   1.00 7.39  ? 93  ILE B CG1   1 
ATOM   1497 C CG2   . ILE B 1 93 ? -16.263 -0.427  1.844   1.00 7.52  ? 93  ILE B CG2   1 
ATOM   1498 C CD1   . ILE B 1 93 ? -14.154 -1.154  -0.330  1.00 7.42  ? 93  ILE B CD1   1 
ATOM   1499 N N     . GLY B 1 94 ? -15.670 -5.172  2.634   1.00 7.04  ? 94  GLY B N     1 
ATOM   1500 C CA    . GLY B 1 94 ? -15.477 -6.585  2.317   1.00 6.93  ? 94  GLY B CA    1 
ATOM   1501 C C     . GLY B 1 94 ? -14.419 -6.813  1.257   1.00 6.83  ? 94  GLY B C     1 
ATOM   1502 O O     . GLY B 1 94 ? -14.508 -7.767  0.486   1.00 6.82  ? 94  GLY B O     1 
ATOM   1503 N N     . CYS B 1 95 ? -13.419 -5.935  1.217   1.00 6.67  ? 95  CYS B N     1 
ATOM   1504 C CA    . CYS B 1 95 ? -12.356 -6.017  0.212   1.00 6.61  ? 95  CYS B CA    1 
ATOM   1505 C C     . CYS B 1 95 ? -11.313 -7.082  0.550   1.00 6.52  ? 95  CYS B C     1 
ATOM   1506 O O     . CYS B 1 95 ? -10.812 -7.142  1.670   1.00 6.49  ? 95  CYS B O     1 
ATOM   1507 C CB    . CYS B 1 95 ? -11.680 -4.651  0.023   1.00 6.62  ? 95  CYS B CB    1 
ATOM   1508 S SG    . CYS B 1 95 ? -10.448 -4.616  -1.298  1.00 6.66  ? 95  CYS B SG    1 
ATOM   1509 N N     . THR B 1 96 ? -10.985 -7.917  -0.434  1.00 6.47  ? 96  THR B N     1 
ATOM   1510 C CA    . THR B 1 96 ? -9.970  -8.956  -0.266  1.00 6.38  ? 96  THR B CA    1 
ATOM   1511 C C     . THR B 1 96 ? -8.905  -8.868  -1.357  1.00 6.34  ? 96  THR B C     1 
ATOM   1512 O O     . THR B 1 96 ? -9.139  -8.279  -2.414  1.00 6.22  ? 96  THR B O     1 
ATOM   1513 C CB    . THR B 1 96 ? -10.580 -10.374 -0.295  1.00 6.43  ? 96  THR B CB    1 
ATOM   1514 O OG1   . THR B 1 96 ? -11.293 -10.574 -1.526  1.00 6.46  ? 96  THR B OG1   1 
ATOM   1515 C CG2   . THR B 1 96 ? -11.515 -10.599 0.891   1.00 6.42  ? 96  THR B CG2   1 
ATOM   1516 N N     . LEU B 1 97 ? -7.734  -9.434  -1.070  1.00 6.30  ? 97  LEU B N     1 
ATOM   1517 C CA    . LEU B 1 97 ? -6.704  -9.681  -2.079  1.00 6.42  ? 97  LEU B CA    1 
ATOM   1518 C C     . LEU B 1 97 ? -6.838  -11.119 -2.549  1.00 6.55  ? 97  LEU B C     1 
ATOM   1519 O O     . LEU B 1 97 ? -6.950  -12.031 -1.728  1.00 6.54  ? 97  LEU B O     1 
ATOM   1520 C CB    . LEU B 1 97 ? -5.308  -9.478  -1.495  1.00 6.31  ? 97  LEU B CB    1 
ATOM   1521 C CG    . LEU B 1 97 ? -4.776  -8.060  -1.334  1.00 6.29  ? 97  LEU B CG    1 
ATOM   1522 C CD1   . LEU B 1 97 ? -3.470  -8.103  -0.555  1.00 6.24  ? 97  LEU B CD1   1 
ATOM   1523 C CD2   . LEU B 1 97 ? -4.572  -7.395  -2.687  1.00 6.25  ? 97  LEU B CD2   1 
ATOM   1524 N N     . ASN B 1 98 ? -6.826  -11.320 -3.865  1.00 6.67  ? 98  ASN B N     1 
ATOM   1525 C CA    . ASN B 1 98 ? -7.019  -12.652 -4.441  1.00 6.86  ? 98  ASN B CA    1 
ATOM   1526 C C     . ASN B 1 98 ? -6.011  -12.978 -5.535  1.00 6.90  ? 98  ASN B C     1 
ATOM   1527 O O     . ASN B 1 98 ? -5.783  -12.167 -6.428  1.00 6.91  ? 98  ASN B O     1 
ATOM   1528 C CB    . ASN B 1 98 ? -8.427  -12.784 -5.025  1.00 6.94  ? 98  ASN B CB    1 
ATOM   1529 C CG    . ASN B 1 98 ? -9.514  -12.573 -3.992  1.00 7.06  ? 98  ASN B CG    1 
ATOM   1530 O OD1   . ASN B 1 98 ? -9.709  -11.463 -3.502  1.00 7.18  ? 98  ASN B OD1   1 
ATOM   1531 N ND2   . ASN B 1 98 ? -10.238 -13.636 -3.672  1.00 7.20  ? 98  ASN B ND2   1 
ATOM   1532 N N     . PHE B 1 99 ? -5.433  -14.177 -5.468  1.00 7.00  ? 99  PHE B N     1 
ATOM   1533 C CA    . PHE B 1 99 ? -4.559  -14.693 -6.529  1.00 7.07  ? 99  PHE B CA    1 
ATOM   1534 C C     . PHE B 1 99 ? -4.434  -16.217 -6.447  1.00 7.14  ? 99  PHE B C     1 
ATOM   1535 O O     . PHE B 1 99 ? -3.808  -16.842 -7.307  1.00 7.20  ? 99  PHE B O     1 
ATOM   1536 C CB    . PHE B 1 99 ? -3.169  -14.028 -6.504  1.00 7.07  ? 99  PHE B CB    1 
ATOM   1537 C CG    . PHE B 1 99 ? -2.415  -14.226 -5.219  1.00 7.17  ? 99  PHE B CG    1 
ATOM   1538 C CD1   . PHE B 1 99 ? -2.587  -13.351 -4.152  1.00 7.14  ? 99  PHE B CD1   1 
ATOM   1539 C CD2   . PHE B 1 99 ? -1.519  -15.282 -5.079  1.00 7.20  ? 99  PHE B CD2   1 
ATOM   1540 C CE1   . PHE B 1 99 ? -1.896  -13.538 -2.964  1.00 7.17  ? 99  PHE B CE1   1 
ATOM   1541 C CE2   . PHE B 1 99 ? -0.818  -15.469 -3.895  1.00 7.29  ? 99  PHE B CE2   1 
ATOM   1542 C CZ    . PHE B 1 99 ? -1.010  -14.596 -2.836  1.00 7.25  ? 99  PHE B CZ    1 
HETATM 1543 C CA    . IVA C 2 1  ? 7.992   6.094   -7.825  1.00 14.99 ? 1   IVA N CA    1 
HETATM 1544 C CB    . IVA C 2 1  ? 6.995   7.088   -8.413  1.00 15.48 ? 1   IVA N CB    1 
HETATM 1545 C CG1   . IVA C 2 1  ? 7.353   8.524   -8.051  1.00 15.63 ? 1   IVA N CG1   1 
HETATM 1546 C CG2   . IVA C 2 1  ? 6.924   6.927   -9.926  1.00 15.65 ? 1   IVA N CG2   1 
HETATM 1547 C C     . IVA C 2 1  ? 7.652   5.787   -6.385  1.00 14.57 ? 1   IVA N C     1 
HETATM 1548 O O     . IVA C 2 1  ? 7.952   6.593   -5.468  1.00 13.72 ? 1   IVA N O     1 
ATOM   1549 N N     . VAL C 2 2  ? 5.586   5.507   -5.424  1.00 9.11  ? 2   VAL N N     1 
ATOM   1550 C CA    . VAL C 2 2  ? 5.509   5.635   -3.942  1.00 8.94  ? 2   VAL N CA    1 
ATOM   1551 C C     . VAL C 2 2  ? 5.219   4.280   -3.314  1.00 8.81  ? 2   VAL N C     1 
ATOM   1552 O O     . VAL C 2 2  ? 4.707   3.379   -3.989  1.00 8.67  ? 2   VAL N O     1 
ATOM   1553 C CB    . VAL C 2 2  ? 4.474   6.697   -3.504  1.00 8.99  ? 2   VAL N CB    1 
ATOM   1554 C CG1   . VAL C 2 2  ? 4.970   8.093   -3.859  1.00 9.17  ? 2   VAL N CG1   1 
ATOM   1555 C CG2   . VAL C 2 2  ? 3.112   6.427   -4.123  1.00 8.93  ? 2   VAL N CG2   1 
ATOM   1556 N N     . VAL C 2 3  ? 5.573   4.147   -2.037  1.00 8.69  ? 3   VAL N N     1 
ATOM   1557 C CA    . VAL C 2 3  ? 5.409   2.913   -1.268  1.00 8.64  ? 3   VAL N CA    1 
ATOM   1558 C C     . VAL C 2 3  ? 5.109   3.204   0.204   1.00 8.63  ? 3   VAL N C     1 
ATOM   1559 O O     . VAL C 2 3  ? 5.023   4.351   0.632   1.00 8.43  ? 3   VAL N O     1 
ATOM   1560 C CB    . VAL C 2 3  ? 6.671   2.032   -1.292  1.00 8.69  ? 3   VAL N CB    1 
ATOM   1561 C CG1   . VAL C 2 3  ? 6.503   0.870   -0.329  1.00 8.71  ? 3   VAL N CG1   1 
ATOM   1562 C CG2   . VAL C 2 3  ? 6.945   1.506   -2.688  1.00 8.69  ? 3   VAL N CG2   1 
HETATM 1563 N N     . STA C 2 4  ? 2.891   3.080   -0.059  1.00 6.09  ? 4   STA N N     1 
HETATM 1564 C CA    . STA C 2 4  ? 2.097   3.681   0.992   1.00 6.00  ? 4   STA N CA    1 
HETATM 1565 C CB    . STA C 2 4  ? 1.038   4.575   0.362   1.00 5.95  ? 4   STA N CB    1 
HETATM 1566 C CG    . STA C 2 4  ? 1.680   5.802   -0.289  1.00 5.96  ? 4   STA N CG    1 
HETATM 1567 C CD1   . STA C 2 4  ? 0.680   6.513   -1.195  1.00 5.99  ? 4   STA N CD1   1 
HETATM 1568 C CD2   . STA C 2 4  ? 2.256   6.759   0.746   1.00 5.95  ? 4   STA N CD2   1 
HETATM 1569 C CH    . STA C 2 4  ? 1.565   2.558   1.865   1.00 5.98  ? 4   STA N CH    1 
HETATM 1570 O OH    . STA C 2 4  ? 1.045   1.540   1.001   1.00 5.88  ? 4   STA N OH    1 
HETATM 1571 C CM    . STA C 2 4  ? 2.718   1.969   2.670   1.00 6.01  ? 4   STA N CM    1 
HETATM 1572 C C     . STA C 2 4  ? 2.905   2.671   4.003   1.00 6.04  ? 4   STA N C     1 
HETATM 1573 O O     . STA C 2 4  ? 3.032   3.916   4.127   1.00 6.03  ? 4   STA N O     1 
ATOM   1574 N N     . ALA C 2 5  ? 1.370   2.255   5.250   1.00 6.39  ? 5   ALA N N     1 
ATOM   1575 C CA    . ALA C 2 5  ? 1.079   3.125   6.420   1.00 6.48  ? 5   ALA N CA    1 
ATOM   1576 C C     . ALA C 2 5  ? 0.580   2.256   7.562   1.00 6.63  ? 5   ALA N C     1 
ATOM   1577 O O     . ALA C 2 5  ? 0.486   1.038   7.440   1.00 6.57  ? 5   ALA N O     1 
ATOM   1578 C CB    . ALA C 2 5  ? 0.041   4.159   6.059   1.00 6.51  ? 5   ALA N CB    1 
HETATM 1579 N N     . STA C 2 6  ? 2.423   2.347   8.728   1.00 8.19  ? 6   STA N N     1 
HETATM 1580 C CA    . STA C 2 6  ? 2.456   1.447   9.863   1.00 8.18  ? 6   STA N CA    1 
HETATM 1581 C CB    . STA C 2 6  ? 3.863   0.868   9.982   1.00 8.37  ? 6   STA N CB    1 
HETATM 1582 C CG    . STA C 2 6  ? 4.363   0.276   8.661   1.00 8.56  ? 6   STA N CG    1 
HETATM 1583 C CD1   . STA C 2 6  ? 5.887   0.209   8.648   1.00 8.64  ? 6   STA N CD1   1 
HETATM 1584 C CD2   . STA C 2 6  ? 3.770   -1.098  8.377   1.00 8.57  ? 6   STA N CD2   1 
HETATM 1585 C CH    . STA C 2 6  ? 2.006   2.205   11.107  1.00 8.14  ? 6   STA N CH    1 
HETATM 1586 O OH    . STA C 2 6  ? 2.692   3.456   11.191  1.00 8.07  ? 6   STA N OH    1 
HETATM 1587 C CM    . STA C 2 6  ? 0.502   2.464   11.077  1.00 8.09  ? 6   STA N CM    1 
HETATM 1588 C C     . STA C 2 6  ? -0.039  2.900   12.420  1.00 8.15  ? 6   STA N C     1 
HETATM 1589 O O     . STA C 2 6  ? -1.134  3.503   12.444  1.00 8.18  ? 6   STA N O     1 
HETATM 1590 O OXT   . STA C 2 6  ? 0.602   2.653   13.467  1.00 8.24  ? 6   STA N OXT   1 
HETATM 1591 C "C1'" . IOP D 3 .  ? 24.968  2.286   -2.171  1.00 12.08 ? 101 IOP A "C1'" 1 
HETATM 1592 O O1    . IOP D 3 .  ? 24.989  1.291   -1.475  1.00 12.38 ? 101 IOP A O1    1 
HETATM 1593 O O2    . IOP D 3 .  ? 26.105  2.969   -2.252  1.00 11.96 ? 101 IOP A O2    1 
HETATM 1594 C "C2'" . IOP D 3 .  ? 23.689  2.659   -2.891  1.00 12.03 ? 101 IOP A "C2'" 1 
HETATM 1595 C "C3'" . IOP D 3 .  ? 23.578  4.177   -3.080  1.00 11.91 ? 101 IOP A "C3'" 1 
HETATM 1596 N N1    . IOP D 3 .  ? 20.098  4.576   -4.338  1.00 11.74 ? 101 IOP A N1    1 
HETATM 1597 C C2    . IOP D 3 .  ? 21.093  3.812   -3.837  1.00 11.72 ? 101 IOP A C2    1 
HETATM 1598 C C3    . IOP D 3 .  ? 22.225  4.592   -3.624  1.00 11.85 ? 101 IOP A C3    1 
HETATM 1599 C C3A   . IOP D 3 .  ? 21.865  5.885   -4.020  1.00 11.82 ? 101 IOP A C3A   1 
HETATM 1600 C C4    . IOP D 3 .  ? 22.586  7.081   -4.021  1.00 11.82 ? 101 IOP A C4    1 
HETATM 1601 C C5    . IOP D 3 .  ? 21.918  8.210   -4.493  1.00 11.87 ? 101 IOP A C5    1 
HETATM 1602 C C6    . IOP D 3 .  ? 20.594  8.163   -4.927  1.00 11.92 ? 101 IOP A C6    1 
HETATM 1603 C C7    . IOP D 3 .  ? 19.870  6.972   -4.920  1.00 11.81 ? 101 IOP A C7    1 
HETATM 1604 C C7A   . IOP D 3 .  ? 20.542  5.841   -4.454  1.00 11.73 ? 101 IOP A C7A   1 
HETATM 1605 O O     . HOH E 4 .  ? 2.198   -17.686 1.265   1.00 11.09 ? 201 HOH A O     1 
HETATM 1606 O O     . HOH E 4 .  ? -1.506  -16.523 -8.770  1.00 9.10  ? 202 HOH A O     1 
HETATM 1607 O O     . HOH E 4 .  ? 10.142  -2.515  -7.971  1.00 7.96  ? 203 HOH A O     1 
HETATM 1608 O O     . HOH E 4 .  ? 6.251   -9.403  12.477  1.00 17.74 ? 204 HOH A O     1 
HETATM 1609 O O     . HOH E 4 .  ? -0.339  1.732   -6.094  1.00 5.08  ? 205 HOH A O     1 
HETATM 1610 O O     . HOH E 4 .  ? -4.202  -9.750  5.506   1.00 7.17  ? 206 HOH A O     1 
HETATM 1611 O O     . HOH E 4 .  ? -2.620  -9.289  -13.148 1.00 5.89  ? 207 HOH A O     1 
HETATM 1612 O O     . HOH E 4 .  ? 8.950   -5.035  -12.545 1.00 10.26 ? 208 HOH A O     1 
HETATM 1613 O O     . HOH E 4 .  ? 6.732   -12.468 -14.323 1.00 8.76  ? 209 HOH A O     1 
HETATM 1614 O O     . HOH E 4 .  ? 1.309   3.676   -5.056  1.00 6.41  ? 210 HOH A O     1 
HETATM 1615 O O     . HOH E 4 .  ? -7.388  -10.935 7.820   1.00 8.62  ? 211 HOH A O     1 
HETATM 1616 O O     . HOH E 4 .  ? 12.769  -5.832  -14.300 1.00 11.05 ? 212 HOH A O     1 
HETATM 1617 O O     . HOH E 4 .  ? 15.927  -14.924 -6.870  1.00 10.16 ? 213 HOH A O     1 
HETATM 1618 O O     . HOH E 4 .  ? 6.638   -9.730  9.730   1.00 14.45 ? 214 HOH A O     1 
HETATM 1619 O O     . HOH E 4 .  ? 9.467   -15.210 8.023   1.00 12.15 ? 215 HOH A O     1 
HETATM 1620 O O     . HOH E 4 .  ? -3.145  -12.189 6.233   1.00 10.49 ? 216 HOH A O     1 
HETATM 1621 O O     . HOH E 4 .  ? 17.570  6.492   2.163   1.00 11.50 ? 217 HOH A O     1 
HETATM 1622 O O     . HOH E 4 .  ? 14.894  7.904   -8.453  1.00 18.16 ? 218 HOH A O     1 
HETATM 1623 O O     . HOH E 4 .  ? 2.738   -16.059 -11.508 1.00 11.62 ? 219 HOH A O     1 
HETATM 1624 O O     . HOH E 4 .  ? -8.716  -14.496 -8.031  1.00 11.33 ? 220 HOH A O     1 
HETATM 1625 O O     . HOH E 4 .  ? 11.504  -11.714 5.894   1.00 13.44 ? 221 HOH A O     1 
HETATM 1626 O O     . HOH E 4 .  ? -7.091  -12.389 -9.094  1.00 7.57  ? 222 HOH A O     1 
HETATM 1627 O O     . HOH E 4 .  ? 2.392   -2.670  -12.647 1.00 18.91 ? 223 HOH A O     1 
HETATM 1628 O O     . HOH E 4 .  ? 16.781  -13.772 -9.858  1.00 20.08 ? 224 HOH A O     1 
HETATM 1629 O O     . HOH E 4 .  ? -7.006  -14.384 4.984   1.00 17.22 ? 225 HOH A O     1 
HETATM 1630 O O     . HOH E 4 .  ? 4.251   -19.944 -10.924 1.00 18.13 ? 226 HOH A O     1 
HETATM 1631 O O     . HOH E 4 .  ? -5.146  -6.153  13.081  1.00 11.04 ? 227 HOH A O     1 
HETATM 1632 O O     . HOH E 4 .  ? 16.372  5.871   4.693   1.00 17.52 ? 228 HOH A O     1 
HETATM 1633 O O     . HOH E 4 .  ? 26.308  -5.481  -8.854  1.00 14.87 ? 229 HOH A O     1 
HETATM 1634 O O     . HOH E 4 .  ? 9.170   -7.943  6.110   1.00 12.44 ? 230 HOH A O     1 
HETATM 1635 O O     . HOH E 4 .  ? -5.640  -12.879 6.941   1.00 14.46 ? 231 HOH A O     1 
HETATM 1636 O O     . HOH E 4 .  ? 24.830  -6.049  -5.731  1.00 12.94 ? 232 HOH A O     1 
HETATM 1637 O O     . HOH E 4 .  ? 18.294  8.873   -7.130  1.00 18.27 ? 233 HOH A O     1 
HETATM 1638 O O     . HOH E 4 .  ? 27.886  -2.992  -6.125  1.00 20.98 ? 234 HOH A O     1 
HETATM 1639 O O     . HOH E 4 .  ? 15.366  -20.186 3.125   1.00 28.73 ? 235 HOH A O     1 
HETATM 1640 O O     . HOH E 4 .  ? 4.786   -14.313 -13.784 1.00 10.71 ? 236 HOH A O     1 
HETATM 1641 O O     . HOH E 4 .  ? 6.910   -5.988  -13.850 1.00 14.56 ? 237 HOH A O     1 
HETATM 1642 O O     . HOH E 4 .  ? 1.847   -18.555 -10.913 1.00 18.49 ? 238 HOH A O     1 
HETATM 1643 O O     . HOH E 4 .  ? 7.140   -18.842 -2.277  1.00 20.57 ? 239 HOH A O     1 
HETATM 1644 O O     . HOH E 4 .  ? -7.870  -18.547 0.823   1.00 26.66 ? 240 HOH A O     1 
HETATM 1645 O O     . HOH E 4 .  ? 11.293  -17.847 7.710   1.00 30.60 ? 241 HOH A O     1 
HETATM 1646 O O     . HOH E 4 .  ? 13.953  -9.476  5.311   1.00 19.67 ? 242 HOH A O     1 
HETATM 1647 O O     . HOH E 4 .  ? 5.389   -19.956 -13.779 1.00 22.89 ? 243 HOH A O     1 
HETATM 1648 O O     . HOH E 4 .  ? -19.807 -5.320  -4.960  1.00 18.12 ? 244 HOH A O     1 
HETATM 1649 O O     . HOH E 4 .  ? 22.662  -6.517  -15.339 1.00 31.30 ? 245 HOH A O     1 
HETATM 1650 O O     . HOH E 4 .  ? -10.813 -13.511 7.769   1.00 24.12 ? 246 HOH A O     1 
HETATM 1651 O O     . HOH E 4 .  ? 9.250   -9.847  -16.586 1.00 16.43 ? 247 HOH A O     1 
HETATM 1652 O O     . HOH E 4 .  ? -1.869  -15.333 7.166   1.00 23.92 ? 248 HOH A O     1 
HETATM 1653 O O     . HOH E 4 .  ? 11.088  -23.404 -7.447  1.00 20.69 ? 249 HOH A O     1 
HETATM 1654 O O     . HOH E 4 .  ? 12.905  12.501  2.275   1.00 22.49 ? 250 HOH A O     1 
HETATM 1655 O O     . HOH E 4 .  ? 11.721  -13.408 8.354   1.00 19.37 ? 251 HOH A O     1 
HETATM 1656 O O     . HOH F 4 .  ? -13.882 5.445   13.858  1.00 13.23 ? 201 HOH B O     1 
HETATM 1657 O O     . HOH F 4 .  ? -15.061 3.906   -7.934  1.00 20.80 ? 202 HOH B O     1 
HETATM 1658 O O     . HOH F 4 .  ? -19.932 -3.069  1.312   1.00 20.23 ? 203 HOH B O     1 
HETATM 1659 O O     . HOH F 4 .  ? -11.131 12.547  16.706  1.00 16.03 ? 204 HOH B O     1 
HETATM 1660 O O     . HOH F 4 .  ? -1.331  -3.606  5.803   1.00 4.15  ? 205 HOH B O     1 
HETATM 1661 O O     . HOH F 4 .  ? -5.041  4.598   -11.853 1.00 6.15  ? 206 HOH B O     1 
HETATM 1662 O O     . HOH F 4 .  ? -7.577  5.523   9.531   1.00 7.17  ? 207 HOH B O     1 
HETATM 1663 O O     . HOH F 4 .  ? 0.598   -1.966  6.876   1.00 5.45  ? 208 HOH B O     1 
HETATM 1664 O O     . HOH F 4 .  ? -5.764  -0.664  -10.324 1.00 7.41  ? 209 HOH B O     1 
HETATM 1665 O O     . HOH F 4 .  ? -5.347  -2.482  -13.842 1.00 8.62  ? 210 HOH B O     1 
HETATM 1666 O O     . HOH F 4 .  ? -11.694 2.792   11.515  1.00 8.34  ? 211 HOH B O     1 
HETATM 1667 O O     . HOH F 4 .  ? -3.261  -7.274  -11.186 1.00 6.51  ? 212 HOH B O     1 
HETATM 1668 O O     . HOH F 4 .  ? 2.455   16.350  9.575   1.00 8.58  ? 213 HOH B O     1 
HETATM 1669 O O     . HOH F 4 .  ? -1.305  18.514  12.080  1.00 20.21 ? 214 HOH B O     1 
HETATM 1670 O O     . HOH F 4 .  ? -11.031 -8.091  4.249   1.00 8.09  ? 215 HOH B O     1 
HETATM 1671 O O     . HOH F 4 .  ? -9.474  -3.411  -12.998 1.00 10.18 ? 216 HOH B O     1 
HETATM 1672 O O     . HOH F 4 .  ? -8.807  7.910   -11.053 1.00 7.69  ? 217 HOH B O     1 
HETATM 1673 O O     . HOH F 4 .  ? -11.376 13.086  -8.516  1.00 9.31  ? 218 HOH B O     1 
HETATM 1674 O O     . HOH F 4 .  ? -7.846  5.381   -11.708 1.00 9.70  ? 219 HOH B O     1 
HETATM 1675 O O     . HOH F 4 .  ? -18.956 11.851  8.293   1.00 21.82 ? 220 HOH B O     1 
HETATM 1676 O O     . HOH F 4 .  ? -5.815  -3.839  11.407  1.00 13.02 ? 221 HOH B O     1 
HETATM 1677 O O     . HOH F 4 .  ? -0.155  7.918   17.891  1.00 17.28 ? 222 HOH B O     1 
HETATM 1678 O O     . HOH F 4 .  ? -7.709  19.173  9.213   1.00 17.89 ? 223 HOH B O     1 
HETATM 1679 O O     . HOH F 4 .  ? -7.965  0.652   -11.328 1.00 12.27 ? 224 HOH B O     1 
HETATM 1680 O O     . HOH F 4 .  ? -5.163  -1.223  -16.320 1.00 11.74 ? 225 HOH B O     1 
HETATM 1681 O O     . HOH F 4 .  ? 0.658   13.981  16.158  1.00 23.86 ? 226 HOH B O     1 
HETATM 1682 O O     . HOH F 4 .  ? -5.769  11.067  -8.832  1.00 11.00 ? 227 HOH B O     1 
HETATM 1683 O O     . HOH F 4 .  ? -4.393  11.641  -3.858  1.00 8.63  ? 228 HOH B O     1 
HETATM 1684 O O     . HOH F 4 .  ? -5.753  6.898   22.877  1.00 19.32 ? 229 HOH B O     1 
HETATM 1685 O O     . HOH F 4 .  ? -20.448 11.382  4.227   1.00 17.43 ? 230 HOH B O     1 
HETATM 1686 O O     . HOH F 4 .  ? 13.947  9.077   8.480   1.00 12.68 ? 231 HOH B O     1 
HETATM 1687 O O     . HOH F 4 .  ? 7.530   14.143  9.772   1.00 13.12 ? 232 HOH B O     1 
HETATM 1688 O O     . HOH F 4 .  ? -9.167  13.390  -4.623  1.00 14.20 ? 233 HOH B O     1 
HETATM 1689 O O     . HOH F 4 .  ? -10.806 -3.042  10.016  1.00 13.69 ? 234 HOH B O     1 
HETATM 1690 O O     . HOH F 4 .  ? -1.921  -0.050  13.461  1.00 13.24 ? 235 HOH B O     1 
HETATM 1691 O O     . HOH F 4 .  ? -14.096 -10.011 -1.478  1.00 8.21  ? 236 HOH B O     1 
HETATM 1692 O O     . HOH F 4 .  ? 4.772   15.312  10.857  1.00 11.98 ? 237 HOH B O     1 
HETATM 1693 O O     . HOH F 4 .  ? -6.998  3.843   11.638  1.00 13.82 ? 238 HOH B O     1 
HETATM 1694 O O     . HOH F 4 .  ? -9.892  21.698  4.676   1.00 18.35 ? 239 HOH B O     1 
HETATM 1695 O O     . HOH F 4 .  ? -19.728 11.328  10.879  1.00 18.34 ? 240 HOH B O     1 
HETATM 1696 O O     . HOH F 4 .  ? -6.840  -5.187  -16.488 1.00 13.33 ? 241 HOH B O     1 
HETATM 1697 O O     . HOH F 4 .  ? 4.369   3.580   13.376  1.00 25.76 ? 242 HOH B O     1 
HETATM 1698 O O     . HOH F 4 .  ? -21.361 6.078   5.049   1.00 27.19 ? 243 HOH B O     1 
HETATM 1699 O O     . HOH F 4 .  ? -13.113 -1.311  -12.026 1.00 34.02 ? 244 HOH B O     1 
HETATM 1700 O O     . HOH F 4 .  ? -0.997  16.670  14.460  1.00 28.61 ? 245 HOH B O     1 
HETATM 1701 O O     . HOH F 4 .  ? -11.756 1.107   -10.905 1.00 30.92 ? 246 HOH B O     1 
HETATM 1702 O O     . HOH F 4 .  ? 9.324   15.985  10.951  1.00 17.31 ? 247 HOH B O     1 
HETATM 1703 O O     . HOH F 4 .  ? -18.230 -6.234  5.489   1.00 34.01 ? 248 HOH B O     1 
HETATM 1704 O O     . HOH F 4 .  ? -14.582 -5.464  -12.053 1.00 13.50 ? 249 HOH B O     1 
HETATM 1705 O O     . HOH F 4 .  ? -6.312  -1.171  10.702  1.00 16.83 ? 250 HOH B O     1 
HETATM 1706 O O     . HOH F 4 .  ? -19.294 -5.562  2.732   1.00 28.78 ? 251 HOH B O     1 
HETATM 1707 O O     . HOH F 4 .  ? -13.874 -7.972  5.074   1.00 12.29 ? 252 HOH B O     1 
HETATM 1708 O O     . HOH F 4 .  ? -19.044 18.804  4.274   1.00 25.44 ? 253 HOH B O     1 
HETATM 1709 O O     . HOH F 4 .  ? -7.908  -1.157  -13.337 1.00 13.38 ? 254 HOH B O     1 
HETATM 1710 O O     . HOH F 4 .  ? 1.981   10.376  -7.427  1.00 19.93 ? 255 HOH B O     1 
HETATM 1711 O O     . HOH G 4 .  ? 5.459   4.628   3.273   1.00 8.07  ? 101 HOH N O     1 
# 
